data_7H3M
# 
_entry.id   7H3M 
# 
_audit_conform.dict_name       mmcif_pdbx.dic 
_audit_conform.dict_version    5.397 
_audit_conform.dict_location   http://mmcif.pdb.org/dictionaries/ascii/mmcif_pdbx.dic 
# 
loop_
_database_2.database_id 
_database_2.database_code 
_database_2.pdbx_database_accession 
_database_2.pdbx_DOI 
PDB   7H3M         pdb_00007h3m 10.2210/pdb7h3m/pdb 
WWPDB D_1001406981 ?            ?                   
# 
loop_
_pdbx_audit_revision_history.ordinal 
_pdbx_audit_revision_history.data_content_type 
_pdbx_audit_revision_history.major_revision 
_pdbx_audit_revision_history.minor_revision 
_pdbx_audit_revision_history.revision_date 
1 'Structure model' 1 0 2024-04-24 
2 'Structure model' 1 1 2024-10-16 
# 
_pdbx_audit_revision_details.ordinal             1 
_pdbx_audit_revision_details.revision_ordinal    1 
_pdbx_audit_revision_details.data_content_type   'Structure model' 
_pdbx_audit_revision_details.provider            repository 
_pdbx_audit_revision_details.type                'Initial release' 
_pdbx_audit_revision_details.description         ? 
_pdbx_audit_revision_details.details             ? 
# 
loop_
_pdbx_audit_revision_group.ordinal 
_pdbx_audit_revision_group.revision_ordinal 
_pdbx_audit_revision_group.data_content_type 
_pdbx_audit_revision_group.group 
1 2 'Structure model' 'Database references' 
2 2 'Structure model' 'Structure summary'   
# 
loop_
_pdbx_audit_revision_category.ordinal 
_pdbx_audit_revision_category.revision_ordinal 
_pdbx_audit_revision_category.data_content_type 
_pdbx_audit_revision_category.category 
1 2 'Structure model' citation           
2 2 'Structure model' citation_author    
3 2 'Structure model' pdbx_entry_details 
# 
loop_
_pdbx_audit_revision_item.ordinal 
_pdbx_audit_revision_item.revision_ordinal 
_pdbx_audit_revision_item.data_content_type 
_pdbx_audit_revision_item.item 
1 2 'Structure model' '_citation.country'                 
2 2 'Structure model' '_citation.journal_abbrev'          
3 2 'Structure model' '_citation.journal_id_CSD'          
4 2 'Structure model' '_citation.journal_id_ISSN'         
5 2 'Structure model' '_citation.pdbx_database_id_DOI'    
6 2 'Structure model' '_citation.pdbx_database_id_PubMed' 
7 2 'Structure model' '_citation.title'                   
8 2 'Structure model' '_citation.year'                    
# 
_pdbx_database_status.entry_id                        7H3M 
_pdbx_database_status.status_code                     REL 
_pdbx_database_status.status_code_sf                  REL 
_pdbx_database_status.status_code_mr                  ? 
_pdbx_database_status.status_code_cs                  ? 
_pdbx_database_status.recvd_initial_deposition_date   2024-04-04 
_pdbx_database_status.status_code_nmr_data            ? 
_pdbx_database_status.deposit_site                    RCSB 
_pdbx_database_status.process_site                    RCSB 
_pdbx_database_status.SG_entry                        ? 
_pdbx_database_status.pdb_format_compatible           Y 
_pdbx_database_status.methods_development_category    ? 
# 
_pdbx_contact_author.id                 1 
_pdbx_contact_author.email              frank.von-delft@diamond.ac.uk 
_pdbx_contact_author.name_first         Frank 
_pdbx_contact_author.name_last          'von Delft' 
_pdbx_contact_author.role               'principal investigator/group leader' 
_pdbx_contact_author.identifier_ORCID   0000-0003-0378-0017 
_pdbx_contact_author.name_mi            ? 
# 
loop_
_audit_author.name 
_audit_author.pdbx_ordinal 
'Lithgo, R.M.'        1  
'Fairhead, M.'        2  
'Koekemoer, L.'       3  
'Balcomb, B.H.'       4  
'Capkin, E.'          5  
'Chandran, A.V.'      6  
'Golding, M.'         7  
'Godoy, A.S.'         8  
'Aschenbrenner, J.C.' 9  
'Marples, P.G.'       10 
'Ni, X.'              11 
'Thompson, W.'        12 
'Tomlinson, C.W.E.'   13 
'Wild, C.'            14 
'Winokan, M.'         15 
'Xavier, M.-A.E.'     16 
'Fearon, D.'          17 
'von Delft, F.'       18 
# 
_citation.id                        primary 
_citation.title                     
;Crystallographic Fragment Screen of Coxsackievirus A16 2A Protease identifies new opportunities for the development of broad-spectrum anti-enterovirals.
;
_citation.journal_abbrev            Biorxiv 
_citation.journal_volume            ? 
_citation.page_first                ? 
_citation.page_last                 ? 
_citation.year                      2024 
_citation.journal_id_ASTM           ? 
_citation.country                   US 
_citation.journal_id_ISSN           2692-8205 
_citation.journal_id_CSD            ? 
_citation.book_publisher            ? 
_citation.pdbx_database_id_PubMed   38746446 
_citation.pdbx_database_id_DOI      10.1101/2024.04.29.591684 
# 
loop_
_citation_author.citation_id 
_citation_author.name 
_citation_author.identifier_ORCID 
_citation_author.ordinal 
primary 'Lithgo, R.M.'        0000-0002-4706-9916 1  
primary 'Tomlinson, C.W.E.'   0000-0002-1845-6028 2  
primary 'Fairhead, M.'        0000-0001-5361-3933 3  
primary 'Winokan, M.'         ?                   4  
primary 'Thompson, W.'        0000-0003-1474-7810 5  
primary 'Wild, C.'            0000-0003-0654-8141 6  
primary 'Aschenbrenner, J.C.' 0000-0002-4318-0481 7  
primary 'Balcomb, B.H.'       0000-0001-7599-8467 8  
primary 'Marples, P.G.'       0000-0002-8787-7969 9  
primary 'Chandran, A.V.'      0000-0001-9942-2614 10 
primary 'Golding, M.'         0009-0004-7472-8333 11 
primary 'Koekemoer, L.'       0000-0001-9226-9127 12 
primary 'Williams, E.P.'      0000-0002-1331-9518 13 
primary 'Wang, S.'            ?                   14 
primary 'Ni, X.'              0000-0002-7769-8297 15 
primary 'MacLean, E.'         0000-0003-1680-4292 16 
primary 'Giroud, C.'          0000-0002-1629-1581 17 
primary 'Godoy, A.S.'         0000-0002-0613-9164 18 
primary 'Xavier, M.A.'        0000-0002-1709-9479 19 
primary 'Walsh, M.'           0000-0001-5683-1151 20 
primary 'Fearon, D.'          0000-0003-3529-7863 21 
primary 'von Delft, F.'       0000-0003-0378-0017 22 
# 
loop_
_entity.id 
_entity.type 
_entity.src_method 
_entity.pdbx_description 
_entity.formula_weight 
_entity.pdbx_number_of_molecules 
_entity.pdbx_ec 
_entity.pdbx_mutation 
_entity.pdbx_fragment 
_entity.details 
1 polymer     man 'Protease 2A'                     16493.311 1   3.4.22.29 ? ? ? 
2 non-polymer man '4-(1,2,4-oxadiazol-5-yl)aniline' 161.161   1   ?         ? ? ? 
3 non-polymer syn 'ZINC ION'                        65.409    1   ?         ? ? ? 
4 non-polymer syn 'DIMETHYL SULFOXIDE'              78.133    6   ?         ? ? ? 
5 water       nat water                             18.015    124 ?         ? ? ? 
# 
_entity_name_com.entity_id   1 
_entity_name_com.name        'P2A,Picornain 2A,Protein 2A' 
# 
_entity_poly.entity_id                      1 
_entity_poly.type                           'polypeptide(L)' 
_entity_poly.nstd_linkage                   no 
_entity_poly.nstd_monomer                   no 
_entity_poly.pdbx_seq_one_letter_code       
;QEQTGGSGAIYVGNYRVVNRHLATHNDWANLVWEDSSRDLLVSSTTAQGCDTIARCDCQTGVYYCSSRRKHYPVSFSKPS
LIFVEASEYYPARYQSHLMLAVGHSEPGDCGGILRCQHGVVGIVSTGGNGLVGFADVRDLLWLDEEAMEQ
;
_entity_poly.pdbx_seq_one_letter_code_can   
;QEQTGGSGAIYVGNYRVVNRHLATHNDWANLVWEDSSRDLLVSSTTAQGCDTIARCDCQTGVYYCSSRRKHYPVSFSKPS
LIFVEASEYYPARYQSHLMLAVGHSEPGDCGGILRCQHGVVGIVSTGGNGLVGFADVRDLLWLDEEAMEQ
;
_entity_poly.pdbx_strand_id                 A 
_entity_poly.pdbx_target_identifier         ? 
# 
loop_
_pdbx_entity_nonpoly.entity_id 
_pdbx_entity_nonpoly.name 
_pdbx_entity_nonpoly.comp_id 
2 '4-(1,2,4-oxadiazol-5-yl)aniline' TJL 
3 'ZINC ION'                        ZN  
4 'DIMETHYL SULFOXIDE'              DMS 
5 water                             HOH 
# 
loop_
_entity_poly_seq.entity_id 
_entity_poly_seq.num 
_entity_poly_seq.mon_id 
_entity_poly_seq.hetero 
1 1   GLN n 
1 2   GLU n 
1 3   GLN n 
1 4   THR n 
1 5   GLY n 
1 6   GLY n 
1 7   SER n 
1 8   GLY n 
1 9   ALA n 
1 10  ILE n 
1 11  TYR n 
1 12  VAL n 
1 13  GLY n 
1 14  ASN n 
1 15  TYR n 
1 16  ARG n 
1 17  VAL n 
1 18  VAL n 
1 19  ASN n 
1 20  ARG n 
1 21  HIS n 
1 22  LEU n 
1 23  ALA n 
1 24  THR n 
1 25  HIS n 
1 26  ASN n 
1 27  ASP n 
1 28  TRP n 
1 29  ALA n 
1 30  ASN n 
1 31  LEU n 
1 32  VAL n 
1 33  TRP n 
1 34  GLU n 
1 35  ASP n 
1 36  SER n 
1 37  SER n 
1 38  ARG n 
1 39  ASP n 
1 40  LEU n 
1 41  LEU n 
1 42  VAL n 
1 43  SER n 
1 44  SER n 
1 45  THR n 
1 46  THR n 
1 47  ALA n 
1 48  GLN n 
1 49  GLY n 
1 50  CYS n 
1 51  ASP n 
1 52  THR n 
1 53  ILE n 
1 54  ALA n 
1 55  ARG n 
1 56  CYS n 
1 57  ASP n 
1 58  CYS n 
1 59  GLN n 
1 60  THR n 
1 61  GLY n 
1 62  VAL n 
1 63  TYR n 
1 64  TYR n 
1 65  CYS n 
1 66  SER n 
1 67  SER n 
1 68  ARG n 
1 69  ARG n 
1 70  LYS n 
1 71  HIS n 
1 72  TYR n 
1 73  PRO n 
1 74  VAL n 
1 75  SER n 
1 76  PHE n 
1 77  SER n 
1 78  LYS n 
1 79  PRO n 
1 80  SER n 
1 81  LEU n 
1 82  ILE n 
1 83  PHE n 
1 84  VAL n 
1 85  GLU n 
1 86  ALA n 
1 87  SER n 
1 88  GLU n 
1 89  TYR n 
1 90  TYR n 
1 91  PRO n 
1 92  ALA n 
1 93  ARG n 
1 94  TYR n 
1 95  GLN n 
1 96  SER n 
1 97  HIS n 
1 98  LEU n 
1 99  MET n 
1 100 LEU n 
1 101 ALA n 
1 102 VAL n 
1 103 GLY n 
1 104 HIS n 
1 105 SER n 
1 106 GLU n 
1 107 PRO n 
1 108 GLY n 
1 109 ASP n 
1 110 CYS n 
1 111 GLY n 
1 112 GLY n 
1 113 ILE n 
1 114 LEU n 
1 115 ARG n 
1 116 CYS n 
1 117 GLN n 
1 118 HIS n 
1 119 GLY n 
1 120 VAL n 
1 121 VAL n 
1 122 GLY n 
1 123 ILE n 
1 124 VAL n 
1 125 SER n 
1 126 THR n 
1 127 GLY n 
1 128 GLY n 
1 129 ASN n 
1 130 GLY n 
1 131 LEU n 
1 132 VAL n 
1 133 GLY n 
1 134 PHE n 
1 135 ALA n 
1 136 ASP n 
1 137 VAL n 
1 138 ARG n 
1 139 ASP n 
1 140 LEU n 
1 141 LEU n 
1 142 TRP n 
1 143 LEU n 
1 144 ASP n 
1 145 GLU n 
1 146 GLU n 
1 147 ALA n 
1 148 MET n 
1 149 GLU n 
1 150 GLN n 
# 
loop_
_entity_src_gen.entity_id 
_entity_src_gen.pdbx_src_id 
_entity_src_gen.pdbx_alt_source_flag 
_entity_src_gen.pdbx_seq_type 
_entity_src_gen.pdbx_beg_seq_num 
_entity_src_gen.pdbx_end_seq_num 
_entity_src_gen.gene_src_common_name 
_entity_src_gen.gene_src_genus 
_entity_src_gen.pdbx_gene_src_gene 
_entity_src_gen.gene_src_species 
_entity_src_gen.gene_src_strain 
_entity_src_gen.gene_src_tissue 
_entity_src_gen.gene_src_tissue_fraction 
_entity_src_gen.gene_src_details 
_entity_src_gen.pdbx_gene_src_fragment 
_entity_src_gen.pdbx_gene_src_scientific_name 
_entity_src_gen.pdbx_gene_src_ncbi_taxonomy_id 
_entity_src_gen.pdbx_gene_src_variant 
_entity_src_gen.pdbx_gene_src_cell_line 
_entity_src_gen.pdbx_gene_src_atcc 
_entity_src_gen.pdbx_gene_src_organ 
_entity_src_gen.pdbx_gene_src_organelle 
_entity_src_gen.pdbx_gene_src_cell 
_entity_src_gen.pdbx_gene_src_cellular_location 
_entity_src_gen.host_org_common_name 
_entity_src_gen.pdbx_host_org_scientific_name 
_entity_src_gen.pdbx_host_org_ncbi_taxonomy_id 
_entity_src_gen.host_org_genus 
_entity_src_gen.pdbx_host_org_gene 
_entity_src_gen.pdbx_host_org_organ 
_entity_src_gen.host_org_species 
_entity_src_gen.pdbx_host_org_tissue 
_entity_src_gen.pdbx_host_org_tissue_fraction 
_entity_src_gen.pdbx_host_org_strain 
_entity_src_gen.pdbx_host_org_variant 
_entity_src_gen.pdbx_host_org_cell_line 
_entity_src_gen.pdbx_host_org_atcc 
_entity_src_gen.pdbx_host_org_culture_collection 
_entity_src_gen.pdbx_host_org_cell 
_entity_src_gen.pdbx_host_org_organelle 
_entity_src_gen.pdbx_host_org_cellular_location 
_entity_src_gen.pdbx_host_org_vector_type 
_entity_src_gen.pdbx_host_org_vector 
_entity_src_gen.host_org_details 
_entity_src_gen.expression_system_id 
_entity_src_gen.plasmid_name 
_entity_src_gen.plasmid_details 
_entity_src_gen.pdbx_description 
1 1 sample 'Biological sequence' 1 150 ? ? ? ? ? ? ? ? ? 'Coxsackievirus A16' 31704 ? ? ? ? ? ? ? ? 'Escherichia coli' 562 ? ? ? ? 
? ? ? ? ? ? ? ? ? ? ? ? ? ? ? ? ? 
2 1 sample ?                     ? ?   ? ? ? ? ? ? ? ? ? 'Coxsackievirus A16' 31704 ? ? ? ? ? ? ? ? 'Escherichia coli' 562 ? ? ? ? 
? ? ? ? ? ? ? ? ? ? ? ? ? ? ? ? ? 
# 
loop_
_chem_comp.id 
_chem_comp.type 
_chem_comp.mon_nstd_flag 
_chem_comp.name 
_chem_comp.pdbx_synonyms 
_chem_comp.formula 
_chem_comp.formula_weight 
ALA 'L-peptide linking' y ALANINE                           ? 'C3 H7 N O2'     89.093  
ARG 'L-peptide linking' y ARGININE                          ? 'C6 H15 N4 O2 1' 175.209 
ASN 'L-peptide linking' y ASPARAGINE                        ? 'C4 H8 N2 O3'    132.118 
ASP 'L-peptide linking' y 'ASPARTIC ACID'                   ? 'C4 H7 N O4'     133.103 
CYS 'L-peptide linking' y CYSTEINE                          ? 'C3 H7 N O2 S'   121.158 
DMS non-polymer         . 'DIMETHYL SULFOXIDE'              ? 'C2 H6 O S'      78.133  
GLN 'L-peptide linking' y GLUTAMINE                         ? 'C5 H10 N2 O3'   146.144 
GLU 'L-peptide linking' y 'GLUTAMIC ACID'                   ? 'C5 H9 N O4'     147.129 
GLY 'peptide linking'   y GLYCINE                           ? 'C2 H5 N O2'     75.067  
HIS 'L-peptide linking' y HISTIDINE                         ? 'C6 H10 N3 O2 1' 156.162 
HOH non-polymer         . WATER                             ? 'H2 O'           18.015  
ILE 'L-peptide linking' y ISOLEUCINE                        ? 'C6 H13 N O2'    131.173 
LEU 'L-peptide linking' y LEUCINE                           ? 'C6 H13 N O2'    131.173 
LYS 'L-peptide linking' y LYSINE                            ? 'C6 H15 N2 O2 1' 147.195 
MET 'L-peptide linking' y METHIONINE                        ? 'C5 H11 N O2 S'  149.211 
PHE 'L-peptide linking' y PHENYLALANINE                     ? 'C9 H11 N O2'    165.189 
PRO 'L-peptide linking' y PROLINE                           ? 'C5 H9 N O2'     115.130 
SER 'L-peptide linking' y SERINE                            ? 'C3 H7 N O3'     105.093 
THR 'L-peptide linking' y THREONINE                         ? 'C4 H9 N O3'     119.119 
TJL non-polymer         . '4-(1,2,4-oxadiazol-5-yl)aniline' ? 'C8 H7 N3 O'     161.161 
TRP 'L-peptide linking' y TRYPTOPHAN                        ? 'C11 H12 N2 O2'  204.225 
TYR 'L-peptide linking' y TYROSINE                          ? 'C9 H11 N O3'    181.189 
VAL 'L-peptide linking' y VALINE                            ? 'C5 H11 N O2'    117.146 
ZN  non-polymer         . 'ZINC ION'                        ? 'Zn 2'           65.409  
# 
loop_
_pdbx_poly_seq_scheme.asym_id 
_pdbx_poly_seq_scheme.entity_id 
_pdbx_poly_seq_scheme.seq_id 
_pdbx_poly_seq_scheme.mon_id 
_pdbx_poly_seq_scheme.ndb_seq_num 
_pdbx_poly_seq_scheme.pdb_seq_num 
_pdbx_poly_seq_scheme.auth_seq_num 
_pdbx_poly_seq_scheme.pdb_mon_id 
_pdbx_poly_seq_scheme.auth_mon_id 
_pdbx_poly_seq_scheme.pdb_strand_id 
_pdbx_poly_seq_scheme.pdb_ins_code 
_pdbx_poly_seq_scheme.hetero 
A 1 1   GLN 1   1   ?   ?   ?   A . n 
A 1 2   GLU 2   2   ?   ?   ?   A . n 
A 1 3   GLN 3   3   ?   ?   ?   A . n 
A 1 4   THR 4   4   ?   ?   ?   A . n 
A 1 5   GLY 5   5   ?   ?   ?   A . n 
A 1 6   GLY 6   6   ?   ?   ?   A . n 
A 1 7   SER 7   7   7   SER SER A . n 
A 1 8   GLY 8   8   8   GLY GLY A . n 
A 1 9   ALA 9   9   9   ALA ALA A . n 
A 1 10  ILE 10  10  10  ILE ILE A . n 
A 1 11  TYR 11  11  11  TYR TYR A . n 
A 1 12  VAL 12  12  12  VAL VAL A . n 
A 1 13  GLY 13  13  13  GLY GLY A . n 
A 1 14  ASN 14  14  14  ASN ASN A . n 
A 1 15  TYR 15  15  15  TYR TYR A . n 
A 1 16  ARG 16  16  16  ARG ARG A . n 
A 1 17  VAL 17  17  17  VAL VAL A . n 
A 1 18  VAL 18  18  18  VAL VAL A . n 
A 1 19  ASN 19  19  19  ASN ASN A . n 
A 1 20  ARG 20  20  20  ARG ARG A . n 
A 1 21  HIS 21  21  21  HIS HIS A . n 
A 1 22  LEU 22  22  22  LEU LEU A . n 
A 1 23  ALA 23  23  23  ALA ALA A . n 
A 1 24  THR 24  24  24  THR THR A . n 
A 1 25  HIS 25  25  25  HIS HIS A . n 
A 1 26  ASN 26  26  26  ASN ASN A . n 
A 1 27  ASP 27  27  27  ASP ASP A . n 
A 1 28  TRP 28  28  28  TRP TRP A . n 
A 1 29  ALA 29  29  29  ALA ALA A . n 
A 1 30  ASN 30  30  30  ASN ASN A . n 
A 1 31  LEU 31  31  31  LEU LEU A . n 
A 1 32  VAL 32  32  32  VAL VAL A . n 
A 1 33  TRP 33  33  33  TRP TRP A . n 
A 1 34  GLU 34  34  34  GLU GLU A . n 
A 1 35  ASP 35  35  35  ASP ASP A . n 
A 1 36  SER 36  36  36  SER SER A . n 
A 1 37  SER 37  37  37  SER SER A . n 
A 1 38  ARG 38  38  38  ARG ARG A . n 
A 1 39  ASP 39  39  39  ASP ASP A . n 
A 1 40  LEU 40  40  40  LEU LEU A . n 
A 1 41  LEU 41  41  41  LEU LEU A . n 
A 1 42  VAL 42  42  42  VAL VAL A . n 
A 1 43  SER 43  43  43  SER SER A . n 
A 1 44  SER 44  44  44  SER SER A . n 
A 1 45  THR 45  45  45  THR THR A . n 
A 1 46  THR 46  46  46  THR THR A . n 
A 1 47  ALA 47  47  47  ALA ALA A . n 
A 1 48  GLN 48  48  48  GLN GLN A . n 
A 1 49  GLY 49  49  49  GLY GLY A . n 
A 1 50  CYS 50  50  50  CYS CYS A . n 
A 1 51  ASP 51  51  51  ASP ASP A . n 
A 1 52  THR 52  52  52  THR THR A . n 
A 1 53  ILE 53  53  53  ILE ILE A . n 
A 1 54  ALA 54  54  54  ALA ALA A . n 
A 1 55  ARG 55  55  55  ARG ARG A . n 
A 1 56  CYS 56  56  56  CYS CYS A . n 
A 1 57  ASP 57  57  57  ASP ASP A . n 
A 1 58  CYS 58  58  58  CYS CYS A . n 
A 1 59  GLN 59  59  59  GLN GLN A . n 
A 1 60  THR 60  60  60  THR THR A . n 
A 1 61  GLY 61  61  61  GLY GLY A . n 
A 1 62  VAL 62  62  62  VAL VAL A . n 
A 1 63  TYR 63  63  63  TYR TYR A . n 
A 1 64  TYR 64  64  64  TYR TYR A . n 
A 1 65  CYS 65  65  65  CYS CYS A . n 
A 1 66  SER 66  66  66  SER SER A . n 
A 1 67  SER 67  67  67  SER SER A . n 
A 1 68  ARG 68  68  68  ARG ARG A . n 
A 1 69  ARG 69  69  69  ARG ARG A . n 
A 1 70  LYS 70  70  70  LYS LYS A . n 
A 1 71  HIS 71  71  71  HIS HIS A . n 
A 1 72  TYR 72  72  72  TYR TYR A . n 
A 1 73  PRO 73  73  73  PRO PRO A . n 
A 1 74  VAL 74  74  74  VAL VAL A . n 
A 1 75  SER 75  75  75  SER SER A . n 
A 1 76  PHE 76  76  76  PHE PHE A . n 
A 1 77  SER 77  77  77  SER SER A . n 
A 1 78  LYS 78  78  78  LYS LYS A . n 
A 1 79  PRO 79  79  79  PRO PRO A . n 
A 1 80  SER 80  80  80  SER SER A . n 
A 1 81  LEU 81  81  81  LEU LEU A . n 
A 1 82  ILE 82  82  82  ILE ILE A . n 
A 1 83  PHE 83  83  83  PHE PHE A . n 
A 1 84  VAL 84  84  84  VAL VAL A . n 
A 1 85  GLU 85  85  85  GLU GLU A . n 
A 1 86  ALA 86  86  86  ALA ALA A . n 
A 1 87  SER 87  87  87  SER SER A . n 
A 1 88  GLU 88  88  88  GLU GLU A . n 
A 1 89  TYR 89  89  89  TYR TYR A . n 
A 1 90  TYR 90  90  90  TYR TYR A . n 
A 1 91  PRO 91  91  91  PRO PRO A . n 
A 1 92  ALA 92  92  92  ALA ALA A . n 
A 1 93  ARG 93  93  93  ARG ARG A . n 
A 1 94  TYR 94  94  94  TYR TYR A . n 
A 1 95  GLN 95  95  95  GLN GLN A . n 
A 1 96  SER 96  96  96  SER SER A . n 
A 1 97  HIS 97  97  97  HIS HIS A . n 
A 1 98  LEU 98  98  98  LEU LEU A . n 
A 1 99  MET 99  99  99  MET MET A . n 
A 1 100 LEU 100 100 100 LEU LEU A . n 
A 1 101 ALA 101 101 101 ALA ALA A . n 
A 1 102 VAL 102 102 102 VAL VAL A . n 
A 1 103 GLY 103 103 103 GLY GLY A . n 
A 1 104 HIS 104 104 104 HIS HIS A . n 
A 1 105 SER 105 105 105 SER SER A . n 
A 1 106 GLU 106 106 106 GLU GLU A . n 
A 1 107 PRO 107 107 107 PRO PRO A . n 
A 1 108 GLY 108 108 108 GLY GLY A . n 
A 1 109 ASP 109 109 109 ASP ASP A . n 
A 1 110 CYS 110 110 110 CYS CYS A . n 
A 1 111 GLY 111 111 111 GLY GLY A . n 
A 1 112 GLY 112 112 112 GLY GLY A . n 
A 1 113 ILE 113 113 113 ILE ILE A . n 
A 1 114 LEU 114 114 114 LEU LEU A . n 
A 1 115 ARG 115 115 115 ARG ARG A . n 
A 1 116 CYS 116 116 116 CYS CYS A . n 
A 1 117 GLN 117 117 117 GLN GLN A . n 
A 1 118 HIS 118 118 118 HIS HIS A . n 
A 1 119 GLY 119 119 119 GLY GLY A . n 
A 1 120 VAL 120 120 120 VAL VAL A . n 
A 1 121 VAL 121 121 121 VAL VAL A . n 
A 1 122 GLY 122 122 122 GLY GLY A . n 
A 1 123 ILE 123 123 123 ILE ILE A . n 
A 1 124 VAL 124 124 124 VAL VAL A . n 
A 1 125 SER 125 125 125 SER SER A . n 
A 1 126 THR 126 126 126 THR THR A . n 
A 1 127 GLY 127 127 127 GLY GLY A . n 
A 1 128 GLY 128 128 128 GLY GLY A . n 
A 1 129 ASN 129 129 129 ASN ASN A . n 
A 1 130 GLY 130 130 130 GLY GLY A . n 
A 1 131 LEU 131 131 131 LEU LEU A . n 
A 1 132 VAL 132 132 132 VAL VAL A . n 
A 1 133 GLY 133 133 133 GLY GLY A . n 
A 1 134 PHE 134 134 134 PHE PHE A . n 
A 1 135 ALA 135 135 135 ALA ALA A . n 
A 1 136 ASP 136 136 136 ASP ASP A . n 
A 1 137 VAL 137 137 137 VAL VAL A . n 
A 1 138 ARG 138 138 138 ARG ARG A . n 
A 1 139 ASP 139 139 139 ASP ASP A . n 
A 1 140 LEU 140 140 140 LEU LEU A . n 
A 1 141 LEU 141 141 141 LEU LEU A . n 
A 1 142 TRP 142 142 142 TRP TRP A . n 
A 1 143 LEU 143 143 143 LEU LEU A . n 
A 1 144 ASP 144 144 144 ASP ASP A . n 
A 1 145 GLU 145 145 145 GLU GLU A . n 
A 1 146 GLU 146 146 146 GLU GLU A . n 
A 1 147 ALA 147 147 ?   ?   ?   A . n 
A 1 148 MET 148 148 ?   ?   ?   A . n 
A 1 149 GLU 149 149 ?   ?   ?   A . n 
A 1 150 GLN 150 150 ?   ?   ?   A . n 
# 
loop_
_pdbx_nonpoly_scheme.asym_id 
_pdbx_nonpoly_scheme.entity_id 
_pdbx_nonpoly_scheme.mon_id 
_pdbx_nonpoly_scheme.ndb_seq_num 
_pdbx_nonpoly_scheme.pdb_seq_num 
_pdbx_nonpoly_scheme.auth_seq_num 
_pdbx_nonpoly_scheme.pdb_mon_id 
_pdbx_nonpoly_scheme.auth_mon_id 
_pdbx_nonpoly_scheme.pdb_strand_id 
_pdbx_nonpoly_scheme.pdb_ins_code 
B 2 TJL 1   201 147 TJL LIG A . 
C 3 ZN  1   202 1   ZN  ZN  A . 
D 4 DMS 1   203 0   DMS DMS A . 
E 4 DMS 1   204 1   DMS DMS A . 
F 4 DMS 1   205 3   DMS DMS A . 
G 4 DMS 1   206 4   DMS DMS A . 
H 4 DMS 1   207 5   DMS DMS A . 
I 4 DMS 1   208 6   DMS DMS A . 
J 5 HOH 1   301 123 HOH HOH A . 
J 5 HOH 2   302 51  HOH HOH A . 
J 5 HOH 3   303 56  HOH HOH A . 
J 5 HOH 4   304 90  HOH HOH A . 
J 5 HOH 5   305 84  HOH HOH A . 
J 5 HOH 6   306 86  HOH HOH A . 
J 5 HOH 7   307 5   HOH HOH A . 
J 5 HOH 8   308 126 HOH HOH A . 
J 5 HOH 9   309 60  HOH HOH A . 
J 5 HOH 10  310 54  HOH HOH A . 
J 5 HOH 11  311 124 HOH HOH A . 
J 5 HOH 12  312 7   HOH HOH A . 
J 5 HOH 13  313 98  HOH HOH A . 
J 5 HOH 14  314 55  HOH HOH A . 
J 5 HOH 15  315 29  HOH HOH A . 
J 5 HOH 16  316 45  HOH HOH A . 
J 5 HOH 17  317 62  HOH HOH A . 
J 5 HOH 18  318 73  HOH HOH A . 
J 5 HOH 19  319 70  HOH HOH A . 
J 5 HOH 20  320 100 HOH HOH A . 
J 5 HOH 21  321 34  HOH HOH A . 
J 5 HOH 22  322 18  HOH HOH A . 
J 5 HOH 23  323 33  HOH HOH A . 
J 5 HOH 24  324 4   HOH HOH A . 
J 5 HOH 25  325 89  HOH HOH A . 
J 5 HOH 26  326 57  HOH HOH A . 
J 5 HOH 27  327 125 HOH HOH A . 
J 5 HOH 28  328 24  HOH HOH A . 
J 5 HOH 29  329 32  HOH HOH A . 
J 5 HOH 30  330 49  HOH HOH A . 
J 5 HOH 31  331 82  HOH HOH A . 
J 5 HOH 32  332 115 HOH HOH A . 
J 5 HOH 33  333 79  HOH HOH A . 
J 5 HOH 34  334 76  HOH HOH A . 
J 5 HOH 35  335 88  HOH HOH A . 
J 5 HOH 36  336 101 HOH HOH A . 
J 5 HOH 37  337 59  HOH HOH A . 
J 5 HOH 38  338 11  HOH HOH A . 
J 5 HOH 39  339 25  HOH HOH A . 
J 5 HOH 40  340 20  HOH HOH A . 
J 5 HOH 41  341 99  HOH HOH A . 
J 5 HOH 42  342 35  HOH HOH A . 
J 5 HOH 43  343 9   HOH HOH A . 
J 5 HOH 44  344 8   HOH HOH A . 
J 5 HOH 45  345 53  HOH HOH A . 
J 5 HOH 46  346 72  HOH HOH A . 
J 5 HOH 47  347 16  HOH HOH A . 
J 5 HOH 48  348 87  HOH HOH A . 
J 5 HOH 49  349 1   HOH HOH A . 
J 5 HOH 50  350 122 HOH HOH A . 
J 5 HOH 51  351 83  HOH HOH A . 
J 5 HOH 52  352 30  HOH HOH A . 
J 5 HOH 53  353 15  HOH HOH A . 
J 5 HOH 54  354 85  HOH HOH A . 
J 5 HOH 55  355 64  HOH HOH A . 
J 5 HOH 56  356 41  HOH HOH A . 
J 5 HOH 57  357 31  HOH HOH A . 
J 5 HOH 58  358 6   HOH HOH A . 
J 5 HOH 59  359 21  HOH HOH A . 
J 5 HOH 60  360 27  HOH HOH A . 
J 5 HOH 61  361 61  HOH HOH A . 
J 5 HOH 62  362 93  HOH HOH A . 
J 5 HOH 63  363 28  HOH HOH A . 
J 5 HOH 64  364 97  HOH HOH A . 
J 5 HOH 65  365 105 HOH HOH A . 
J 5 HOH 66  366 67  HOH HOH A . 
J 5 HOH 67  367 95  HOH HOH A . 
J 5 HOH 68  368 2   HOH HOH A . 
J 5 HOH 69  369 69  HOH HOH A . 
J 5 HOH 70  370 81  HOH HOH A . 
J 5 HOH 71  371 46  HOH HOH A . 
J 5 HOH 72  372 17  HOH HOH A . 
J 5 HOH 73  373 19  HOH HOH A . 
J 5 HOH 74  374 10  HOH HOH A . 
J 5 HOH 75  375 12  HOH HOH A . 
J 5 HOH 76  376 71  HOH HOH A . 
J 5 HOH 77  377 66  HOH HOH A . 
J 5 HOH 78  378 40  HOH HOH A . 
J 5 HOH 79  379 26  HOH HOH A . 
J 5 HOH 80  380 74  HOH HOH A . 
J 5 HOH 81  381 48  HOH HOH A . 
J 5 HOH 82  382 75  HOH HOH A . 
J 5 HOH 83  383 36  HOH HOH A . 
J 5 HOH 84  384 68  HOH HOH A . 
J 5 HOH 85  385 80  HOH HOH A . 
J 5 HOH 86  386 14  HOH HOH A . 
J 5 HOH 87  387 3   HOH HOH A . 
J 5 HOH 88  388 128 HOH HOH A . 
J 5 HOH 89  389 78  HOH HOH A . 
J 5 HOH 90  390 22  HOH HOH A . 
J 5 HOH 91  391 52  HOH HOH A . 
J 5 HOH 92  392 65  HOH HOH A . 
J 5 HOH 93  393 38  HOH HOH A . 
J 5 HOH 94  394 119 HOH HOH A . 
J 5 HOH 95  395 111 HOH HOH A . 
J 5 HOH 96  396 77  HOH HOH A . 
J 5 HOH 97  397 102 HOH HOH A . 
J 5 HOH 98  398 39  HOH HOH A . 
J 5 HOH 99  399 104 HOH HOH A . 
J 5 HOH 100 400 47  HOH HOH A . 
J 5 HOH 101 401 114 HOH HOH A . 
J 5 HOH 102 402 103 HOH HOH A . 
J 5 HOH 103 403 110 HOH HOH A . 
J 5 HOH 104 404 91  HOH HOH A . 
J 5 HOH 105 405 117 HOH HOH A . 
J 5 HOH 106 406 94  HOH HOH A . 
J 5 HOH 107 407 23  HOH HOH A . 
J 5 HOH 108 408 50  HOH HOH A . 
J 5 HOH 109 409 106 HOH HOH A . 
J 5 HOH 110 410 120 HOH HOH A . 
J 5 HOH 111 411 113 HOH HOH A . 
J 5 HOH 112 412 58  HOH HOH A . 
J 5 HOH 113 413 63  HOH HOH A . 
J 5 HOH 114 414 118 HOH HOH A . 
J 5 HOH 115 415 96  HOH HOH A . 
J 5 HOH 116 416 43  HOH HOH A . 
J 5 HOH 117 417 116 HOH HOH A . 
J 5 HOH 118 418 112 HOH HOH A . 
J 5 HOH 119 419 92  HOH HOH A . 
J 5 HOH 120 420 107 HOH HOH A . 
J 5 HOH 121 421 121 HOH HOH A . 
J 5 HOH 122 422 108 HOH HOH A . 
J 5 HOH 123 423 127 HOH HOH A . 
J 5 HOH 124 424 109 HOH HOH A . 
# 
loop_
_software.classification 
_software.name 
_software.version 
_software.citation_id 
_software.pdbx_ordinal 
refinement       REFMAC  5.8.0267 ? 1 
refinement       REFMAC5 .        ? 2 
'data scaling'   Aimless .        ? 3 
phasing          PHASER  .        ? 4 
'data reduction' XDS     .        ? 5 
# 
_cell.entry_id           7H3M 
_cell.length_a           72.691 
_cell.length_b           60.790 
_cell.length_c           32.339 
_cell.angle_alpha        90.00 
_cell.angle_beta         93.03 
_cell.angle_gamma        90.00 
_cell.Z_PDB              4 
_cell.pdbx_unique_axis   ? 
# 
_symmetry.entry_id                         7H3M 
_symmetry.space_group_name_H-M             'C 1 2 1' 
_symmetry.pdbx_full_space_group_name_H-M   ? 
_symmetry.cell_setting                     ? 
_symmetry.Int_Tables_number                5 
# 
_exptl.entry_id          7H3M 
_exptl.method            'X-RAY DIFFRACTION' 
_exptl.crystals_number   1 
# 
_exptl_crystal.id                    1 
_exptl_crystal.density_meas          ? 
_exptl_crystal.density_Matthews      2.16 
_exptl_crystal.density_percent_sol   43.14 
_exptl_crystal.description           ? 
# 
_exptl_crystal_grow.crystal_id      1 
_exptl_crystal_grow.method          'VAPOR DIFFUSION, SITTING DROP' 
_exptl_crystal_grow.pH              6.05 
_exptl_crystal_grow.temp            293.15 
_exptl_crystal_grow.pdbx_details    '0.1 M MES, pH 6.05, 16 % PEG 20,000' 
_exptl_crystal_grow.temp_details    ? 
_exptl_crystal_grow.pdbx_pH_range   ? 
# 
_diffrn.id                     1 
_diffrn.ambient_temp           100 
_diffrn.crystal_id             1 
_diffrn.ambient_temp_details   ? 
# 
_diffrn_detector.detector               PIXEL 
_diffrn_detector.type                   'DECTRIS EIGER2 XE 16M' 
_diffrn_detector.pdbx_collection_date   2023-10-11 
_diffrn_detector.diffrn_id              1 
_diffrn_detector.details                ? 
# 
_diffrn_radiation.diffrn_id                        1 
_diffrn_radiation.wavelength_id                    1 
_diffrn_radiation.pdbx_diffrn_protocol             'SINGLE WAVELENGTH' 
_diffrn_radiation.pdbx_monochromatic_or_laue_m_l   ? 
_diffrn_radiation.monochromator                    ? 
_diffrn_radiation.pdbx_scattering_type             x-ray 
# 
_diffrn_radiation_wavelength.id           1 
_diffrn_radiation_wavelength.wavelength   0.94055 
_diffrn_radiation_wavelength.wt           1.0 
# 
_diffrn_source.diffrn_id                   1 
_diffrn_source.source                      SYNCHROTRON 
_diffrn_source.type                        'DIAMOND BEAMLINE I03' 
_diffrn_source.pdbx_wavelength_list        0.94055 
_diffrn_source.pdbx_synchrotron_site       Diamond 
_diffrn_source.pdbx_synchrotron_beamline   I03 
_diffrn_source.pdbx_wavelength             ? 
# 
_reflns.entry_id                     7H3M 
_reflns.pdbx_diffrn_id               1 
_reflns.pdbx_ordinal                 1 
_reflns.d_resolution_low             26.97 
_reflns.d_resolution_high            1.33 
_reflns.number_obs                   31244 
_reflns.percent_possible_obs         97.0 
_reflns.pdbx_Rmerge_I_obs            0.103 
_reflns.pdbx_netI_over_sigmaI        12.1 
_reflns.pdbx_redundancy              7.1 
_reflns.pdbx_Rrim_I_all              0.111 
_reflns.pdbx_Rpim_I_all              0.041 
_reflns.pdbx_CC_half                 0.998 
_reflns.pdbx_number_measured_all     220705 
_reflns.pdbx_chi_squared             0.67 
_reflns.observed_criterion_sigma_I   ? 
_reflns.observed_criterion_sigma_F   ? 
_reflns.number_all                   ? 
_reflns.pdbx_Rsym_value              ? 
_reflns.B_iso_Wilson_estimate        ? 
# 
_reflns_shell.pdbx_diffrn_id              1 
_reflns_shell.pdbx_ordinal                1 
_reflns_shell.d_res_high                  1.33 
_reflns_shell.d_res_low                   1.35 
_reflns_shell.number_measured_all         10559 
_reflns_shell.number_unique_obs           1544 
_reflns_shell.Rmerge_I_obs                2.296 
_reflns_shell.pdbx_chi_squared            0.29 
_reflns_shell.pdbx_redundancy             6.8 
_reflns_shell.percent_possible_obs        94.9 
_reflns_shell.pdbx_netI_over_sigmaI_obs   0.7 
_reflns_shell.pdbx_Rrim_I_all             2.488 
_reflns_shell.pdbx_Rpim_I_all             0.946 
_reflns_shell.pdbx_CC_half                0.224 
_reflns_shell.percent_possible_all        ? 
_reflns_shell.pdbx_Rsym_value             ? 
_reflns_shell.meanI_over_sigI_obs         ? 
# 
_refine.pdbx_refine_id                           'X-RAY DIFFRACTION' 
_refine.entry_id                                 7H3M 
_refine.pdbx_diffrn_id                           1 
_refine.pdbx_TLS_residual_ADP_flag               ? 
_refine.ls_number_reflns_obs                     29754 
_refine.ls_number_reflns_all                     ? 
_refine.pdbx_ls_sigma_I                          ? 
_refine.pdbx_ls_sigma_F                          ? 
_refine.pdbx_data_cutoff_high_absF               ? 
_refine.pdbx_data_cutoff_low_absF                ? 
_refine.pdbx_data_cutoff_high_rms_absF           ? 
_refine.ls_d_res_low                             26.99 
_refine.ls_d_res_high                            1.33 
_refine.ls_percent_reflns_obs                    96.64 
_refine.ls_R_factor_obs                          0.20092 
_refine.ls_R_factor_all                          ? 
_refine.ls_R_factor_R_work                       0.19947 
_refine.ls_R_factor_R_free                       0.23369 
_refine.ls_R_factor_R_free_error                 ? 
_refine.ls_R_factor_R_free_error_details         ? 
_refine.ls_percent_reflns_R_free                 4.7 
_refine.ls_number_reflns_R_free                  1474 
_refine.ls_number_parameters                     ? 
_refine.ls_number_restraints                     ? 
_refine.occupancy_min                            ? 
_refine.occupancy_max                            ? 
_refine.correlation_coeff_Fo_to_Fc               0.966 
_refine.correlation_coeff_Fo_to_Fc_free          0.952 
_refine.B_iso_mean                               26.070 
_refine.aniso_B[1][1]                            0.06 
_refine.aniso_B[2][2]                            0.14 
_refine.aniso_B[3][3]                            -0.14 
_refine.aniso_B[1][2]                            -0.00 
_refine.aniso_B[1][3]                            -0.56 
_refine.aniso_B[2][3]                            0.00 
_refine.solvent_model_details                    MASK 
_refine.solvent_model_param_ksol                 ? 
_refine.solvent_model_param_bsol                 ? 
_refine.pdbx_solvent_vdw_probe_radii             1.20 
_refine.pdbx_solvent_ion_probe_radii             0.80 
_refine.pdbx_solvent_shrinkage_radii             0.80 
_refine.pdbx_ls_cross_valid_method               THROUGHOUT 
_refine.details                                  'HYDROGENS HAVE BEEN ADDED IN THE RIDING POSITIONS' 
_refine.pdbx_starting_model                      ? 
_refine.pdbx_method_to_determine_struct          'MOLECULAR REPLACEMENT' 
_refine.pdbx_isotropic_thermal_model             ? 
_refine.pdbx_stereochemistry_target_values       'MAXIMUM LIKELIHOOD' 
_refine.pdbx_stereochem_target_val_spec_case     ? 
_refine.pdbx_R_Free_selection_details            RANDOM 
_refine.pdbx_overall_ESU_R                       0.076 
_refine.pdbx_overall_ESU_R_Free                  0.078 
_refine.overall_SU_ML                            0.076 
_refine.pdbx_overall_phase_error                 ? 
_refine.overall_SU_B                             2.024 
_refine.overall_SU_R_Cruickshank_DPI             ? 
_refine.pdbx_overall_SU_R_free_Cruickshank_DPI   ? 
_refine.pdbx_overall_SU_R_Blow_DPI               ? 
_refine.pdbx_overall_SU_R_free_Blow_DPI          ? 
# 
_refine_hist.pdbx_refine_id                   'X-RAY DIFFRACTION' 
_refine_hist.cycle_id                         1 
_refine_hist.pdbx_number_atoms_protein        1083 
_refine_hist.pdbx_number_atoms_nucleic_acid   0 
_refine_hist.pdbx_number_atoms_ligand         37 
_refine_hist.number_atoms_solvent             124 
_refine_hist.number_atoms_total               1244 
_refine_hist.d_res_high                       1.33 
_refine_hist.d_res_low                        26.99 
# 
loop_
_refine_ls_restr.type 
_refine_ls_restr.dev_ideal 
_refine_ls_restr.dev_ideal_target 
_refine_ls_restr.weight 
_refine_ls_restr.number 
_refine_ls_restr.pdbx_refine_id 
_refine_ls_restr.pdbx_restraint_function 
r_bond_refined_d             0.010  0.014  ? 1998 'X-RAY DIFFRACTION' ? 
r_bond_other_d               0.001  0.014  ? 1393 'X-RAY DIFFRACTION' ? 
r_angle_refined_deg          1.547  1.628  ? 2223 'X-RAY DIFFRACTION' ? 
r_angle_other_deg            1.406  1.589  ? 3197 'X-RAY DIFFRACTION' ? 
r_dihedral_angle_1_deg       7.173  5.000  ? 208  'X-RAY DIFFRACTION' ? 
r_dihedral_angle_2_deg       30.109 20.612 ? 98   'X-RAY DIFFRACTION' ? 
r_dihedral_angle_3_deg       16.530 15.000 ? 226  'X-RAY DIFFRACTION' ? 
r_dihedral_angle_4_deg       20.134 15.000 ? 15   'X-RAY DIFFRACTION' ? 
r_chiral_restr               0.076  0.200  ? 185  'X-RAY DIFFRACTION' ? 
r_gen_planes_refined         0.009  0.020  ? 2087 'X-RAY DIFFRACTION' ? 
r_gen_planes_other           0.003  0.020  ? 427  'X-RAY DIFFRACTION' ? 
r_nbd_refined                ?      ?      ? ?    'X-RAY DIFFRACTION' ? 
r_nbd_other                  ?      ?      ? ?    'X-RAY DIFFRACTION' ? 
r_nbtor_refined              ?      ?      ? ?    'X-RAY DIFFRACTION' ? 
r_nbtor_other                ?      ?      ? ?    'X-RAY DIFFRACTION' ? 
r_xyhbond_nbd_refined        ?      ?      ? ?    'X-RAY DIFFRACTION' ? 
r_xyhbond_nbd_other          ?      ?      ? ?    'X-RAY DIFFRACTION' ? 
r_metal_ion_refined          ?      ?      ? ?    'X-RAY DIFFRACTION' ? 
r_metal_ion_other            ?      ?      ? ?    'X-RAY DIFFRACTION' ? 
r_symmetry_vdw_refined       ?      ?      ? ?    'X-RAY DIFFRACTION' ? 
r_symmetry_vdw_other         ?      ?      ? ?    'X-RAY DIFFRACTION' ? 
r_symmetry_hbond_refined     ?      ?      ? ?    'X-RAY DIFFRACTION' ? 
r_symmetry_hbond_other       ?      ?      ? ?    'X-RAY DIFFRACTION' ? 
r_symmetry_metal_ion_refined ?      ?      ? ?    'X-RAY DIFFRACTION' ? 
r_symmetry_metal_ion_other   ?      ?      ? ?    'X-RAY DIFFRACTION' ? 
r_mcbond_it                  1.686  2.736  ? 988  'X-RAY DIFFRACTION' ? 
r_mcbond_other               1.763  2.675  ? 903  'X-RAY DIFFRACTION' ? 
r_mcangle_it                 3.229  3.726  ? 1000 'X-RAY DIFFRACTION' ? 
r_mcangle_other              3.228  3.725  ? 1001 'X-RAY DIFFRACTION' ? 
r_scbond_it                  2.104  3.157  ? 1010 'X-RAY DIFFRACTION' ? 
r_scbond_other               2.105  2.993  ? 998  'X-RAY DIFFRACTION' ? 
r_scangle_it                 ?      ?      ? ?    'X-RAY DIFFRACTION' ? 
r_scangle_other              3.170  4.152  ? 1212 'X-RAY DIFFRACTION' ? 
r_long_range_B_refined       10.283 24.526 ? 1661 'X-RAY DIFFRACTION' ? 
r_long_range_B_other         10.343 24.233 ? 1633 'X-RAY DIFFRACTION' ? 
r_rigid_bond_restr           ?      ?      ? ?    'X-RAY DIFFRACTION' ? 
r_sphericity_free            ?      ?      ? ?    'X-RAY DIFFRACTION' ? 
r_sphericity_bonded          ?      ?      ? ?    'X-RAY DIFFRACTION' ? 
# 
_refine_ls_shell.pdbx_refine_id                   'X-RAY DIFFRACTION' 
_refine_ls_shell.pdbx_total_number_of_bins_used   20 
_refine_ls_shell.d_res_high                       1.330 
_refine_ls_shell.d_res_low                        1.365 
_refine_ls_shell.number_reflns_R_work             2142 
_refine_ls_shell.R_factor_R_work                  0.352 
_refine_ls_shell.percent_reflns_obs               93.82 
_refine_ls_shell.R_factor_R_free                  0.340 
_refine_ls_shell.R_factor_R_free_error            ? 
_refine_ls_shell.percent_reflns_R_free            ? 
_refine_ls_shell.number_reflns_R_free             103 
_refine_ls_shell.number_reflns_all                ? 
_refine_ls_shell.R_factor_all                     ? 
# 
_struct.entry_id                  7H3M 
_struct.title                     
;Group deposition for crystallographic fragment screening of Coxsackievirus A16 (G-10) 2A protease -- Crystal structure of Coxsackievirus A16 (G-10) 2A protease in complex with Z760031264 (A71EV2A-x0432)
;
_struct.pdbx_model_details        ? 
_struct.pdbx_CASP_flag            ? 
_struct.pdbx_model_type_details   ? 
# 
_struct_keywords.entry_id        7H3M 
_struct_keywords.pdbx_keywords   HYDROLASE 
_struct_keywords.text            
;Diamond Light Source, I03, ASAP, Coxsackievirus A16, crystallographic fragment screening, PanDDA, Pandda2, XChemExplorer, viral protein, HYDROLASE
;
# 
loop_
_struct_asym.id 
_struct_asym.pdbx_blank_PDB_chainid_flag 
_struct_asym.pdbx_modified 
_struct_asym.entity_id 
_struct_asym.details 
A N N 1 ? 
B N N 2 ? 
C N N 3 ? 
D N N 4 ? 
E N N 4 ? 
F N N 4 ? 
G N N 4 ? 
H N N 4 ? 
I N N 4 ? 
J N N 5 ? 
# 
_struct_ref.id                         1 
_struct_ref.db_name                    UNP 
_struct_ref.db_code                    POLG_CX16G 
_struct_ref.pdbx_db_accession          Q65900 
_struct_ref.pdbx_db_isoform            ? 
_struct_ref.entity_id                  1 
_struct_ref.pdbx_seq_one_letter_code   
;SGAIYVGNYRVVNRHLATHNDWANLVWEDSSRDLLVSSTTAQGCDTIARCDCQTGVYYCSSRRKHYPVSFSKPSLIFVEA
SEYYPARYQSHLMLAVGHSEPGDCGGILRCQHGVVGIVSTGGNGLVGFADVRDLLWLDEEAMEQ
;
_struct_ref.pdbx_align_begin           869 
# 
_struct_ref_seq.align_id                      1 
_struct_ref_seq.ref_id                        1 
_struct_ref_seq.pdbx_PDB_id_code              7H3M 
_struct_ref_seq.pdbx_strand_id                A 
_struct_ref_seq.seq_align_beg                 7 
_struct_ref_seq.pdbx_seq_align_beg_ins_code   ? 
_struct_ref_seq.seq_align_end                 150 
_struct_ref_seq.pdbx_seq_align_end_ins_code   ? 
_struct_ref_seq.pdbx_db_accession             Q65900 
_struct_ref_seq.db_align_beg                  869 
_struct_ref_seq.pdbx_db_align_beg_ins_code    ? 
_struct_ref_seq.db_align_end                  1012 
_struct_ref_seq.pdbx_db_align_end_ins_code    ? 
_struct_ref_seq.pdbx_auth_seq_align_beg       7 
_struct_ref_seq.pdbx_auth_seq_align_end       150 
# 
loop_
_struct_ref_seq_dif.align_id 
_struct_ref_seq_dif.pdbx_pdb_id_code 
_struct_ref_seq_dif.mon_id 
_struct_ref_seq_dif.pdbx_pdb_strand_id 
_struct_ref_seq_dif.seq_num 
_struct_ref_seq_dif.pdbx_pdb_ins_code 
_struct_ref_seq_dif.pdbx_seq_db_name 
_struct_ref_seq_dif.pdbx_seq_db_accession_code 
_struct_ref_seq_dif.db_mon_id 
_struct_ref_seq_dif.pdbx_seq_db_seq_num 
_struct_ref_seq_dif.details 
_struct_ref_seq_dif.pdbx_auth_seq_num 
_struct_ref_seq_dif.pdbx_ordinal 
1 7H3M GLN A 1 ? UNP Q65900 ? ? 'expression tag' 1 1 
1 7H3M GLU A 2 ? UNP Q65900 ? ? 'expression tag' 2 2 
1 7H3M GLN A 3 ? UNP Q65900 ? ? 'expression tag' 3 3 
1 7H3M THR A 4 ? UNP Q65900 ? ? 'expression tag' 4 4 
1 7H3M GLY A 5 ? UNP Q65900 ? ? 'expression tag' 5 5 
1 7H3M GLY A 6 ? UNP Q65900 ? ? 'expression tag' 6 6 
# 
_pdbx_struct_assembly.id                   1 
_pdbx_struct_assembly.details              author_and_software_defined_assembly 
_pdbx_struct_assembly.method_details       PISA 
_pdbx_struct_assembly.oligomeric_details   monomeric 
_pdbx_struct_assembly.oligomeric_count     1 
# 
loop_
_pdbx_struct_assembly_prop.biol_id 
_pdbx_struct_assembly_prop.type 
_pdbx_struct_assembly_prop.value 
_pdbx_struct_assembly_prop.details 
1 'ABSA (A^2)' 880  ? 
1 MORE         3    ? 
1 'SSA (A^2)'  7500 ? 
# 
_pdbx_struct_assembly_gen.assembly_id       1 
_pdbx_struct_assembly_gen.oper_expression   1 
_pdbx_struct_assembly_gen.asym_id_list      A,B,C,D,E,F,G,H,I,J 
# 
_pdbx_struct_oper_list.id                   1 
_pdbx_struct_oper_list.type                 'identity operation' 
_pdbx_struct_oper_list.name                 1_555 
_pdbx_struct_oper_list.symmetry_operation   x,y,z 
_pdbx_struct_oper_list.matrix[1][1]         1.0000000000 
_pdbx_struct_oper_list.matrix[1][2]         0.0000000000 
_pdbx_struct_oper_list.matrix[1][3]         0.0000000000 
_pdbx_struct_oper_list.vector[1]            0.0000000000 
_pdbx_struct_oper_list.matrix[2][1]         0.0000000000 
_pdbx_struct_oper_list.matrix[2][2]         1.0000000000 
_pdbx_struct_oper_list.matrix[2][3]         0.0000000000 
_pdbx_struct_oper_list.vector[2]            0.0000000000 
_pdbx_struct_oper_list.matrix[3][1]         0.0000000000 
_pdbx_struct_oper_list.matrix[3][2]         0.0000000000 
_pdbx_struct_oper_list.matrix[3][3]         1.0000000000 
_pdbx_struct_oper_list.vector[3]            0.0000000000 
# 
loop_
_struct_conf.conf_type_id 
_struct_conf.id 
_struct_conf.pdbx_PDB_helix_id 
_struct_conf.beg_label_comp_id 
_struct_conf.beg_label_asym_id 
_struct_conf.beg_label_seq_id 
_struct_conf.pdbx_beg_PDB_ins_code 
_struct_conf.end_label_comp_id 
_struct_conf.end_label_asym_id 
_struct_conf.end_label_seq_id 
_struct_conf.pdbx_end_PDB_ins_code 
_struct_conf.beg_auth_comp_id 
_struct_conf.beg_auth_asym_id 
_struct_conf.beg_auth_seq_id 
_struct_conf.end_auth_comp_id 
_struct_conf.end_auth_asym_id 
_struct_conf.end_auth_seq_id 
_struct_conf.pdbx_PDB_helix_class 
_struct_conf.details 
_struct_conf.pdbx_PDB_helix_length 
HELX_P HELX_P1 AA1 HIS A 21  ? ALA A 23  ? HIS A 21  ALA A 23  5 ? 3 
HELX_P HELX_P2 AA2 THR A 24  ? ASN A 30  ? THR A 24  ASN A 30  1 ? 7 
HELX_P HELX_P3 AA3 SER A 36  ? ARG A 38  ? SER A 36  ARG A 38  5 ? 3 
HELX_P HELX_P4 AA4 SER A 66  ? ARG A 69  ? SER A 66  ARG A 69  5 ? 4 
HELX_P HELX_P5 AA5 GLU A 106 ? CYS A 110 ? GLU A 106 CYS A 110 5 ? 5 
HELX_P HELX_P6 AA6 LEU A 140 ? GLU A 145 ? LEU A 140 GLU A 145 5 ? 6 
# 
_struct_conf_type.id          HELX_P 
_struct_conf_type.criteria    ? 
_struct_conf_type.reference   ? 
# 
loop_
_struct_conn.id 
_struct_conn.conn_type_id 
_struct_conn.pdbx_leaving_atom_flag 
_struct_conn.pdbx_PDB_id 
_struct_conn.ptnr1_label_asym_id 
_struct_conn.ptnr1_label_comp_id 
_struct_conn.ptnr1_label_seq_id 
_struct_conn.ptnr1_label_atom_id 
_struct_conn.pdbx_ptnr1_label_alt_id 
_struct_conn.pdbx_ptnr1_PDB_ins_code 
_struct_conn.pdbx_ptnr1_standard_comp_id 
_struct_conn.ptnr1_symmetry 
_struct_conn.ptnr2_label_asym_id 
_struct_conn.ptnr2_label_comp_id 
_struct_conn.ptnr2_label_seq_id 
_struct_conn.ptnr2_label_atom_id 
_struct_conn.pdbx_ptnr2_label_alt_id 
_struct_conn.pdbx_ptnr2_PDB_ins_code 
_struct_conn.ptnr1_auth_asym_id 
_struct_conn.ptnr1_auth_comp_id 
_struct_conn.ptnr1_auth_seq_id 
_struct_conn.ptnr2_auth_asym_id 
_struct_conn.ptnr2_auth_comp_id 
_struct_conn.ptnr2_auth_seq_id 
_struct_conn.ptnr2_symmetry 
_struct_conn.pdbx_ptnr3_label_atom_id 
_struct_conn.pdbx_ptnr3_label_seq_id 
_struct_conn.pdbx_ptnr3_label_comp_id 
_struct_conn.pdbx_ptnr3_label_asym_id 
_struct_conn.pdbx_ptnr3_label_alt_id 
_struct_conn.pdbx_ptnr3_PDB_ins_code 
_struct_conn.details 
_struct_conn.pdbx_dist_value 
_struct_conn.pdbx_value_order 
_struct_conn.pdbx_role 
metalc1 metalc ? ? A CYS 56  SG  ? ? ? 1_555 C ZN . ZN ? ? A CYS 56  A ZN 202 1_555 ? ? ? ? ? ? ? 2.308 ? ? 
metalc2 metalc ? ? A CYS 58  SG  ? ? ? 1_555 C ZN . ZN ? ? A CYS 58  A ZN 202 1_555 ? ? ? ? ? ? ? 2.304 ? ? 
metalc3 metalc ? ? A CYS 116 SG  ? ? ? 1_555 C ZN . ZN ? ? A CYS 116 A ZN 202 1_555 ? ? ? ? ? ? ? 2.272 ? ? 
metalc4 metalc ? ? A HIS 118 ND1 ? ? ? 1_555 C ZN . ZN ? ? A HIS 118 A ZN 202 1_555 ? ? ? ? ? ? ? 2.081 ? ? 
# 
_struct_conn_type.id          metalc 
_struct_conn_type.criteria    ? 
_struct_conn_type.reference   ? 
# 
loop_
_pdbx_struct_conn_angle.id 
_pdbx_struct_conn_angle.ptnr1_label_atom_id 
_pdbx_struct_conn_angle.ptnr1_label_alt_id 
_pdbx_struct_conn_angle.ptnr1_label_asym_id 
_pdbx_struct_conn_angle.ptnr1_label_comp_id 
_pdbx_struct_conn_angle.ptnr1_label_seq_id 
_pdbx_struct_conn_angle.ptnr1_auth_atom_id 
_pdbx_struct_conn_angle.ptnr1_auth_asym_id 
_pdbx_struct_conn_angle.ptnr1_auth_comp_id 
_pdbx_struct_conn_angle.ptnr1_auth_seq_id 
_pdbx_struct_conn_angle.ptnr1_PDB_ins_code 
_pdbx_struct_conn_angle.ptnr1_symmetry 
_pdbx_struct_conn_angle.ptnr2_label_atom_id 
_pdbx_struct_conn_angle.ptnr2_label_alt_id 
_pdbx_struct_conn_angle.ptnr2_label_asym_id 
_pdbx_struct_conn_angle.ptnr2_label_comp_id 
_pdbx_struct_conn_angle.ptnr2_label_seq_id 
_pdbx_struct_conn_angle.ptnr2_auth_atom_id 
_pdbx_struct_conn_angle.ptnr2_auth_asym_id 
_pdbx_struct_conn_angle.ptnr2_auth_comp_id 
_pdbx_struct_conn_angle.ptnr2_auth_seq_id 
_pdbx_struct_conn_angle.ptnr2_PDB_ins_code 
_pdbx_struct_conn_angle.ptnr2_symmetry 
_pdbx_struct_conn_angle.ptnr3_label_atom_id 
_pdbx_struct_conn_angle.ptnr3_label_alt_id 
_pdbx_struct_conn_angle.ptnr3_label_asym_id 
_pdbx_struct_conn_angle.ptnr3_label_comp_id 
_pdbx_struct_conn_angle.ptnr3_label_seq_id 
_pdbx_struct_conn_angle.ptnr3_auth_atom_id 
_pdbx_struct_conn_angle.ptnr3_auth_asym_id 
_pdbx_struct_conn_angle.ptnr3_auth_comp_id 
_pdbx_struct_conn_angle.ptnr3_auth_seq_id 
_pdbx_struct_conn_angle.ptnr3_PDB_ins_code 
_pdbx_struct_conn_angle.ptnr3_symmetry 
_pdbx_struct_conn_angle.value 
_pdbx_struct_conn_angle.value_esd 
1 SG ? A CYS 56  ? A CYS 56  ? 1_555 ZN ? C ZN . ? A ZN 202 ? 1_555 SG  ? A CYS 58  ? A CYS 58  ? 1_555 107.1 ? 
2 SG ? A CYS 56  ? A CYS 56  ? 1_555 ZN ? C ZN . ? A ZN 202 ? 1_555 SG  ? A CYS 116 ? A CYS 116 ? 1_555 107.8 ? 
3 SG ? A CYS 58  ? A CYS 58  ? 1_555 ZN ? C ZN . ? A ZN 202 ? 1_555 SG  ? A CYS 116 ? A CYS 116 ? 1_555 118.8 ? 
4 SG ? A CYS 56  ? A CYS 56  ? 1_555 ZN ? C ZN . ? A ZN 202 ? 1_555 ND1 ? A HIS 118 ? A HIS 118 ? 1_555 112.3 ? 
5 SG ? A CYS 58  ? A CYS 58  ? 1_555 ZN ? C ZN . ? A ZN 202 ? 1_555 ND1 ? A HIS 118 ? A HIS 118 ? 1_555 100.8 ? 
6 SG ? A CYS 116 ? A CYS 116 ? 1_555 ZN ? C ZN . ? A ZN 202 ? 1_555 ND1 ? A HIS 118 ? A HIS 118 ? 1_555 109.9 ? 
# 
loop_
_struct_sheet.id 
_struct_sheet.type 
_struct_sheet.number_strands 
_struct_sheet.details 
AA1 ? 3 ? 
AA2 ? 7 ? 
# 
loop_
_struct_sheet_order.sheet_id 
_struct_sheet_order.range_id_1 
_struct_sheet_order.range_id_2 
_struct_sheet_order.offset 
_struct_sheet_order.sense 
AA1 1 2 ? anti-parallel 
AA1 2 3 ? anti-parallel 
AA2 1 2 ? anti-parallel 
AA2 2 3 ? anti-parallel 
AA2 3 4 ? anti-parallel 
AA2 4 5 ? anti-parallel 
AA2 5 6 ? anti-parallel 
AA2 6 7 ? anti-parallel 
# 
loop_
_struct_sheet_range.sheet_id 
_struct_sheet_range.id 
_struct_sheet_range.beg_label_comp_id 
_struct_sheet_range.beg_label_asym_id 
_struct_sheet_range.beg_label_seq_id 
_struct_sheet_range.pdbx_beg_PDB_ins_code 
_struct_sheet_range.end_label_comp_id 
_struct_sheet_range.end_label_asym_id 
_struct_sheet_range.end_label_seq_id 
_struct_sheet_range.pdbx_end_PDB_ins_code 
_struct_sheet_range.beg_auth_comp_id 
_struct_sheet_range.beg_auth_asym_id 
_struct_sheet_range.beg_auth_seq_id 
_struct_sheet_range.end_auth_comp_id 
_struct_sheet_range.end_auth_asym_id 
_struct_sheet_range.end_auth_seq_id 
AA1 1 LEU A 31  ? ASP A 35  ? LEU A 31  ASP A 35  
AA1 2 LEU A 40  ? CYS A 50  ? LEU A 40  CYS A 50  
AA1 3 ILE A 10  ? ASN A 19  ? ILE A 10  ASN A 19  
AA2 1 LYS A 70  ? SER A 75  ? LYS A 70  SER A 75  
AA2 2 THR A 60  ? CYS A 65  ? THR A 60  CYS A 65  
AA2 3 ILE A 113 ? CYS A 116 ? ILE A 113 CYS A 116 
AA2 4 GLY A 119 ? THR A 126 ? GLY A 119 THR A 126 
AA2 5 LEU A 131 ? ASP A 136 ? LEU A 131 ASP A 136 
AA2 6 ARG A 93  ? VAL A 102 ? ARG A 93  VAL A 102 
AA2 7 SER A 80  ? VAL A 84  ? SER A 80  VAL A 84  
# 
loop_
_pdbx_struct_sheet_hbond.sheet_id 
_pdbx_struct_sheet_hbond.range_id_1 
_pdbx_struct_sheet_hbond.range_id_2 
_pdbx_struct_sheet_hbond.range_1_label_atom_id 
_pdbx_struct_sheet_hbond.range_1_label_comp_id 
_pdbx_struct_sheet_hbond.range_1_label_asym_id 
_pdbx_struct_sheet_hbond.range_1_label_seq_id 
_pdbx_struct_sheet_hbond.range_1_PDB_ins_code 
_pdbx_struct_sheet_hbond.range_1_auth_atom_id 
_pdbx_struct_sheet_hbond.range_1_auth_comp_id 
_pdbx_struct_sheet_hbond.range_1_auth_asym_id 
_pdbx_struct_sheet_hbond.range_1_auth_seq_id 
_pdbx_struct_sheet_hbond.range_2_label_atom_id 
_pdbx_struct_sheet_hbond.range_2_label_comp_id 
_pdbx_struct_sheet_hbond.range_2_label_asym_id 
_pdbx_struct_sheet_hbond.range_2_label_seq_id 
_pdbx_struct_sheet_hbond.range_2_PDB_ins_code 
_pdbx_struct_sheet_hbond.range_2_auth_atom_id 
_pdbx_struct_sheet_hbond.range_2_auth_comp_id 
_pdbx_struct_sheet_hbond.range_2_auth_asym_id 
_pdbx_struct_sheet_hbond.range_2_auth_seq_id 
AA1 1 2 N TRP A 33  ? N TRP A 33  O VAL A 42  ? O VAL A 42  
AA1 2 3 N GLY A 49  ? N GLY A 49  O GLY A 13  ? O GLY A 13  
AA2 1 2 O LYS A 70  ? O LYS A 70  N CYS A 65  ? N CYS A 65  
AA2 2 3 N VAL A 62  ? N VAL A 62  O ARG A 115 ? O ARG A 115 
AA2 3 4 N LEU A 114 ? N LEU A 114 O VAL A 121 ? O VAL A 121 
AA2 4 5 N SER A 125 ? N SER A 125 O GLY A 133 ? O GLY A 133 
AA2 5 6 O VAL A 132 ? O VAL A 132 N ALA A 101 ? N ALA A 101 
AA2 6 7 O ARG A 93  ? O ARG A 93  N VAL A 84  ? N VAL A 84  
# 
_pdbx_entry_details.entry_id                   7H3M 
_pdbx_entry_details.compound_details           ? 
_pdbx_entry_details.source_details             ? 
_pdbx_entry_details.nonpolymer_details         ? 
_pdbx_entry_details.sequence_details           ? 
_pdbx_entry_details.has_ligand_of_interest     ? 
_pdbx_entry_details.has_protein_modification   N 
# 
loop_
_pdbx_validate_close_contact.id 
_pdbx_validate_close_contact.PDB_model_num 
_pdbx_validate_close_contact.auth_atom_id_1 
_pdbx_validate_close_contact.auth_asym_id_1 
_pdbx_validate_close_contact.auth_comp_id_1 
_pdbx_validate_close_contact.auth_seq_id_1 
_pdbx_validate_close_contact.PDB_ins_code_1 
_pdbx_validate_close_contact.label_alt_id_1 
_pdbx_validate_close_contact.auth_atom_id_2 
_pdbx_validate_close_contact.auth_asym_id_2 
_pdbx_validate_close_contact.auth_comp_id_2 
_pdbx_validate_close_contact.auth_seq_id_2 
_pdbx_validate_close_contact.PDB_ins_code_2 
_pdbx_validate_close_contact.label_alt_id_2 
_pdbx_validate_close_contact.dist 
1 1 NH1 A ARG 69  ? ? O A HOH 302 ? ? 2.03 
2 1 O   A HOH 394 ? ? O A HOH 410 ? ? 2.18 
# 
loop_
_pdbx_validate_torsion.id 
_pdbx_validate_torsion.PDB_model_num 
_pdbx_validate_torsion.auth_comp_id 
_pdbx_validate_torsion.auth_asym_id 
_pdbx_validate_torsion.auth_seq_id 
_pdbx_validate_torsion.PDB_ins_code 
_pdbx_validate_torsion.label_alt_id 
_pdbx_validate_torsion.phi 
_pdbx_validate_torsion.psi 
1 1 ASN A 14  ? ? -97.51  35.30   
2 1 GLU A 85  ? ? -63.66  -174.66 
3 1 SER A 125 ? ? -131.23 -32.86  
# 
loop_
_pdbx_struct_special_symmetry.id 
_pdbx_struct_special_symmetry.PDB_model_num 
_pdbx_struct_special_symmetry.auth_asym_id 
_pdbx_struct_special_symmetry.auth_comp_id 
_pdbx_struct_special_symmetry.auth_seq_id 
_pdbx_struct_special_symmetry.PDB_ins_code 
_pdbx_struct_special_symmetry.label_asym_id 
_pdbx_struct_special_symmetry.label_comp_id 
_pdbx_struct_special_symmetry.label_seq_id 
1 1 A HOH 336 ? J HOH . 
2 1 A HOH 384 ? J HOH . 
3 1 A HOH 403 ? J HOH . 
4 1 A HOH 421 ? J HOH . 
# 
loop_
_pdbx_unobs_or_zero_occ_residues.id 
_pdbx_unobs_or_zero_occ_residues.PDB_model_num 
_pdbx_unobs_or_zero_occ_residues.polymer_flag 
_pdbx_unobs_or_zero_occ_residues.occupancy_flag 
_pdbx_unobs_or_zero_occ_residues.auth_asym_id 
_pdbx_unobs_or_zero_occ_residues.auth_comp_id 
_pdbx_unobs_or_zero_occ_residues.auth_seq_id 
_pdbx_unobs_or_zero_occ_residues.PDB_ins_code 
_pdbx_unobs_or_zero_occ_residues.label_asym_id 
_pdbx_unobs_or_zero_occ_residues.label_comp_id 
_pdbx_unobs_or_zero_occ_residues.label_seq_id 
1  1 Y 1 A GLN 1   ? A GLN 1   
2  1 Y 1 A GLU 2   ? A GLU 2   
3  1 Y 1 A GLN 3   ? A GLN 3   
4  1 Y 1 A THR 4   ? A THR 4   
5  1 Y 1 A GLY 5   ? A GLY 5   
6  1 Y 1 A GLY 6   ? A GLY 6   
7  1 Y 1 A ALA 147 ? A ALA 147 
8  1 Y 1 A MET 148 ? A MET 148 
9  1 Y 1 A GLU 149 ? A GLU 149 
10 1 Y 1 A GLN 150 ? A GLN 150 
# 
loop_
_chem_comp_atom.comp_id 
_chem_comp_atom.atom_id 
_chem_comp_atom.type_symbol 
_chem_comp_atom.pdbx_aromatic_flag 
_chem_comp_atom.pdbx_stereo_config 
_chem_comp_atom.pdbx_ordinal 
ALA N    N  N N 1   
ALA CA   C  N S 2   
ALA C    C  N N 3   
ALA O    O  N N 4   
ALA CB   C  N N 5   
ALA OXT  O  N N 6   
ALA H    H  N N 7   
ALA H2   H  N N 8   
ALA HA   H  N N 9   
ALA HB1  H  N N 10  
ALA HB2  H  N N 11  
ALA HB3  H  N N 12  
ALA HXT  H  N N 13  
ARG N    N  N N 14  
ARG CA   C  N S 15  
ARG C    C  N N 16  
ARG O    O  N N 17  
ARG CB   C  N N 18  
ARG CG   C  N N 19  
ARG CD   C  N N 20  
ARG NE   N  N N 21  
ARG CZ   C  N N 22  
ARG NH1  N  N N 23  
ARG NH2  N  N N 24  
ARG OXT  O  N N 25  
ARG H    H  N N 26  
ARG H2   H  N N 27  
ARG HA   H  N N 28  
ARG HB2  H  N N 29  
ARG HB3  H  N N 30  
ARG HG2  H  N N 31  
ARG HG3  H  N N 32  
ARG HD2  H  N N 33  
ARG HD3  H  N N 34  
ARG HE   H  N N 35  
ARG HH11 H  N N 36  
ARG HH12 H  N N 37  
ARG HH21 H  N N 38  
ARG HH22 H  N N 39  
ARG HXT  H  N N 40  
ASN N    N  N N 41  
ASN CA   C  N S 42  
ASN C    C  N N 43  
ASN O    O  N N 44  
ASN CB   C  N N 45  
ASN CG   C  N N 46  
ASN OD1  O  N N 47  
ASN ND2  N  N N 48  
ASN OXT  O  N N 49  
ASN H    H  N N 50  
ASN H2   H  N N 51  
ASN HA   H  N N 52  
ASN HB2  H  N N 53  
ASN HB3  H  N N 54  
ASN HD21 H  N N 55  
ASN HD22 H  N N 56  
ASN HXT  H  N N 57  
ASP N    N  N N 58  
ASP CA   C  N S 59  
ASP C    C  N N 60  
ASP O    O  N N 61  
ASP CB   C  N N 62  
ASP CG   C  N N 63  
ASP OD1  O  N N 64  
ASP OD2  O  N N 65  
ASP OXT  O  N N 66  
ASP H    H  N N 67  
ASP H2   H  N N 68  
ASP HA   H  N N 69  
ASP HB2  H  N N 70  
ASP HB3  H  N N 71  
ASP HD2  H  N N 72  
ASP HXT  H  N N 73  
CYS N    N  N N 74  
CYS CA   C  N R 75  
CYS C    C  N N 76  
CYS O    O  N N 77  
CYS CB   C  N N 78  
CYS SG   S  N N 79  
CYS OXT  O  N N 80  
CYS H    H  N N 81  
CYS H2   H  N N 82  
CYS HA   H  N N 83  
CYS HB2  H  N N 84  
CYS HB3  H  N N 85  
CYS HG   H  N N 86  
CYS HXT  H  N N 87  
DMS S    S  N N 88  
DMS O    O  N N 89  
DMS C1   C  N N 90  
DMS C2   C  N N 91  
DMS H11  H  N N 92  
DMS H12  H  N N 93  
DMS H13  H  N N 94  
DMS H21  H  N N 95  
DMS H22  H  N N 96  
DMS H23  H  N N 97  
GLN N    N  N N 98  
GLN CA   C  N S 99  
GLN C    C  N N 100 
GLN O    O  N N 101 
GLN CB   C  N N 102 
GLN CG   C  N N 103 
GLN CD   C  N N 104 
GLN OE1  O  N N 105 
GLN NE2  N  N N 106 
GLN OXT  O  N N 107 
GLN H    H  N N 108 
GLN H2   H  N N 109 
GLN HA   H  N N 110 
GLN HB2  H  N N 111 
GLN HB3  H  N N 112 
GLN HG2  H  N N 113 
GLN HG3  H  N N 114 
GLN HE21 H  N N 115 
GLN HE22 H  N N 116 
GLN HXT  H  N N 117 
GLU N    N  N N 118 
GLU CA   C  N S 119 
GLU C    C  N N 120 
GLU O    O  N N 121 
GLU CB   C  N N 122 
GLU CG   C  N N 123 
GLU CD   C  N N 124 
GLU OE1  O  N N 125 
GLU OE2  O  N N 126 
GLU OXT  O  N N 127 
GLU H    H  N N 128 
GLU H2   H  N N 129 
GLU HA   H  N N 130 
GLU HB2  H  N N 131 
GLU HB3  H  N N 132 
GLU HG2  H  N N 133 
GLU HG3  H  N N 134 
GLU HE2  H  N N 135 
GLU HXT  H  N N 136 
GLY N    N  N N 137 
GLY CA   C  N N 138 
GLY C    C  N N 139 
GLY O    O  N N 140 
GLY OXT  O  N N 141 
GLY H    H  N N 142 
GLY H2   H  N N 143 
GLY HA2  H  N N 144 
GLY HA3  H  N N 145 
GLY HXT  H  N N 146 
HIS N    N  N N 147 
HIS CA   C  N S 148 
HIS C    C  N N 149 
HIS O    O  N N 150 
HIS CB   C  N N 151 
HIS CG   C  Y N 152 
HIS ND1  N  Y N 153 
HIS CD2  C  Y N 154 
HIS CE1  C  Y N 155 
HIS NE2  N  Y N 156 
HIS OXT  O  N N 157 
HIS H    H  N N 158 
HIS H2   H  N N 159 
HIS HA   H  N N 160 
HIS HB2  H  N N 161 
HIS HB3  H  N N 162 
HIS HD1  H  N N 163 
HIS HD2  H  N N 164 
HIS HE1  H  N N 165 
HIS HE2  H  N N 166 
HIS HXT  H  N N 167 
HOH O    O  N N 168 
HOH H1   H  N N 169 
HOH H2   H  N N 170 
ILE N    N  N N 171 
ILE CA   C  N S 172 
ILE C    C  N N 173 
ILE O    O  N N 174 
ILE CB   C  N S 175 
ILE CG1  C  N N 176 
ILE CG2  C  N N 177 
ILE CD1  C  N N 178 
ILE OXT  O  N N 179 
ILE H    H  N N 180 
ILE H2   H  N N 181 
ILE HA   H  N N 182 
ILE HB   H  N N 183 
ILE HG12 H  N N 184 
ILE HG13 H  N N 185 
ILE HG21 H  N N 186 
ILE HG22 H  N N 187 
ILE HG23 H  N N 188 
ILE HD11 H  N N 189 
ILE HD12 H  N N 190 
ILE HD13 H  N N 191 
ILE HXT  H  N N 192 
LEU N    N  N N 193 
LEU CA   C  N S 194 
LEU C    C  N N 195 
LEU O    O  N N 196 
LEU CB   C  N N 197 
LEU CG   C  N N 198 
LEU CD1  C  N N 199 
LEU CD2  C  N N 200 
LEU OXT  O  N N 201 
LEU H    H  N N 202 
LEU H2   H  N N 203 
LEU HA   H  N N 204 
LEU HB2  H  N N 205 
LEU HB3  H  N N 206 
LEU HG   H  N N 207 
LEU HD11 H  N N 208 
LEU HD12 H  N N 209 
LEU HD13 H  N N 210 
LEU HD21 H  N N 211 
LEU HD22 H  N N 212 
LEU HD23 H  N N 213 
LEU HXT  H  N N 214 
LYS N    N  N N 215 
LYS CA   C  N S 216 
LYS C    C  N N 217 
LYS O    O  N N 218 
LYS CB   C  N N 219 
LYS CG   C  N N 220 
LYS CD   C  N N 221 
LYS CE   C  N N 222 
LYS NZ   N  N N 223 
LYS OXT  O  N N 224 
LYS H    H  N N 225 
LYS H2   H  N N 226 
LYS HA   H  N N 227 
LYS HB2  H  N N 228 
LYS HB3  H  N N 229 
LYS HG2  H  N N 230 
LYS HG3  H  N N 231 
LYS HD2  H  N N 232 
LYS HD3  H  N N 233 
LYS HE2  H  N N 234 
LYS HE3  H  N N 235 
LYS HZ1  H  N N 236 
LYS HZ2  H  N N 237 
LYS HZ3  H  N N 238 
LYS HXT  H  N N 239 
MET N    N  N N 240 
MET CA   C  N S 241 
MET C    C  N N 242 
MET O    O  N N 243 
MET CB   C  N N 244 
MET CG   C  N N 245 
MET SD   S  N N 246 
MET CE   C  N N 247 
MET OXT  O  N N 248 
MET H    H  N N 249 
MET H2   H  N N 250 
MET HA   H  N N 251 
MET HB2  H  N N 252 
MET HB3  H  N N 253 
MET HG2  H  N N 254 
MET HG3  H  N N 255 
MET HE1  H  N N 256 
MET HE2  H  N N 257 
MET HE3  H  N N 258 
MET HXT  H  N N 259 
PHE N    N  N N 260 
PHE CA   C  N S 261 
PHE C    C  N N 262 
PHE O    O  N N 263 
PHE CB   C  N N 264 
PHE CG   C  Y N 265 
PHE CD1  C  Y N 266 
PHE CD2  C  Y N 267 
PHE CE1  C  Y N 268 
PHE CE2  C  Y N 269 
PHE CZ   C  Y N 270 
PHE OXT  O  N N 271 
PHE H    H  N N 272 
PHE H2   H  N N 273 
PHE HA   H  N N 274 
PHE HB2  H  N N 275 
PHE HB3  H  N N 276 
PHE HD1  H  N N 277 
PHE HD2  H  N N 278 
PHE HE1  H  N N 279 
PHE HE2  H  N N 280 
PHE HZ   H  N N 281 
PHE HXT  H  N N 282 
PRO N    N  N N 283 
PRO CA   C  N S 284 
PRO C    C  N N 285 
PRO O    O  N N 286 
PRO CB   C  N N 287 
PRO CG   C  N N 288 
PRO CD   C  N N 289 
PRO OXT  O  N N 290 
PRO H    H  N N 291 
PRO HA   H  N N 292 
PRO HB2  H  N N 293 
PRO HB3  H  N N 294 
PRO HG2  H  N N 295 
PRO HG3  H  N N 296 
PRO HD2  H  N N 297 
PRO HD3  H  N N 298 
PRO HXT  H  N N 299 
SER N    N  N N 300 
SER CA   C  N S 301 
SER C    C  N N 302 
SER O    O  N N 303 
SER CB   C  N N 304 
SER OG   O  N N 305 
SER OXT  O  N N 306 
SER H    H  N N 307 
SER H2   H  N N 308 
SER HA   H  N N 309 
SER HB2  H  N N 310 
SER HB3  H  N N 311 
SER HG   H  N N 312 
SER HXT  H  N N 313 
THR N    N  N N 314 
THR CA   C  N S 315 
THR C    C  N N 316 
THR O    O  N N 317 
THR CB   C  N R 318 
THR OG1  O  N N 319 
THR CG2  C  N N 320 
THR OXT  O  N N 321 
THR H    H  N N 322 
THR H2   H  N N 323 
THR HA   H  N N 324 
THR HB   H  N N 325 
THR HG1  H  N N 326 
THR HG21 H  N N 327 
THR HG22 H  N N 328 
THR HG23 H  N N 329 
THR HXT  H  N N 330 
TJL N1   N  Y N 331 
TJL C4   C  Y N 332 
TJL C5   C  Y N 333 
TJL C6   C  Y N 334 
TJL C7   C  Y N 335 
TJL N    N  N N 336 
TJL C    C  Y N 337 
TJL O    O  Y N 338 
TJL C1   C  Y N 339 
TJL C2   C  Y N 340 
TJL C3   C  Y N 341 
TJL N2   N  Y N 342 
TJL H1   H  N N 343 
TJL H2   H  N N 344 
TJL H3   H  N N 345 
TJL H4   H  N N 346 
TJL H5   H  N N 347 
TJL H6   H  N N 348 
TJL H7   H  N N 349 
TRP N    N  N N 350 
TRP CA   C  N S 351 
TRP C    C  N N 352 
TRP O    O  N N 353 
TRP CB   C  N N 354 
TRP CG   C  Y N 355 
TRP CD1  C  Y N 356 
TRP CD2  C  Y N 357 
TRP NE1  N  Y N 358 
TRP CE2  C  Y N 359 
TRP CE3  C  Y N 360 
TRP CZ2  C  Y N 361 
TRP CZ3  C  Y N 362 
TRP CH2  C  Y N 363 
TRP OXT  O  N N 364 
TRP H    H  N N 365 
TRP H2   H  N N 366 
TRP HA   H  N N 367 
TRP HB2  H  N N 368 
TRP HB3  H  N N 369 
TRP HD1  H  N N 370 
TRP HE1  H  N N 371 
TRP HE3  H  N N 372 
TRP HZ2  H  N N 373 
TRP HZ3  H  N N 374 
TRP HH2  H  N N 375 
TRP HXT  H  N N 376 
TYR N    N  N N 377 
TYR CA   C  N S 378 
TYR C    C  N N 379 
TYR O    O  N N 380 
TYR CB   C  N N 381 
TYR CG   C  Y N 382 
TYR CD1  C  Y N 383 
TYR CD2  C  Y N 384 
TYR CE1  C  Y N 385 
TYR CE2  C  Y N 386 
TYR CZ   C  Y N 387 
TYR OH   O  N N 388 
TYR OXT  O  N N 389 
TYR H    H  N N 390 
TYR H2   H  N N 391 
TYR HA   H  N N 392 
TYR HB2  H  N N 393 
TYR HB3  H  N N 394 
TYR HD1  H  N N 395 
TYR HD2  H  N N 396 
TYR HE1  H  N N 397 
TYR HE2  H  N N 398 
TYR HH   H  N N 399 
TYR HXT  H  N N 400 
VAL N    N  N N 401 
VAL CA   C  N S 402 
VAL C    C  N N 403 
VAL O    O  N N 404 
VAL CB   C  N N 405 
VAL CG1  C  N N 406 
VAL CG2  C  N N 407 
VAL OXT  O  N N 408 
VAL H    H  N N 409 
VAL H2   H  N N 410 
VAL HA   H  N N 411 
VAL HB   H  N N 412 
VAL HG11 H  N N 413 
VAL HG12 H  N N 414 
VAL HG13 H  N N 415 
VAL HG21 H  N N 416 
VAL HG22 H  N N 417 
VAL HG23 H  N N 418 
VAL HXT  H  N N 419 
ZN  ZN   ZN N N 420 
# 
loop_
_chem_comp_bond.comp_id 
_chem_comp_bond.atom_id_1 
_chem_comp_bond.atom_id_2 
_chem_comp_bond.value_order 
_chem_comp_bond.pdbx_aromatic_flag 
_chem_comp_bond.pdbx_stereo_config 
_chem_comp_bond.pdbx_ordinal 
ALA N   CA   sing N N 1   
ALA N   H    sing N N 2   
ALA N   H2   sing N N 3   
ALA CA  C    sing N N 4   
ALA CA  CB   sing N N 5   
ALA CA  HA   sing N N 6   
ALA C   O    doub N N 7   
ALA C   OXT  sing N N 8   
ALA CB  HB1  sing N N 9   
ALA CB  HB2  sing N N 10  
ALA CB  HB3  sing N N 11  
ALA OXT HXT  sing N N 12  
ARG N   CA   sing N N 13  
ARG N   H    sing N N 14  
ARG N   H2   sing N N 15  
ARG CA  C    sing N N 16  
ARG CA  CB   sing N N 17  
ARG CA  HA   sing N N 18  
ARG C   O    doub N N 19  
ARG C   OXT  sing N N 20  
ARG CB  CG   sing N N 21  
ARG CB  HB2  sing N N 22  
ARG CB  HB3  sing N N 23  
ARG CG  CD   sing N N 24  
ARG CG  HG2  sing N N 25  
ARG CG  HG3  sing N N 26  
ARG CD  NE   sing N N 27  
ARG CD  HD2  sing N N 28  
ARG CD  HD3  sing N N 29  
ARG NE  CZ   sing N N 30  
ARG NE  HE   sing N N 31  
ARG CZ  NH1  sing N N 32  
ARG CZ  NH2  doub N N 33  
ARG NH1 HH11 sing N N 34  
ARG NH1 HH12 sing N N 35  
ARG NH2 HH21 sing N N 36  
ARG NH2 HH22 sing N N 37  
ARG OXT HXT  sing N N 38  
ASN N   CA   sing N N 39  
ASN N   H    sing N N 40  
ASN N   H2   sing N N 41  
ASN CA  C    sing N N 42  
ASN CA  CB   sing N N 43  
ASN CA  HA   sing N N 44  
ASN C   O    doub N N 45  
ASN C   OXT  sing N N 46  
ASN CB  CG   sing N N 47  
ASN CB  HB2  sing N N 48  
ASN CB  HB3  sing N N 49  
ASN CG  OD1  doub N N 50  
ASN CG  ND2  sing N N 51  
ASN ND2 HD21 sing N N 52  
ASN ND2 HD22 sing N N 53  
ASN OXT HXT  sing N N 54  
ASP N   CA   sing N N 55  
ASP N   H    sing N N 56  
ASP N   H2   sing N N 57  
ASP CA  C    sing N N 58  
ASP CA  CB   sing N N 59  
ASP CA  HA   sing N N 60  
ASP C   O    doub N N 61  
ASP C   OXT  sing N N 62  
ASP CB  CG   sing N N 63  
ASP CB  HB2  sing N N 64  
ASP CB  HB3  sing N N 65  
ASP CG  OD1  doub N N 66  
ASP CG  OD2  sing N N 67  
ASP OD2 HD2  sing N N 68  
ASP OXT HXT  sing N N 69  
CYS N   CA   sing N N 70  
CYS N   H    sing N N 71  
CYS N   H2   sing N N 72  
CYS CA  C    sing N N 73  
CYS CA  CB   sing N N 74  
CYS CA  HA   sing N N 75  
CYS C   O    doub N N 76  
CYS C   OXT  sing N N 77  
CYS CB  SG   sing N N 78  
CYS CB  HB2  sing N N 79  
CYS CB  HB3  sing N N 80  
CYS SG  HG   sing N N 81  
CYS OXT HXT  sing N N 82  
DMS S   O    doub N N 83  
DMS S   C1   sing N N 84  
DMS S   C2   sing N N 85  
DMS C1  H11  sing N N 86  
DMS C1  H12  sing N N 87  
DMS C1  H13  sing N N 88  
DMS C2  H21  sing N N 89  
DMS C2  H22  sing N N 90  
DMS C2  H23  sing N N 91  
GLN N   CA   sing N N 92  
GLN N   H    sing N N 93  
GLN N   H2   sing N N 94  
GLN CA  C    sing N N 95  
GLN CA  CB   sing N N 96  
GLN CA  HA   sing N N 97  
GLN C   O    doub N N 98  
GLN C   OXT  sing N N 99  
GLN CB  CG   sing N N 100 
GLN CB  HB2  sing N N 101 
GLN CB  HB3  sing N N 102 
GLN CG  CD   sing N N 103 
GLN CG  HG2  sing N N 104 
GLN CG  HG3  sing N N 105 
GLN CD  OE1  doub N N 106 
GLN CD  NE2  sing N N 107 
GLN NE2 HE21 sing N N 108 
GLN NE2 HE22 sing N N 109 
GLN OXT HXT  sing N N 110 
GLU N   CA   sing N N 111 
GLU N   H    sing N N 112 
GLU N   H2   sing N N 113 
GLU CA  C    sing N N 114 
GLU CA  CB   sing N N 115 
GLU CA  HA   sing N N 116 
GLU C   O    doub N N 117 
GLU C   OXT  sing N N 118 
GLU CB  CG   sing N N 119 
GLU CB  HB2  sing N N 120 
GLU CB  HB3  sing N N 121 
GLU CG  CD   sing N N 122 
GLU CG  HG2  sing N N 123 
GLU CG  HG3  sing N N 124 
GLU CD  OE1  doub N N 125 
GLU CD  OE2  sing N N 126 
GLU OE2 HE2  sing N N 127 
GLU OXT HXT  sing N N 128 
GLY N   CA   sing N N 129 
GLY N   H    sing N N 130 
GLY N   H2   sing N N 131 
GLY CA  C    sing N N 132 
GLY CA  HA2  sing N N 133 
GLY CA  HA3  sing N N 134 
GLY C   O    doub N N 135 
GLY C   OXT  sing N N 136 
GLY OXT HXT  sing N N 137 
HIS N   CA   sing N N 138 
HIS N   H    sing N N 139 
HIS N   H2   sing N N 140 
HIS CA  C    sing N N 141 
HIS CA  CB   sing N N 142 
HIS CA  HA   sing N N 143 
HIS C   O    doub N N 144 
HIS C   OXT  sing N N 145 
HIS CB  CG   sing N N 146 
HIS CB  HB2  sing N N 147 
HIS CB  HB3  sing N N 148 
HIS CG  ND1  sing Y N 149 
HIS CG  CD2  doub Y N 150 
HIS ND1 CE1  doub Y N 151 
HIS ND1 HD1  sing N N 152 
HIS CD2 NE2  sing Y N 153 
HIS CD2 HD2  sing N N 154 
HIS CE1 NE2  sing Y N 155 
HIS CE1 HE1  sing N N 156 
HIS NE2 HE2  sing N N 157 
HIS OXT HXT  sing N N 158 
HOH O   H1   sing N N 159 
HOH O   H2   sing N N 160 
ILE N   CA   sing N N 161 
ILE N   H    sing N N 162 
ILE N   H2   sing N N 163 
ILE CA  C    sing N N 164 
ILE CA  CB   sing N N 165 
ILE CA  HA   sing N N 166 
ILE C   O    doub N N 167 
ILE C   OXT  sing N N 168 
ILE CB  CG1  sing N N 169 
ILE CB  CG2  sing N N 170 
ILE CB  HB   sing N N 171 
ILE CG1 CD1  sing N N 172 
ILE CG1 HG12 sing N N 173 
ILE CG1 HG13 sing N N 174 
ILE CG2 HG21 sing N N 175 
ILE CG2 HG22 sing N N 176 
ILE CG2 HG23 sing N N 177 
ILE CD1 HD11 sing N N 178 
ILE CD1 HD12 sing N N 179 
ILE CD1 HD13 sing N N 180 
ILE OXT HXT  sing N N 181 
LEU N   CA   sing N N 182 
LEU N   H    sing N N 183 
LEU N   H2   sing N N 184 
LEU CA  C    sing N N 185 
LEU CA  CB   sing N N 186 
LEU CA  HA   sing N N 187 
LEU C   O    doub N N 188 
LEU C   OXT  sing N N 189 
LEU CB  CG   sing N N 190 
LEU CB  HB2  sing N N 191 
LEU CB  HB3  sing N N 192 
LEU CG  CD1  sing N N 193 
LEU CG  CD2  sing N N 194 
LEU CG  HG   sing N N 195 
LEU CD1 HD11 sing N N 196 
LEU CD1 HD12 sing N N 197 
LEU CD1 HD13 sing N N 198 
LEU CD2 HD21 sing N N 199 
LEU CD2 HD22 sing N N 200 
LEU CD2 HD23 sing N N 201 
LEU OXT HXT  sing N N 202 
LYS N   CA   sing N N 203 
LYS N   H    sing N N 204 
LYS N   H2   sing N N 205 
LYS CA  C    sing N N 206 
LYS CA  CB   sing N N 207 
LYS CA  HA   sing N N 208 
LYS C   O    doub N N 209 
LYS C   OXT  sing N N 210 
LYS CB  CG   sing N N 211 
LYS CB  HB2  sing N N 212 
LYS CB  HB3  sing N N 213 
LYS CG  CD   sing N N 214 
LYS CG  HG2  sing N N 215 
LYS CG  HG3  sing N N 216 
LYS CD  CE   sing N N 217 
LYS CD  HD2  sing N N 218 
LYS CD  HD3  sing N N 219 
LYS CE  NZ   sing N N 220 
LYS CE  HE2  sing N N 221 
LYS CE  HE3  sing N N 222 
LYS NZ  HZ1  sing N N 223 
LYS NZ  HZ2  sing N N 224 
LYS NZ  HZ3  sing N N 225 
LYS OXT HXT  sing N N 226 
MET N   CA   sing N N 227 
MET N   H    sing N N 228 
MET N   H2   sing N N 229 
MET CA  C    sing N N 230 
MET CA  CB   sing N N 231 
MET CA  HA   sing N N 232 
MET C   O    doub N N 233 
MET C   OXT  sing N N 234 
MET CB  CG   sing N N 235 
MET CB  HB2  sing N N 236 
MET CB  HB3  sing N N 237 
MET CG  SD   sing N N 238 
MET CG  HG2  sing N N 239 
MET CG  HG3  sing N N 240 
MET SD  CE   sing N N 241 
MET CE  HE1  sing N N 242 
MET CE  HE2  sing N N 243 
MET CE  HE3  sing N N 244 
MET OXT HXT  sing N N 245 
PHE N   CA   sing N N 246 
PHE N   H    sing N N 247 
PHE N   H2   sing N N 248 
PHE CA  C    sing N N 249 
PHE CA  CB   sing N N 250 
PHE CA  HA   sing N N 251 
PHE C   O    doub N N 252 
PHE C   OXT  sing N N 253 
PHE CB  CG   sing N N 254 
PHE CB  HB2  sing N N 255 
PHE CB  HB3  sing N N 256 
PHE CG  CD1  doub Y N 257 
PHE CG  CD2  sing Y N 258 
PHE CD1 CE1  sing Y N 259 
PHE CD1 HD1  sing N N 260 
PHE CD2 CE2  doub Y N 261 
PHE CD2 HD2  sing N N 262 
PHE CE1 CZ   doub Y N 263 
PHE CE1 HE1  sing N N 264 
PHE CE2 CZ   sing Y N 265 
PHE CE2 HE2  sing N N 266 
PHE CZ  HZ   sing N N 267 
PHE OXT HXT  sing N N 268 
PRO N   CA   sing N N 269 
PRO N   CD   sing N N 270 
PRO N   H    sing N N 271 
PRO CA  C    sing N N 272 
PRO CA  CB   sing N N 273 
PRO CA  HA   sing N N 274 
PRO C   O    doub N N 275 
PRO C   OXT  sing N N 276 
PRO CB  CG   sing N N 277 
PRO CB  HB2  sing N N 278 
PRO CB  HB3  sing N N 279 
PRO CG  CD   sing N N 280 
PRO CG  HG2  sing N N 281 
PRO CG  HG3  sing N N 282 
PRO CD  HD2  sing N N 283 
PRO CD  HD3  sing N N 284 
PRO OXT HXT  sing N N 285 
SER N   CA   sing N N 286 
SER N   H    sing N N 287 
SER N   H2   sing N N 288 
SER CA  C    sing N N 289 
SER CA  CB   sing N N 290 
SER CA  HA   sing N N 291 
SER C   O    doub N N 292 
SER C   OXT  sing N N 293 
SER CB  OG   sing N N 294 
SER CB  HB2  sing N N 295 
SER CB  HB3  sing N N 296 
SER OG  HG   sing N N 297 
SER OXT HXT  sing N N 298 
THR N   CA   sing N N 299 
THR N   H    sing N N 300 
THR N   H2   sing N N 301 
THR CA  C    sing N N 302 
THR CA  CB   sing N N 303 
THR CA  HA   sing N N 304 
THR C   O    doub N N 305 
THR C   OXT  sing N N 306 
THR CB  OG1  sing N N 307 
THR CB  CG2  sing N N 308 
THR CB  HB   sing N N 309 
THR OG1 HG1  sing N N 310 
THR CG2 HG21 sing N N 311 
THR CG2 HG22 sing N N 312 
THR CG2 HG23 sing N N 313 
THR OXT HXT  sing N N 314 
TJL N2  C7   doub Y N 315 
TJL N2  O    sing Y N 316 
TJL C7  N1   sing Y N 317 
TJL O   C6   sing Y N 318 
TJL N1  C6   doub Y N 319 
TJL C6  C3   sing N N 320 
TJL C3  C2   doub Y N 321 
TJL C3  C4   sing Y N 322 
TJL C2  C1   sing Y N 323 
TJL C4  C5   doub Y N 324 
TJL C1  C    doub Y N 325 
TJL C5  C    sing Y N 326 
TJL C   N    sing N N 327 
TJL C4  H1   sing N N 328 
TJL C5  H2   sing N N 329 
TJL C7  H3   sing N N 330 
TJL N   H4   sing N N 331 
TJL N   H5   sing N N 332 
TJL C1  H6   sing N N 333 
TJL C2  H7   sing N N 334 
TRP N   CA   sing N N 335 
TRP N   H    sing N N 336 
TRP N   H2   sing N N 337 
TRP CA  C    sing N N 338 
TRP CA  CB   sing N N 339 
TRP CA  HA   sing N N 340 
TRP C   O    doub N N 341 
TRP C   OXT  sing N N 342 
TRP CB  CG   sing N N 343 
TRP CB  HB2  sing N N 344 
TRP CB  HB3  sing N N 345 
TRP CG  CD1  doub Y N 346 
TRP CG  CD2  sing Y N 347 
TRP CD1 NE1  sing Y N 348 
TRP CD1 HD1  sing N N 349 
TRP CD2 CE2  doub Y N 350 
TRP CD2 CE3  sing Y N 351 
TRP NE1 CE2  sing Y N 352 
TRP NE1 HE1  sing N N 353 
TRP CE2 CZ2  sing Y N 354 
TRP CE3 CZ3  doub Y N 355 
TRP CE3 HE3  sing N N 356 
TRP CZ2 CH2  doub Y N 357 
TRP CZ2 HZ2  sing N N 358 
TRP CZ3 CH2  sing Y N 359 
TRP CZ3 HZ3  sing N N 360 
TRP CH2 HH2  sing N N 361 
TRP OXT HXT  sing N N 362 
TYR N   CA   sing N N 363 
TYR N   H    sing N N 364 
TYR N   H2   sing N N 365 
TYR CA  C    sing N N 366 
TYR CA  CB   sing N N 367 
TYR CA  HA   sing N N 368 
TYR C   O    doub N N 369 
TYR C   OXT  sing N N 370 
TYR CB  CG   sing N N 371 
TYR CB  HB2  sing N N 372 
TYR CB  HB3  sing N N 373 
TYR CG  CD1  doub Y N 374 
TYR CG  CD2  sing Y N 375 
TYR CD1 CE1  sing Y N 376 
TYR CD1 HD1  sing N N 377 
TYR CD2 CE2  doub Y N 378 
TYR CD2 HD2  sing N N 379 
TYR CE1 CZ   doub Y N 380 
TYR CE1 HE1  sing N N 381 
TYR CE2 CZ   sing Y N 382 
TYR CE2 HE2  sing N N 383 
TYR CZ  OH   sing N N 384 
TYR OH  HH   sing N N 385 
TYR OXT HXT  sing N N 386 
VAL N   CA   sing N N 387 
VAL N   H    sing N N 388 
VAL N   H2   sing N N 389 
VAL CA  C    sing N N 390 
VAL CA  CB   sing N N 391 
VAL CA  HA   sing N N 392 
VAL C   O    doub N N 393 
VAL C   OXT  sing N N 394 
VAL CB  CG1  sing N N 395 
VAL CB  CG2  sing N N 396 
VAL CB  HB   sing N N 397 
VAL CG1 HG11 sing N N 398 
VAL CG1 HG12 sing N N 399 
VAL CG1 HG13 sing N N 400 
VAL CG2 HG21 sing N N 401 
VAL CG2 HG22 sing N N 402 
VAL CG2 HG23 sing N N 403 
VAL OXT HXT  sing N N 404 
# 
_pdbx_audit_support.funding_organization   
'National Institutes of Health/National Institute Of Allergy and Infectious Diseases (NIH/NIAID)' 
_pdbx_audit_support.country                'United States' 
_pdbx_audit_support.grant_number           U19AI171399 
_pdbx_audit_support.ordinal                1 
# 
_pdbx_deposit_group.group_id            G_1002288 
_pdbx_deposit_group.group_description   'Crystallographic fragment screening of Coxsackievirus A16 (G-10) 2A protease' 
_pdbx_deposit_group.group_title         
'Group deposition for crystallographic fragment screening of Coxsackievirus A16 (G-10) 2A protease' 
_pdbx_deposit_group.group_type          'changed state' 
# 
_atom_sites.entry_id                    7H3M 
_atom_sites.fract_transf_matrix[1][1]   -0.00306485 
_atom_sites.fract_transf_matrix[1][2]   0.01281493 
_atom_sites.fract_transf_matrix[1][3]   -0.00402092 
_atom_sites.fract_transf_matrix[2][1]   0.00797987 
_atom_sites.fract_transf_matrix[2][2]   0.00600929 
_atom_sites.fract_transf_matrix[2][3]   0.01306953 
_atom_sites.fract_transf_matrix[3][1]   0.02578746 
_atom_sites.fract_transf_matrix[3][2]   0.00260761 
_atom_sites.fract_transf_matrix[3][3]   -0.01694404 
_atom_sites.fract_transf_vector[1]      0.220107 
_atom_sites.fract_transf_vector[2]      0.136924 
_atom_sites.fract_transf_vector[3]      0.438388 
# 
loop_
_atom_type.symbol 
C  
N  
O  
S  
ZN 
# 
loop_
_atom_site.group_PDB 
_atom_site.id 
_atom_site.type_symbol 
_atom_site.label_atom_id 
_atom_site.label_alt_id 
_atom_site.label_comp_id 
_atom_site.label_asym_id 
_atom_site.label_entity_id 
_atom_site.label_seq_id 
_atom_site.pdbx_PDB_ins_code 
_atom_site.Cartn_x 
_atom_site.Cartn_y 
_atom_site.Cartn_z 
_atom_site.occupancy 
_atom_site.B_iso_or_equiv 
_atom_site.pdbx_formal_charge 
_atom_site.auth_seq_id 
_atom_site.auth_comp_id 
_atom_site.auth_asym_id 
_atom_site.auth_atom_id 
_atom_site.pdbx_PDB_model_num 
ATOM   1    N  N   . SER A 1 7   ? 7.051   4.067   -6.876  1.00 22.43  ? 7   SER A N   1 
ATOM   2    C  CA  . SER A 1 7   ? 6.118   5.150   -6.566  1.00 22.21  ? 7   SER A CA  1 
ATOM   3    C  C   . SER A 1 7   ? 4.696   4.690   -6.914  1.00 20.20  ? 7   SER A C   1 
ATOM   4    O  O   . SER A 1 7   ? 4.556   3.656   -7.594  1.00 21.11  ? 7   SER A O   1 
ATOM   5    C  CB  . SER A 1 7   ? 6.496   6.410   -7.307  1.00 26.97  ? 7   SER A CB  1 
ATOM   6    O  OG  . SER A 1 7   ? 6.412   6.184   -8.702  1.00 29.16  ? 7   SER A OG  1 
ATOM   7    N  N   . GLY A 1 8   ? 3.694   5.398   -6.419  1.00 16.69  ? 8   GLY A N   1 
ATOM   8    C  CA  . GLY A 1 8   ? 2.287   5.112   -6.757  1.00 15.27  ? 8   GLY A CA  1 
ATOM   9    C  C   . GLY A 1 8   ? 1.355   5.541   -5.649  1.00 15.99  ? 8   GLY A C   1 
ATOM   10   O  O   . GLY A 1 8   ? 1.766   5.609   -4.507  1.00 17.52  ? 8   GLY A O   1 
ATOM   11   N  N   . ALA A 1 9   ? 0.108   5.813   -5.972  1.00 15.31  ? 9   ALA A N   1 
ATOM   12   C  CA  . ALA A 1 9   ? -0.889  6.197   -4.966  1.00 16.09  ? 9   ALA A CA  1 
ATOM   13   C  C   . ALA A 1 9   ? -2.240  5.639   -5.350  1.00 15.27  ? 9   ALA A C   1 
ATOM   14   O  O   . ALA A 1 9   ? -2.469  5.324   -6.529  1.00 16.10  ? 9   ALA A O   1 
ATOM   15   C  CB  . ALA A 1 9   ? -0.972  7.693   -4.887  1.00 16.63  ? 9   ALA A CB  1 
ATOM   16   N  N   . ILE A 1 10  ? -3.138  5.629   -4.383  1.00 14.54  ? 10  ILE A N   1 
ATOM   17   C  CA  . ILE A 1 10  ? -4.579  5.353   -4.557  1.00 14.30  ? 10  ILE A CA  1 
ATOM   18   C  C   . ILE A 1 10  ? -5.323  6.673   -4.463  1.00 15.01  ? 10  ILE A C   1 
ATOM   19   O  O   . ILE A 1 10  ? -5.090  7.461   -3.505  1.00 16.08  ? 10  ILE A O   1 
ATOM   20   C  CB  . ILE A 1 10  ? -5.079  4.384   -3.469  1.00 15.03  ? 10  ILE A CB  1 
ATOM   21   C  CG1 . ILE A 1 10  ? -4.230  3.113   -3.356  1.00 15.21  ? 10  ILE A CG1 1 
ATOM   22   C  CG2 . ILE A 1 10  ? -6.539  4.065   -3.691  1.00 15.80  ? 10  ILE A CG2 1 
ATOM   23   C  CD1 . ILE A 1 10  ? -4.481  2.341   -2.101  1.00 14.90  ? 10  ILE A CD1 1 
ATOM   24   N  N   . TYR A 1 11  ? -6.263  6.890   -5.380  1.00 16.07  ? 11  TYR A N   1 
ATOM   25   C  CA  . TYR A 1 11  ? -7.089  8.110   -5.369  1.00 17.39  ? 11  TYR A CA  1 
ATOM   26   C  C   . TYR A 1 11  ? -8.553  7.712   -5.196  1.00 18.61  ? 11  TYR A C   1 
ATOM   27   O  O   . TYR A 1 11  ? -9.143  7.193   -6.152  1.00 21.95  ? 11  TYR A O   1 
ATOM   28   C  CB  . TYR A 1 11  ? -6.841  8.945   -6.615  1.00 17.85  ? 11  TYR A CB  1 
ATOM   29   C  CG  . TYR A 1 11  ? -5.421  9.448   -6.753  1.00 17.97  ? 11  TYR A CG  1 
ATOM   30   C  CD1 . TYR A 1 11  ? -4.995  10.578  -6.093  1.00 19.00  ? 11  TYR A CD1 1 
ATOM   31   C  CD2 . TYR A 1 11  ? -4.455  8.720   -7.435  1.00 17.74  ? 11  TYR A CD2 1 
ATOM   32   C  CE1 . TYR A 1 11  ? -3.684  11.031  -6.198  1.00 19.12  ? 11  TYR A CE1 1 
ATOM   33   C  CE2 . TYR A 1 11  ? -3.134  9.144   -7.525  1.00 20.01  ? 11  TYR A CE2 1 
ATOM   34   C  CZ  . TYR A 1 11  ? -2.738  10.309  -6.908  1.00 18.26  ? 11  TYR A CZ  1 
ATOM   35   O  OH  . TYR A 1 11  ? -1.417  10.670  -7.037  1.00 21.51  ? 11  TYR A OH  1 
ATOM   36   N  N   . VAL A 1 12  ? -9.114  7.943   -4.018  1.00 19.21  ? 12  VAL A N   1 
ATOM   37   C  CA  . VAL A 1 12  ? -10.533 7.602   -3.702  1.00 20.98  ? 12  VAL A CA  1 
ATOM   38   C  C   . VAL A 1 12  ? -11.174 8.830   -3.062  1.00 21.63  ? 12  VAL A C   1 
ATOM   39   O  O   . VAL A 1 12  ? -10.625 9.378   -2.062  1.00 20.65  ? 12  VAL A O   1 
ATOM   40   C  CB  . VAL A 1 12  ? -10.649 6.344   -2.800  1.00 21.00  ? 12  VAL A CB  1 
ATOM   41   C  CG1 . VAL A 1 12  ? -9.701  6.376   -1.625  1.00 21.61  ? 12  VAL A CG1 1 
ATOM   42   C  CG2 . VAL A 1 12  ? -12.077 6.138   -2.321  1.00 23.50  ? 12  VAL A CG2 1 
ATOM   43   N  N   . GLY A 1 13  ? -12.308 9.287   -3.607  1.00 24.15  ? 13  GLY A N   1 
ATOM   44   C  CA  . GLY A 1 13  ? -12.960 10.510  -3.110  1.00 24.03  ? 13  GLY A CA  1 
ATOM   45   C  C   . GLY A 1 13  ? -11.984 11.682  -3.105  1.00 20.51  ? 13  GLY A C   1 
ATOM   46   O  O   . GLY A 1 13  ? -11.254 11.866  -4.072  1.00 23.18  ? 13  GLY A O   1 
ATOM   47   N  N   . ASN A 1 14  ? -11.921 12.393  -1.997  1.00 22.89  ? 14  ASN A N   1 
ATOM   48   C  CA  . ASN A 1 14  ? -10.956 13.509  -1.790  1.00 25.64  ? 14  ASN A CA  1 
ATOM   49   C  C   . ASN A 1 14  ? -9.740  13.010  -1.009  1.00 23.79  ? 14  ASN A C   1 
ATOM   50   O  O   . ASN A 1 14  ? -9.149  13.799  -0.272  1.00 24.83  ? 14  ASN A O   1 
ATOM   51   C  CB  . ASN A 1 14  ? -11.655 14.698  -1.146  1.00 25.84  ? 14  ASN A CB  1 
ATOM   52   C  CG  . ASN A 1 14  ? -12.588 15.336  -2.149  1.00 30.39  ? 14  ASN A CG  1 
ATOM   53   O  OD1 . ASN A 1 14  ? -12.143 15.953  -3.120  1.00 35.64  ? 14  ASN A OD1 1 
ATOM   54   N  ND2 . ASN A 1 14  ? -13.869 15.100  -1.974  1.00 31.73  ? 14  ASN A ND2 1 
ATOM   55   N  N   . TYR A 1 15  ? -9.323  11.763  -1.245  1.00 20.18  ? 15  TYR A N   1 
ATOM   56   C  CA  . TYR A 1 15  ? -8.183  11.178  -0.519  1.00 18.59  ? 15  TYR A CA  1 
ATOM   57   C  C   . TYR A 1 15  ? -7.141  10.679  -1.503  1.00 17.87  ? 15  TYR A C   1 
ATOM   58   O  O   . TYR A 1 15  ? -7.448  10.133  -2.571  1.00 17.91  ? 15  TYR A O   1 
ATOM   59   C  CB  . TYR A 1 15  ? -8.618  10.041  0.404   1.00 20.12  ? 15  TYR A CB  1 
ATOM   60   C  CG  . TYR A 1 15  ? -9.548  10.430  1.518   1.00 21.49  ? 15  TYR A CG  1 
ATOM   61   C  CD1 . TYR A 1 15  ? -9.198  11.431  2.424   1.00 22.47  ? 15  TYR A CD1 1 
ATOM   62   C  CD2 . TYR A 1 15  ? -10.797 9.831   1.660   1.00 22.11  ? 15  TYR A CD2 1 
ATOM   63   C  CE1 . TYR A 1 15  ? -10.034 11.790  3.464   1.00 24.54  ? 15  TYR A CE1 1 
ATOM   64   C  CE2 . TYR A 1 15  ? -11.629 10.161  2.721   1.00 25.17  ? 15  TYR A CE2 1 
ATOM   65   C  CZ  . TYR A 1 15  ? -11.255 11.149  3.619   1.00 23.13  ? 15  TYR A CZ  1 
ATOM   66   O  OH  . TYR A 1 15  ? -12.089 11.504  4.652   1.00 25.94  ? 15  TYR A OH  1 
ATOM   67   N  N   . ARG A 1 16  ? -5.891  10.860  -1.101  1.00 16.80  ? 16  ARG A N   1 
ATOM   68   C  CA  . ARG A 1 16  ? -4.725  10.263  -1.773  1.00 15.47  ? 16  ARG A CA  1 
ATOM   69   C  C   . ARG A 1 16  ? -4.066  9.365   -0.729  1.00 16.23  ? 16  ARG A C   1 
ATOM   70   O  O   . ARG A 1 16  ? -3.662  9.875   0.300   1.00 15.30  ? 16  ARG A O   1 
ATOM   71   C  CB  . ARG A 1 16  ? -3.796  11.374  -2.249  1.00 17.13  ? 16  ARG A CB  1 
ATOM   72   C  CG  . ARG A 1 16  ? -2.396  10.956  -2.684  1.00 17.66  ? 16  ARG A CG  1 
ATOM   73   C  CD  . ARG A 1 16  ? -1.647  12.155  -3.246  1.00 19.37  ? 16  ARG A CD  1 
ATOM   74   N  NE  . ARG A 1 16  ? -0.235  12.128  -2.944  1.00 19.29  ? 16  ARG A NE  1 
ATOM   75   C  CZ  . ARG A 1 16  ? 0.736   11.618  -3.693  1.00 18.19  ? 16  ARG A CZ  1 
ATOM   76   N  NH1 . ARG A 1 16  ? 0.497   11.041  -4.871  1.00 19.27  ? 16  ARG A NH1 1 
ATOM   77   N  NH2 . ARG A 1 16  ? 1.983   11.679  -3.257  1.00 19.13  ? 16  ARG A NH2 1 
ATOM   78   N  N   . VAL A 1 17  ? -3.892  8.087   -1.044  1.00 15.03  ? 17  VAL A N   1 
ATOM   79   C  CA  . VAL A 1 17  ? -3.208  7.114   -0.167  1.00 14.80  ? 17  VAL A CA  1 
ATOM   80   C  C   . VAL A 1 17  ? -1.858  6.811   -0.765  1.00 14.54  ? 17  VAL A C   1 
ATOM   81   O  O   . VAL A 1 17  ? -1.811  6.299   -1.931  1.00 15.24  ? 17  VAL A O   1 
ATOM   82   C  CB  . VAL A 1 17  ? -4.039  5.837   -0.011  1.00 15.19  ? 17  VAL A CB  1 
ATOM   83   C  CG1 . VAL A 1 17  ? -3.452  4.975   1.098   1.00 16.42  ? 17  VAL A CG1 1 
ATOM   84   C  CG2 . VAL A 1 17  ? -5.486  6.173   0.220   1.00 15.33  ? 17  VAL A CG2 1 
ATOM   85   N  N   . VAL A 1 18  ? -0.806  7.013   0.022   1.00 13.41  ? 18  VAL A N   1 
ATOM   86   C  CA  . VAL A 1 18  ? 0.591   6.748   -0.381  1.00 13.69  ? 18  VAL A CA  1 
ATOM   87   C  C   . VAL A 1 18  ? 1.324   5.957   0.699   1.00 12.95  ? 18  VAL A C   1 
ATOM   88   O  O   . VAL A 1 18  ? 0.876   5.926   1.873   1.00 14.00  ? 18  VAL A O   1 
ATOM   89   C  CB  . VAL A 1 18  ? 1.345   8.050   -0.677  1.00 14.99  ? 18  VAL A CB  1 
ATOM   90   C  CG1 . VAL A 1 18  ? 0.771   8.666   -1.923  1.00 18.24  ? 18  VAL A CG1 1 
ATOM   91   C  CG2 . VAL A 1 18  ? 1.249   9.041   0.483   1.00 15.61  ? 18  VAL A CG2 1 
ATOM   92   N  N   . ASN A 1 19  ? 2.444   5.419   0.306   1.00 12.17  ? 19  ASN A N   1 
ATOM   93   C  CA  . ASN A 1 19  ? 3.440   4.935   1.293   1.00 13.32  ? 19  ASN A CA  1 
ATOM   94   C  C   . ASN A 1 19  ? 3.864   6.102   2.172   1.00 13.90  ? 19  ASN A C   1 
ATOM   95   O  O   . ASN A 1 19  ? 4.238   7.148   1.625   1.00 14.01  ? 19  ASN A O   1 
ATOM   96   C  CB  . ASN A 1 19  ? 4.650   4.315   0.623   1.00 13.40  ? 19  ASN A CB  1 
ATOM   97   C  CG  . ASN A 1 19  ? 4.302   3.101   -0.207  1.00 13.42  ? 19  ASN A CG  1 
ATOM   98   O  OD1 . ASN A 1 19  ? 4.063   3.179   -1.417  1.00 13.76  ? 19  ASN A OD1 1 
ATOM   99   N  ND2 . ASN A 1 19  ? 4.268   1.968   0.452   1.00 13.55  ? 19  ASN A ND2 1 
ATOM   100  N  N   . ARG A 1 20  ? 3.778   5.931   3.493   1.00 13.95  ? 20  ARG A N   1 
ATOM   101  C  CA  . ARG A 1 20  ? 4.155   7.015   4.422   1.00 14.02  ? 20  ARG A CA  1 
ATOM   102  C  C   . ARG A 1 20  ? 5.591   7.440   4.096   1.00 14.91  ? 20  ARG A C   1 
ATOM   103  O  O   . ARG A 1 20  ? 5.849   8.673   4.090   1.00 14.91  ? 20  ARG A O   1 
ATOM   104  C  CB  . ARG A 1 20  ? 4.011   6.543   5.861   1.00 12.79  ? 20  ARG A CB  1 
ATOM   105  C  CG  . ARG A 1 20  ? 4.173   7.661   6.873   1.00 13.14  ? 20  ARG A CG  1 
ATOM   106  C  CD  . ARG A 1 20  ? 4.140   7.007   8.225   1.00 14.76  ? 20  ARG A CD  1 
ATOM   107  N  NE  . ARG A 1 20  ? 4.185   7.943   9.346   1.00 15.70  ? 20  ARG A NE  1 
ATOM   108  C  CZ  . ARG A 1 20  ? 5.284   8.480   9.833   1.00 15.67  ? 20  ARG A CZ  1 
ATOM   109  N  NH1 . ARG A 1 20  ? 6.459   8.271   9.268   1.00 19.50  ? 20  ARG A NH1 1 
ATOM   110  N  NH2 . ARG A 1 20  ? 5.184   9.267   10.906  1.00 17.92  ? 20  ARG A NH2 1 
ATOM   111  N  N   . HIS A 1 21  ? 6.502   6.529   3.738   1.00 15.88  ? 21  HIS A N   1 
ATOM   112  C  CA  . HIS A 1 21  ? 7.924   6.894   3.530   1.00 16.67  ? 21  HIS A CA  1 
ATOM   113  C  C   . HIS A 1 21  ? 8.134   7.637   2.220   1.00 17.36  ? 21  HIS A C   1 
ATOM   114  O  O   . HIS A 1 21  ? 9.228   8.210   2.074   1.00 19.80  ? 21  HIS A O   1 
ATOM   115  C  CB  . HIS A 1 21  ? 8.908   5.726   3.576   1.00 18.38  ? 21  HIS A CB  1 
ATOM   116  C  CG  . HIS A 1 21  ? 8.730   4.667   2.541   1.00 19.04  ? 21  HIS A CG  1 
ATOM   117  N  ND1 . HIS A 1 21  ? 9.513   4.563   1.413   1.00 22.61  ? 21  HIS A ND1 1 
ATOM   118  C  CD2 . HIS A 1 21  ? 7.833   3.656   2.473   1.00 17.03  ? 21  HIS A CD2 1 
ATOM   119  C  CE1 . HIS A 1 21  ? 9.110   3.515   0.700   1.00 19.04  ? 21  HIS A CE1 1 
ATOM   120  N  NE2 . HIS A 1 21  ? 8.076   2.965   1.327   1.00 19.81  ? 21  HIS A NE2 1 
ATOM   121  N  N   . LEU A 1 22  ? 7.172   7.625   1.303   1.00 15.53  ? 22  LEU A N   1 
ATOM   122  C  CA  . LEU A 1 22  ? 7.247   8.350   0.012   1.00 17.43  ? 22  LEU A CA  1 
ATOM   123  C  C   . LEU A 1 22  ? 6.367   9.604   0.055   1.00 16.10  ? 22  LEU A C   1 
ATOM   124  O  O   . LEU A 1 22  ? 6.325   10.327  -0.984  1.00 18.96  ? 22  LEU A O   1 
ATOM   125  C  CB  . LEU A 1 22  ? 6.873   7.415   -1.147  1.00 16.83  ? 22  LEU A CB  1 
ATOM   126  C  CG  . LEU A 1 22  ? 7.733   6.164   -1.299  1.00 19.93  ? 22  LEU A CG  1 
ATOM   127  C  CD1 . LEU A 1 22  ? 7.341   5.332   -2.528  1.00 18.17  ? 22  LEU A CD1 1 
ATOM   128  C  CD2 . LEU A 1 22  ? 9.200   6.519   -1.383  1.00 20.51  ? 22  LEU A CD2 1 
ATOM   129  N  N   . ALA A 1 23  ? 5.646   9.885   1.148   1.00 16.51  ? 23  ALA A N   1 
ATOM   130  C  CA  . ALA A 1 23  ? 4.751   11.056  1.199   1.00 17.09  ? 23  ALA A CA  1 
ATOM   131  C  C   . ALA A 1 23  ? 5.563   12.342  0.965   1.00 16.76  ? 23  ALA A C   1 
ATOM   132  O  O   . ALA A 1 23  ? 6.683   12.450  1.507   1.00 16.48  ? 23  ALA A O   1 
ATOM   133  C  CB  . ALA A 1 23  ? 4.043   11.134  2.520   1.00 17.04  ? 23  ALA A CB  1 
ATOM   134  N  N   . THR A 1 24  ? 4.984   13.267  0.225   1.00 16.84  ? 24  THR A N   1 
ATOM   135  C  CA  . THR A 1 24  ? 5.639   14.564  -0.110  1.00 17.84  ? 24  THR A CA  1 
ATOM   136  C  C   . THR A 1 24  ? 5.354   15.580  0.989   1.00 17.30  ? 24  THR A C   1 
ATOM   137  O  O   . THR A 1 24  ? 4.513   15.333  1.826   1.00 17.19  ? 24  THR A O   1 
ATOM   138  C  CB  . THR A 1 24  ? 5.169   15.075  -1.468  1.00 17.73  ? 24  THR A CB  1 
ATOM   139  O  OG1 . THR A 1 24  ? 3.813   15.419  -1.281  1.00 18.92  ? 24  THR A OG1 1 
ATOM   140  C  CG2 . THR A 1 24  ? 5.396   14.048  -2.546  1.00 18.71  ? 24  THR A CG2 1 
ATOM   141  N  N   . HIS A 1 25  ? 6.024   16.741  0.958   0.50 18.00  ? 25  HIS A N   1 
ATOM   142  C  CA  . HIS A 1 25  ? 5.719   17.855  1.895   0.50 17.92  ? 25  HIS A CA  1 
ATOM   143  C  C   . HIS A 1 25  ? 4.248   18.258  1.720   0.50 16.85  ? 25  HIS A C   1 
ATOM   144  O  O   . HIS A 1 25  ? 3.585   18.528  2.730   0.50 17.63  ? 25  HIS A O   1 
ATOM   145  C  CB  . HIS A 1 25  ? 6.702   19.029  1.722   0.50 17.93  ? 25  HIS A CB  1 
ATOM   146  C  CG  . HIS A 1 25  ? 8.027   18.816  2.375   0.50 18.80  ? 25  HIS A CG  1 
ATOM   147  N  ND1 . HIS A 1 25  ? 8.750   17.644  2.228   0.50 20.61  ? 25  HIS A ND1 1 
ATOM   148  C  CD2 . HIS A 1 25  ? 8.789   19.633  3.139   0.50 18.64  ? 25  HIS A CD2 1 
ATOM   149  C  CE1 . HIS A 1 25  ? 9.884   17.743  2.900   0.50 20.00  ? 25  HIS A CE1 1 
ATOM   150  N  NE2 . HIS A 1 25  ? 9.928   18.953  3.465   0.50 17.46  ? 25  HIS A NE2 1 
ATOM   151  N  N   . ASN A 1 26  ? 3.732   18.237  0.488   1.00 17.67  ? 26  ASN A N   1 
ATOM   152  C  CA  . ASN A 1 26  ? 2.313   18.595  0.243   1.00 19.25  ? 26  ASN A CA  1 
ATOM   153  C  C   . ASN A 1 26  ? 1.364   17.585  0.896   1.00 14.77  ? 26  ASN A C   1 
ATOM   154  O  O   . ASN A 1 26  ? 0.325   17.958  1.480   1.00 16.93  ? 26  ASN A O   1 
ATOM   155  C  CB  . ASN A 1 26  ? 2.023   18.600  -1.245  1.00 19.49  ? 26  ASN A CB  1 
ATOM   156  C  CG  . ASN A 1 26  ? 0.812   19.429  -1.554  1.00 30.23  ? 26  ASN A CG  1 
ATOM   157  O  OD1 . ASN A 1 26  ? 0.835   20.627  -1.297  1.00 35.67  ? 26  ASN A OD1 1 
ATOM   158  N  ND2 . ASN A 1 26  ? -0.253  18.784  -2.019  1.00 35.64  ? 26  ASN A ND2 1 
ATOM   159  N  N   . ASP A 1 27  ? 1.765   16.311  0.839   1.00 17.29  ? 27  ASP A N   1 
ATOM   160  C  CA  . ASP A 1 27  ? 0.982   15.239  1.507   1.00 16.15  ? 27  ASP A CA  1 
ATOM   161  C  C   . ASP A 1 27  ? 0.905   15.575  3.004   1.00 14.12  ? 27  ASP A C   1 
ATOM   162  O  O   . ASP A 1 27  ? -0.183  15.498  3.594   1.00 16.66  ? 27  ASP A O   1 
ATOM   163  C  CB  . ASP A 1 27  ? 1.613   13.864  1.269   1.00 17.34  ? 27  ASP A CB  1 
ATOM   164  C  CG  . ASP A 1 27  ? 1.364   13.286  -0.127  1.00 16.90  ? 27  ASP A CG  1 
ATOM   165  O  OD1 . ASP A 1 27  ? 0.236   13.474  -0.630  1.00 18.43  ? 27  ASP A OD1 1 
ATOM   166  O  OD2 . ASP A 1 27  ? 2.288   12.641  -0.667  1.00 17.10  ? 27  ASP A OD2 1 
ATOM   167  N  N   . TRP A 1 28  ? 2.084   15.841  3.597   1.00 17.35  ? 28  TRP A N   1 
ATOM   168  C  CA  . TRP A 1 28  ? 2.180   16.150  5.046   1.00 17.08  ? 28  TRP A CA  1 
ATOM   169  C  C   . TRP A 1 28  ? 1.428   17.451  5.389   1.00 16.91  ? 28  TRP A C   1 
ATOM   170  O  O   . TRP A 1 28  ? 0.773   17.512  6.425   1.00 16.97  ? 28  TRP A O   1 
ATOM   171  C  CB  . TRP A 1 28  ? 3.653   16.172  5.457   1.00 16.23  ? 28  TRP A CB  1 
ATOM   172  C  CG  . TRP A 1 28  ? 4.227   14.814  5.713   1.00 15.55  ? 28  TRP A CG  1 
ATOM   173  C  CD1 . TRP A 1 28  ? 5.115   14.144  4.934   1.00 17.09  ? 28  TRP A CD1 1 
ATOM   174  C  CD2 . TRP A 1 28  ? 3.988   14.011  6.869   1.00 15.91  ? 28  TRP A CD2 1 
ATOM   175  N  NE1 . TRP A 1 28  ? 5.425   12.938  5.528   1.00 16.73  ? 28  TRP A NE1 1 
ATOM   176  C  CE2 . TRP A 1 28  ? 4.727   12.819  6.693   1.00 15.96  ? 28  TRP A CE2 1 
ATOM   177  C  CE3 . TRP A 1 28  ? 3.211   14.179  8.012   1.00 15.80  ? 28  TRP A CE3 1 
ATOM   178  C  CZ2 . TRP A 1 28  ? 4.730   11.802  7.662   1.00 16.46  ? 28  TRP A CZ2 1 
ATOM   179  C  CZ3 . TRP A 1 28  ? 3.178   13.155  8.944   1.00 17.10  ? 28  TRP A CZ3 1 
ATOM   180  C  CH2 . TRP A 1 28  ? 3.949   12.002  8.766   1.00 15.35  ? 28  TRP A CH2 1 
ATOM   181  N  N   . ALA A 1 29  ? 1.491   18.428  4.500   1.00 19.48  ? 29  ALA A N   1 
ATOM   182  C  CA  . ALA A 1 29  ? 0.790   19.714  4.726   1.00 22.21  ? 29  ALA A CA  1 
ATOM   183  C  C   . ALA A 1 29  ? -0.729  19.499  4.657   1.00 23.83  ? 29  ALA A C   1 
ATOM   184  O  O   . ALA A 1 29  ? -1.490  20.276  5.268   1.00 23.73  ? 29  ALA A O   1 
ATOM   185  C  CB  . ALA A 1 29  ? 1.233   20.682  3.684   1.00 22.11  ? 29  ALA A CB  1 
ATOM   186  N  N   . ASN A 1 30  ? -1.152  18.462  3.929   1.00 21.43  ? 30  ASN A N   1 
ATOM   187  C  CA  . ASN A 1 30  ? -2.586  18.134  3.696   1.00 21.32  ? 30  ASN A CA  1 
ATOM   188  C  C   . ASN A 1 30  ? -2.908  16.820  4.425   1.00 19.25  ? 30  ASN A C   1 
ATOM   189  O  O   . ASN A 1 30  ? -3.829  16.084  4.000   1.00 17.74  ? 30  ASN A O   1 
ATOM   190  C  CB  . ASN A 1 30  ? -2.864  18.061  2.193   1.00 18.74  ? 30  ASN A CB  1 
ATOM   191  C  CG  . ASN A 1 30  ? -2.837  19.437  1.543   1.00 20.45  ? 30  ASN A CG  1 
ATOM   192  O  OD1 . ASN A 1 30  ? -3.774  20.195  1.765   1.00 24.07  ? 30  ASN A OD1 1 
ATOM   193  N  ND2 . ASN A 1 30  ? -1.778  19.742  0.818   1.00 22.66  ? 30  ASN A ND2 1 
ATOM   194  N  N   . LEU A 1 31  ? -2.199  16.536  5.525   1.00 18.14  ? 31  LEU A N   1 
ATOM   195  C  CA  . LEU A 1 31  ? -2.333  15.236  6.228   1.00 20.01  ? 31  LEU A CA  1 
ATOM   196  C  C   . LEU A 1 31  ? -3.766  15.029  6.724   1.00 20.11  ? 31  LEU A C   1 
ATOM   197  O  O   . LEU A 1 31  ? -4.337  15.918  7.362   1.00 21.43  ? 31  LEU A O   1 
ATOM   198  C  CB  . LEU A 1 31  ? -1.342  15.224  7.392   1.00 20.67  ? 31  LEU A CB  1 
ATOM   199  C  CG  . LEU A 1 31  ? -1.414  13.972  8.255   1.00 20.10  ? 31  LEU A CG  1 
ATOM   200  C  CD1 . LEU A 1 31  ? -0.950  12.749  7.457   1.00 17.99  ? 31  LEU A CD1 1 
ATOM   201  C  CD2 . LEU A 1 31  ? -0.604  14.136  9.518   1.00 21.49  ? 31  LEU A CD2 1 
ATOM   202  N  N   . VAL A 1 32  ? -4.365  13.868  6.439   1.00 18.00  ? 32  VAL A N   1 
ATOM   203  C  CA  . VAL A 1 32  ? -5.645  13.404  7.041   1.00 18.92  ? 32  VAL A CA  1 
ATOM   204  C  C   . VAL A 1 32  ? -5.342  12.365  8.133   1.00 19.90  ? 32  VAL A C   1 
ATOM   205  O  O   . VAL A 1 32  ? -5.906  12.431  9.232   1.00 21.57  ? 32  VAL A O   1 
ATOM   206  C  CB  . VAL A 1 32  ? -6.567  12.800  5.980   1.00 20.41  ? 32  VAL A CB  1 
ATOM   207  C  CG1 . VAL A 1 32  ? -7.805  12.173  6.584   1.00 19.31  ? 32  VAL A CG1 1 
ATOM   208  C  CG2 . VAL A 1 32  ? -6.930  13.843  4.947   1.00 20.43  ? 32  VAL A CG2 1 
ATOM   209  N  N   . TRP A 1 33  ? -4.506  11.392  7.807   1.00 19.68  ? 33  TRP A N   1 
ATOM   210  C  CA  . TRP A 1 33  ? -4.252  10.241  8.696   1.00 18.50  ? 33  TRP A CA  1 
ATOM   211  C  C   . TRP A 1 33  ? -2.926  9.615   8.300   1.00 16.29  ? 33  TRP A C   1 
ATOM   212  O  O   . TRP A 1 33  ? -2.637  9.539   7.087   1.00 17.80  ? 33  TRP A O   1 
ATOM   213  C  CB  . TRP A 1 33  ? -5.405  9.247   8.668   1.00 18.96  ? 33  TRP A CB  1 
ATOM   214  C  CG  . TRP A 1 33  ? -5.163  7.952   9.388   1.00 19.84  ? 33  TRP A CG  1 
ATOM   215  C  CD1 . TRP A 1 33  ? -5.360  7.684   10.712  1.00 20.22  ? 33  TRP A CD1 1 
ATOM   216  C  CD2 . TRP A 1 33  ? -4.604  6.744   8.833   1.00 18.59  ? 33  TRP A CD2 1 
ATOM   217  N  NE1 . TRP A 1 33  ? -5.015  6.383   10.987  1.00 22.07  ? 33  TRP A NE1 1 
ATOM   218  C  CE2 . TRP A 1 33  ? -4.581  5.771   9.847   1.00 19.79  ? 33  TRP A CE2 1 
ATOM   219  C  CE3 . TRP A 1 33  ? -4.252  6.354   7.546   1.00 19.19  ? 33  TRP A CE3 1 
ATOM   220  C  CZ2 . TRP A 1 33  ? -4.179  4.453   9.621   1.00 19.33  ? 33  TRP A CZ2 1 
ATOM   221  C  CZ3 . TRP A 1 33  ? -3.838  5.057   7.320   1.00 19.02  ? 33  TRP A CZ3 1 
ATOM   222  C  CH2 . TRP A 1 33  ? -3.796  4.117   8.347   1.00 20.25  ? 33  TRP A CH2 1 
ATOM   223  N  N   . GLU A 1 34  ? -2.143  9.183   9.287   1.00 16.48  ? 34  GLU A N   1 
ATOM   224  C  CA  . GLU A 1 34  ? -0.894  8.436   9.032   1.00 15.89  ? 34  GLU A CA  1 
ATOM   225  C  C   . GLU A 1 34  ? -0.664  7.427   10.146  1.00 15.17  ? 34  GLU A C   1 
ATOM   226  O  O   . GLU A 1 34  ? -1.094  7.668   11.289  1.00 15.69  ? 34  GLU A O   1 
ATOM   227  C  CB  . GLU A 1 34  ? 0.340   9.331   8.804   1.00 15.16  ? 34  GLU A CB  1 
ATOM   228  C  CG  . GLU A 1 34  ? 0.661   10.274  9.969   1.00 16.26  ? 34  GLU A CG  1 
ATOM   229  C  CD  . GLU A 1 34  ? 1.369   9.658   11.166  1.00 16.17  ? 34  GLU A CD  1 
ATOM   230  O  OE1 . GLU A 1 34  ? 1.117   10.126  12.321  1.00 18.43  ? 34  GLU A OE1 1 
ATOM   231  O  OE2 . GLU A 1 34  ? 2.162   8.758   10.963  1.00 16.10  ? 34  GLU A OE2 1 
ATOM   232  N  N   . ASP A 1 35  ? -0.114  6.291   9.783   1.00 15.63  ? 35  ASP A N   1 
ATOM   233  C  CA  . ASP A 1 35  ? 0.274   5.220   10.727  1.00 16.61  ? 35  ASP A CA  1 
ATOM   234  C  C   . ASP A 1 35  ? 1.658   4.748   10.332  1.00 16.79  ? 35  ASP A C   1 
ATOM   235  O  O   . ASP A 1 35  ? 1.819   4.126   9.263   1.00 15.10  ? 35  ASP A O   1 
ATOM   236  C  CB  . ASP A 1 35  ? -0.808  4.152   10.752  1.00 17.26  ? 35  ASP A CB  1 
ATOM   237  C  CG  . ASP A 1 35  ? -0.541  3.105   11.808  1.00 19.95  ? 35  ASP A CG  1 
ATOM   238  O  OD1 . ASP A 1 35  ? 0.652   2.789   12.012  1.00 23.10  ? 35  ASP A OD1 1 
ATOM   239  O  OD2 . ASP A 1 35  ? -1.526  2.610   12.375  1.00 22.64  ? 35  ASP A OD2 1 
ATOM   240  N  N   A SER A 1 36  ? 2.658   5.080   11.149  0.25 16.32  ? 36  SER A N   1 
ATOM   241  N  N   B SER A 1 36  ? 2.644   5.049   11.187  0.25 16.98  ? 36  SER A N   1 
ATOM   242  C  CA  A SER A 1 36  ? 4.065   4.693   10.902  0.25 17.44  ? 36  SER A CA  1 
ATOM   243  C  CA  B SER A 1 36  ? 4.083   4.732   10.987  0.25 18.64  ? 36  SER A CA  1 
ATOM   244  C  C   A SER A 1 36  ? 4.138   3.167   10.820  0.25 18.47  ? 36  SER A C   1 
ATOM   245  C  C   B SER A 1 36  ? 4.281   3.209   10.983  0.25 19.55  ? 36  SER A C   1 
ATOM   246  O  O   A SER A 1 36  ? 4.730   2.658   9.845   0.25 19.58  ? 36  SER A O   1 
ATOM   247  O  O   B SER A 1 36  ? 5.167   2.738   10.255  0.25 22.20  ? 36  SER A O   1 
ATOM   248  C  CB  A SER A 1 36  ? 4.985   5.209   11.960  0.25 17.84  ? 36  SER A CB  1 
ATOM   249  C  CB  B SER A 1 36  ? 4.962   5.407   12.026  0.25 19.55  ? 36  SER A CB  1 
ATOM   250  O  OG  A SER A 1 36  ? 6.328   5.000   11.562  0.25 17.48  ? 36  SER A OG  1 
ATOM   251  O  OG  B SER A 1 36  ? 4.480   5.221   13.353  0.25 19.89  ? 36  SER A OG  1 
ATOM   252  N  N   . SER A 1 37  ? 3.470   2.485   11.755  1.00 18.84  ? 37  SER A N   1 
ATOM   253  C  CA  . SER A 1 37  ? 3.537   1.001   11.854  1.00 19.98  ? 37  SER A CA  1 
ATOM   254  C  C   . SER A 1 37  ? 2.963   0.348   10.592  1.00 20.97  ? 37  SER A C   1 
ATOM   255  O  O   . SER A 1 37  ? 3.298   -0.796  10.343  1.00 23.54  ? 37  SER A O   1 
ATOM   256  C  CB  . SER A 1 37  ? 2.855   0.504   13.082  1.00 21.26  ? 37  SER A CB  1 
ATOM   257  O  OG  . SER A 1 37  ? 1.449   0.533   12.953  1.00 25.25  ? 37  SER A OG  1 
ATOM   258  N  N   . ARG A 1 38  ? 2.156   1.065   9.805   1.00 17.57  ? 38  ARG A N   1 
ATOM   259  C  CA  . ARG A 1 38  ? 1.533   0.508   8.569   1.00 17.01  ? 38  ARG A CA  1 
ATOM   260  C  C   . ARG A 1 38  ? 2.238   1.013   7.306   1.00 16.63  ? 38  ARG A C   1 
ATOM   261  O  O   . ARG A 1 38  ? 1.902   0.501   6.247   1.00 15.67  ? 38  ARG A O   1 
ATOM   262  C  CB  . ARG A 1 38  ? 0.059   0.863   8.493   1.00 17.39  ? 38  ARG A CB  1 
ATOM   263  C  CG  . ARG A 1 38  ? -0.792  0.234   9.584   1.00 17.05  ? 38  ARG A CG  1 
ATOM   264  C  CD  . ARG A 1 38  ? -2.201  0.669   9.466   1.00 18.13  ? 38  ARG A CD  1 
ATOM   265  N  NE  . ARG A 1 38  ? -2.889  0.103   8.308   1.00 16.66  ? 38  ARG A NE  1 
ATOM   266  C  CZ  . ARG A 1 38  ? -4.175  -0.222  8.256   1.00 17.07  ? 38  ARG A CZ  1 
ATOM   267  N  NH1 . ARG A 1 38  ? -4.973  0.004   9.285   1.00 18.21  ? 38  ARG A NH1 1 
ATOM   268  N  NH2 . ARG A 1 38  ? -4.690  -0.739  7.157   1.00 17.76  ? 38  ARG A NH2 1 
ATOM   269  N  N   . ASP A 1 39  ? 3.152   1.984   7.420   1.00 15.21  ? 39  ASP A N   1 
ATOM   270  C  CA  . ASP A 1 39  ? 3.739   2.645   6.230   1.00 14.97  ? 39  ASP A CA  1 
ATOM   271  C  C   . ASP A 1 39  ? 2.667   3.293   5.363   1.00 13.82  ? 39  ASP A C   1 
ATOM   272  O  O   . ASP A 1 39  ? 2.850   3.277   4.133   1.00 14.47  ? 39  ASP A O   1 
ATOM   273  C  CB  . ASP A 1 39  ? 4.569   1.682   5.367   1.00 15.96  ? 39  ASP A CB  1 
ATOM   274  C  CG  . ASP A 1 39  ? 5.298   2.374   4.219   1.00 17.42  ? 39  ASP A CG  1 
ATOM   275  O  OD1 . ASP A 1 39  ? 5.767   3.535   4.409   1.00 16.27  ? 39  ASP A OD1 1 
ATOM   276  O  OD2 . ASP A 1 39  ? 5.364   1.785   3.103   1.00 16.31  ? 39  ASP A OD2 1 
ATOM   277  N  N   . LEU A 1 40  ? 1.604   3.836   5.943   1.00 14.06  ? 40  LEU A N   1 
ATOM   278  C  CA  . LEU A 1 40  ? 0.533   4.496   5.171   1.00 13.44  ? 40  LEU A CA  1 
ATOM   279  C  C   . LEU A 1 40  ? 0.404   5.950   5.596   1.00 13.97  ? 40  LEU A C   1 
ATOM   280  O  O   . LEU A 1 40  ? 0.497   6.241   6.811   1.00 13.47  ? 40  LEU A O   1 
ATOM   281  C  CB  . LEU A 1 40  ? -0.813  3.816   5.365   1.00 14.88  ? 40  LEU A CB  1 
ATOM   282  C  CG  . LEU A 1 40  ? -1.002  2.460   4.707   1.00 14.46  ? 40  LEU A CG  1 
ATOM   283  C  CD1 . LEU A 1 40  ? -2.425  2.011   4.959   1.00 16.35  ? 40  LEU A CD1 1 
ATOM   284  C  CD2 . LEU A 1 40  ? -0.702  2.520   3.211   1.00 14.50  ? 40  LEU A CD2 1 
ATOM   285  N  N   . LEU A 1 41  ? 0.076   6.782   4.630   1.00 12.72  ? 41  LEU A N   1 
ATOM   286  C  CA  . LEU A 1 41  ? -0.333  8.176   4.877   1.00 12.99  ? 41  LEU A CA  1 
ATOM   287  C  C   . LEU A 1 41  ? -1.446  8.471   3.895   1.00 12.98  ? 41  LEU A C   1 
ATOM   288  O  O   . LEU A 1 41  ? -1.335  8.064   2.736   1.00 13.26  ? 41  LEU A O   1 
ATOM   289  C  CB  . LEU A 1 41  ? 0.861   9.115   4.689   1.00 13.95  ? 41  LEU A CB  1 
ATOM   290  C  CG  . LEU A 1 41  ? 0.601   10.597  4.964   1.00 14.31  ? 41  LEU A CG  1 
ATOM   291  C  CD1 . LEU A 1 41  ? 1.856   11.263  5.540   1.00 13.87  ? 41  LEU A CD1 1 
ATOM   292  C  CD2 . LEU A 1 41  ? 0.174   11.340  3.711   1.00 14.67  ? 41  LEU A CD2 1 
ATOM   293  N  N   . VAL A 1 42  ? -2.441  9.179   4.354   1.00 13.21  ? 42  VAL A N   1 
ATOM   294  C  CA  . VAL A 1 42  ? -3.523  9.689   3.518   1.00 13.86  ? 42  VAL A CA  1 
ATOM   295  C  C   . VAL A 1 42  ? -3.519  11.210  3.624   1.00 15.26  ? 42  VAL A C   1 
ATOM   296  O  O   . VAL A 1 42  ? -3.518  11.736  4.755   1.00 15.16  ? 42  VAL A O   1 
ATOM   297  C  CB  . VAL A 1 42  ? -4.851  9.077   3.971   1.00 13.42  ? 42  VAL A CB  1 
ATOM   298  C  CG1 . VAL A 1 42  ? -6.020  9.615   3.179   1.00 15.94  ? 42  VAL A CG1 1 
ATOM   299  C  CG2 . VAL A 1 42  ? -4.807  7.555   3.950   1.00 12.63  ? 42  VAL A CG2 1 
ATOM   300  N  N   . SER A 1 43  ? -3.582  11.843  2.473   1.00 14.72  ? 43  SER A N   1 
ATOM   301  C  CA  . SER A 1 43  ? -3.681  13.318  2.365   1.00 15.77  ? 43  SER A CA  1 
ATOM   302  C  C   . SER A 1 43  ? -4.982  13.656  1.678   1.00 17.11  ? 43  SER A C   1 
ATOM   303  O  O   . SER A 1 43  ? -5.581  12.799  1.021   1.00 17.73  ? 43  SER A O   1 
ATOM   304  C  CB  . SER A 1 43  ? -2.498  13.874  1.646   1.00 15.11  ? 43  SER A CB  1 
ATOM   305  O  OG  . SER A 1 43  ? -2.331  13.359  0.352   1.00 16.41  ? 43  SER A OG  1 
ATOM   306  N  N   . SER A 1 44  ? -5.395  14.912  1.806   1.00 19.04  ? 44  SER A N   1 
ATOM   307  C  CA  . SER A 1 44  ? -6.630  15.391  1.173   1.00 21.23  ? 44  SER A CA  1 
ATOM   308  C  C   . SER A 1 44  ? -6.313  15.972  -0.193  1.00 22.26  ? 44  SER A C   1 
ATOM   309  O  O   . SER A 1 44  ? -5.218  16.537  -0.383  1.00 21.73  ? 44  SER A O   1 
ATOM   310  C  CB  . SER A 1 44  ? -7.319  16.355  2.073   1.00 23.46  ? 44  SER A CB  1 
ATOM   311  O  OG  . SER A 1 44  ? -6.466  17.430  2.332   1.00 26.26  ? 44  SER A OG  1 
ATOM   312  N  N   . THR A 1 45  ? -7.253  15.829  -1.107  1.00 22.56  ? 45  THR A N   1 
ATOM   313  C  CA  . THR A 1 45  ? -7.100  16.279  -2.507  1.00 25.88  ? 45  THR A CA  1 
ATOM   314  C  C   . THR A 1 45  ? -8.286  17.178  -2.815  1.00 27.17  ? 45  THR A C   1 
ATOM   315  O  O   . THR A 1 45  ? -9.351  16.994  -2.166  1.00 31.83  ? 45  THR A O   1 
ATOM   316  C  CB  . THR A 1 45  ? -7.117  15.113  -3.503  1.00 26.78  ? 45  THR A CB  1 
ATOM   317  O  OG1 . THR A 1 45  ? -8.445  14.603  -3.418  1.00 28.26  ? 45  THR A OG1 1 
ATOM   318  C  CG2 . THR A 1 45  ? -6.124  14.013  -3.217  1.00 25.04  ? 45  THR A CG2 1 
ATOM   319  N  N   . THR A 1 46  ? -8.100  18.099  -3.749  1.00 30.16  ? 46  THR A N   1 
ATOM   320  C  CA  . THR A 1 46  ? -9.202  18.961  -4.253  1.00 34.39  ? 46  THR A CA  1 
ATOM   321  C  C   . THR A 1 46  ? -9.974  18.177  -5.322  1.00 34.18  ? 46  THR A C   1 
ATOM   322  O  O   . THR A 1 46  ? -11.209 18.227  -5.267  1.00 36.31  ? 46  THR A O   1 
ATOM   323  C  CB  . THR A 1 46  ? -8.678  20.342  -4.674  1.00 30.83  ? 46  THR A CB  1 
ATOM   324  O  OG1 . THR A 1 46  ? -7.466  20.230  -5.415  1.00 34.56  ? 46  THR A OG1 1 
ATOM   325  C  CG2 . THR A 1 46  ? -8.405  21.222  -3.476  1.00 36.90  ? 46  THR A CG2 1 
ATOM   326  N  N   . ALA A 1 47  ? -9.288  17.452  -6.221  1.00 33.48  ? 47  ALA A N   1 
ATOM   327  C  CA  . ALA A 1 47  ? -9.919  16.686  -7.330  1.00 34.31  ? 47  ALA A CA  1 
ATOM   328  C  C   . ALA A 1 47  ? -10.477 15.356  -6.814  1.00 36.01  ? 47  ALA A C   1 
ATOM   329  O  O   . ALA A 1 47  ? -9.829  14.713  -5.990  1.00 37.57  ? 47  ALA A O   1 
ATOM   330  C  CB  . ALA A 1 47  ? -8.925  16.426  -8.433  1.00 34.48  ? 47  ALA A CB  1 
ATOM   331  N  N   . GLN A 1 48  ? -11.654 14.959  -7.310  0.74 37.43  ? 48  GLN A N   1 
ATOM   332  C  CA  . GLN A 1 48  ? -12.333 13.685  -6.948  0.74 37.88  ? 48  GLN A CA  1 
ATOM   333  C  C   . GLN A 1 48  ? -11.541 12.502  -7.517  0.74 35.67  ? 48  GLN A C   1 
ATOM   334  O  O   . GLN A 1 48  ? -11.251 12.518  -8.725  0.74 36.73  ? 48  GLN A O   1 
ATOM   335  C  CB  . GLN A 1 48  ? -13.769 13.666  -7.475  0.74 41.31  ? 48  GLN A CB  1 
ATOM   336  C  CG  . GLN A 1 48  ? -14.819 13.734  -6.377  0.74 44.09  ? 48  GLN A CG  1 
ATOM   337  C  CD  . GLN A 1 48  ? -15.007 12.409  -5.678  0.74 47.64  ? 48  GLN A CD  1 
ATOM   338  O  OE1 . GLN A 1 48  ? -14.613 11.355  -6.177  0.74 48.87  ? 48  GLN A OE1 1 
ATOM   339  N  NE2 . GLN A 1 48  ? -15.625 12.453  -4.507  0.74 48.74  ? 48  GLN A NE2 1 
ATOM   340  N  N   . GLY A 1 49  ? -11.196 11.529  -6.670  1.00 33.56  ? 49  GLY A N   1 
ATOM   341  C  CA  . GLY A 1 49  ? -10.543 10.281  -7.106  1.00 32.04  ? 49  GLY A CA  1 
ATOM   342  C  C   . GLY A 1 49  ? -11.561 9.272   -7.619  1.00 28.68  ? 49  GLY A C   1 
ATOM   343  O  O   . GLY A 1 49  ? -12.672 9.256   -7.109  1.00 28.96  ? 49  GLY A O   1 
ATOM   344  N  N   . CYS A 1 50  ? -11.147 8.411   -8.548  1.00 27.54  ? 50  CYS A N   1 
ATOM   345  C  CA  . CYS A 1 50  ? -12.029 7.472   -9.294  1.00 33.10  ? 50  CYS A CA  1 
ATOM   346  C  C   . CYS A 1 50  ? -11.828 6.034   -8.802  1.00 25.59  ? 50  CYS A C   1 
ATOM   347  O  O   . CYS A 1 50  ? -12.620 5.181   -9.223  1.00 28.15  ? 50  CYS A O   1 
ATOM   348  C  CB  . CYS A 1 50  ? -11.750 7.515   -10.795 1.00 37.46  ? 50  CYS A CB  1 
ATOM   349  S  SG  . CYS A 1 50  ? -11.937 9.148   -11.557 1.00 52.95  ? 50  CYS A SG  1 
ATOM   350  N  N   . ASP A 1 51  ? -10.835 5.771   -7.918  1.00 22.44  ? 51  ASP A N   1 
ATOM   351  C  CA  . ASP A 1 51  ? -10.499 4.391   -7.464  1.00 20.87  ? 51  ASP A CA  1 
ATOM   352  C  C   . ASP A 1 51  ? -11.611 3.902   -6.516  1.00 21.89  ? 51  ASP A C   1 
ATOM   353  O  O   . ASP A 1 51  ? -12.239 4.697   -5.775  1.00 22.41  ? 51  ASP A O   1 
ATOM   354  C  CB  . ASP A 1 51  ? -9.081  4.328   -6.851  1.00 21.62  ? 51  ASP A CB  1 
ATOM   355  C  CG  . ASP A 1 51  ? -7.910  4.549   -7.814  1.00 28.03  ? 51  ASP A CG  1 
ATOM   356  O  OD1 . ASP A 1 51  ? -8.127  4.235   -8.991  1.00 32.76  ? 51  ASP A OD1 1 
ATOM   357  O  OD2 . ASP A 1 51  ? -6.743  5.039   -7.418  1.00 22.71  ? 51  ASP A OD2 1 
ATOM   358  N  N   . THR A 1 52  ? -11.840 2.600   -6.496  1.00 19.57  ? 52  THR A N   1 
ATOM   359  C  CA  . THR A 1 52  ? -12.700 1.920   -5.503  1.00 20.88  ? 52  THR A CA  1 
ATOM   360  C  C   . THR A 1 52  ? -11.817 1.062   -4.602  1.00 18.99  ? 52  THR A C   1 
ATOM   361  O  O   . THR A 1 52  ? -11.008 0.264   -5.134  1.00 17.82  ? 52  THR A O   1 
ATOM   362  C  CB  . THR A 1 52  ? -13.745 1.050   -6.211  1.00 24.41  ? 52  THR A CB  1 
ATOM   363  O  OG1 . THR A 1 52  ? -14.523 1.912   -7.041  1.00 24.61  ? 52  THR A OG1 1 
ATOM   364  C  CG2 . THR A 1 52  ? -14.651 0.261   -5.282  1.00 25.64  ? 52  THR A CG2 1 
ATOM   365  N  N   . ILE A 1 53  ? -12.033 1.145   -3.301  1.00 17.26  ? 53  ILE A N   1 
ATOM   366  C  CA  . ILE A 1 53  ? -11.329 0.279   -2.336  1.00 16.62  ? 53  ILE A CA  1 
ATOM   367  C  C   . ILE A 1 53  ? -12.109 -1.036  -2.222  1.00 18.10  ? 53  ILE A C   1 
ATOM   368  O  O   . ILE A 1 53  ? -13.334 -0.997  -2.039  1.00 17.67  ? 53  ILE A O   1 
ATOM   369  C  CB  . ILE A 1 53  ? -11.176 0.970   -0.978  1.00 17.31  ? 53  ILE A CB  1 
ATOM   370  C  CG1 . ILE A 1 53  ? -10.566 2.374   -1.144  1.00 17.99  ? 53  ILE A CG1 1 
ATOM   371  C  CG2 . ILE A 1 53  ? -10.366 0.099   -0.052  1.00 16.49  ? 53  ILE A CG2 1 
ATOM   372  C  CD1 . ILE A 1 53  ? -9.133  2.338   -1.681  1.00 17.72  ? 53  ILE A CD1 1 
ATOM   373  N  N   . ALA A 1 54  ? -11.424 -2.154  -2.341  1.00 15.14  ? 54  ALA A N   1 
ATOM   374  C  CA  . ALA A 1 54  ? -11.987 -3.492  -2.072  1.00 15.81  ? 54  ALA A CA  1 
ATOM   375  C  C   . ALA A 1 54  ? -12.508 -3.580  -0.632  1.00 14.75  ? 54  ALA A C   1 
ATOM   376  O  O   . ALA A 1 54  ? -11.824 -3.200  0.306   1.00 14.09  ? 54  ALA A O   1 
ATOM   377  C  CB  . ALA A 1 54  ? -10.892 -4.516  -2.330  1.00 14.79  ? 54  ALA A CB  1 
ATOM   378  N  N   . ARG A 1 55  ? -13.688 -4.193  -0.500  1.00 16.58  ? 55  ARG A N   1 
ATOM   379  C  CA  . ARG A 1 55  ? -14.238 -4.551  0.831   1.00 16.38  ? 55  ARG A CA  1 
ATOM   380  C  C   . ARG A 1 55  ? -14.509 -6.053  0.778   1.00 16.03  ? 55  ARG A C   1 
ATOM   381  O  O   . ARG A 1 55  ? -15.581 -6.438  0.269   1.00 18.23  ? 55  ARG A O   1 
ATOM   382  C  CB  . ARG A 1 55  ? -15.463 -3.707  1.193   1.00 20.06  ? 55  ARG A CB  1 
ATOM   383  C  CG  . ARG A 1 55  ? -15.235 -2.199  1.120   1.00 20.32  ? 55  ARG A CG  1 
ATOM   384  C  CD  . ARG A 1 55  ? -14.243 -1.629  2.139   1.00 22.15  ? 55  ARG A CD  1 
ATOM   385  N  NE  . ARG A 1 55  ? -14.010 -0.186  1.875   1.00 22.59  ? 55  ARG A NE  1 
ATOM   386  C  CZ  . ARG A 1 55  ? -12.985 0.527   2.345   1.00 20.26  ? 55  ARG A CZ  1 
ATOM   387  N  NH1 . ARG A 1 55  ? -12.076 -0.010  3.130   1.00 20.59  ? 55  ARG A NH1 1 
ATOM   388  N  NH2 . ARG A 1 55  ? -12.847 1.801   2.008   1.00 21.52  ? 55  ARG A NH2 1 
ATOM   389  N  N   . CYS A 1 56  ? -13.575 -6.820  1.277   1.00 15.81  ? 56  CYS A N   1 
ATOM   390  C  CA  . CYS A 1 56  ? -13.514 -8.282  1.035   1.00 15.16  ? 56  CYS A CA  1 
ATOM   391  C  C   . CYS A 1 56  ? -12.443 -8.918  1.870   1.00 16.56  ? 56  CYS A C   1 
ATOM   392  O  O   . CYS A 1 56  ? -11.598 -8.225  2.453   1.00 16.71  ? 56  CYS A O   1 
ATOM   393  C  CB  . CYS A 1 56  ? -13.256 -8.617  -0.426  1.00 15.26  ? 56  CYS A CB  1 
ATOM   394  S  SG  . CYS A 1 56  ? -11.593 -8.155  -1.017  1.00 15.69  ? 56  CYS A SG  1 
ATOM   395  N  N   . ASP A 1 57  ? -12.389 -10.270 1.858   1.00 17.87  ? 57  ASP A N   1 
ATOM   396  C  CA  . ASP A 1 57  ? -11.242 -10.979 2.448   1.00 18.01  ? 57  ASP A CA  1 
ATOM   397  C  C   . ASP A 1 57  ? -10.584 -11.853 1.363   1.00 16.55  ? 57  ASP A C   1 
ATOM   398  O  O   . ASP A 1 57  ? -9.994  -12.868 1.699   1.00 16.51  ? 57  ASP A O   1 
ATOM   399  C  CB  . ASP A 1 57  ? -11.602 -11.702 3.737   1.00 25.57  ? 57  ASP A CB  1 
ATOM   400  C  CG  . ASP A 1 57  ? -12.357 -12.954 3.466   1.00 26.47  ? 57  ASP A CG  1 
ATOM   401  O  OD1 . ASP A 1 57  ? -13.009 -12.988 2.401   1.00 29.61  ? 57  ASP A OD1 1 
ATOM   402  O  OD2 . ASP A 1 57  ? -12.288 -13.873 4.350   1.00 35.19  ? 57  ASP A OD2 1 
ATOM   403  N  N   . CYS A 1 58  ? -10.530 -11.351 0.134   1.00 16.49  ? 58  CYS A N   1 
ATOM   404  C  CA  . CYS A 1 58  ? -9.684  -11.994 -0.915  1.00 15.74  ? 58  CYS A CA  1 
ATOM   405  C  C   . CYS A 1 58  ? -8.246  -12.206 -0.451  1.00 14.91  ? 58  CYS A C   1 
ATOM   406  O  O   . CYS A 1 58  ? -7.687  -11.386 0.263   1.00 15.74  ? 58  CYS A O   1 
ATOM   407  C  CB  . CYS A 1 58  ? -9.652  -11.153 -2.171  1.00 16.10  ? 58  CYS A CB  1 
ATOM   408  S  SG  . CYS A 1 58  ? -11.190 -11.193 -3.109  1.00 17.19  ? 58  CYS A SG  1 
ATOM   409  N  N   . GLN A 1 59  ? -7.671  -13.300 -0.903  1.00 14.53  ? 59  GLN A N   1 
ATOM   410  C  CA  . GLN A 1 59  ? -6.267  -13.647 -0.682  1.00 12.69  ? 59  GLN A CA  1 
ATOM   411  C  C   . GLN A 1 59  ? -5.648  -13.934 -2.044  1.00 11.40  ? 59  GLN A C   1 
ATOM   412  O  O   . GLN A 1 59  ? -4.546  -14.454 -2.088  1.00 12.30  ? 59  GLN A O   1 
ATOM   413  C  CB  . GLN A 1 59  ? -6.062  -14.838 0.252   1.00 14.75  ? 59  GLN A CB  1 
ATOM   414  C  CG  . GLN A 1 59  ? -6.189  -14.517 1.726   1.00 17.58  ? 59  GLN A CG  1 
ATOM   415  C  CD  . GLN A 1 59  ? -5.650  -15.656 2.569   1.00 17.70  ? 59  GLN A CD  1 
ATOM   416  O  OE1 . GLN A 1 59  ? -4.434  -15.918 2.643   1.00 21.30  ? 59  GLN A OE1 1 
ATOM   417  N  NE2 . GLN A 1 59  ? -6.568  -16.424 3.120   1.00 18.10  ? 59  GLN A NE2 1 
ATOM   418  N  N   . THR A 1 60  ? -6.286  -13.489 -3.116  1.00 11.11  ? 60  THR A N   1 
ATOM   419  C  CA  . THR A 1 60  ? -5.694  -13.523 -4.470  1.00 11.87  ? 60  THR A CA  1 
ATOM   420  C  C   . THR A 1 60  ? -5.967  -12.186 -5.146  1.00 11.60  ? 60  THR A C   1 
ATOM   421  O  O   . THR A 1 60  ? -6.992  -11.539 -4.924  1.00 12.84  ? 60  THR A O   1 
ATOM   422  C  CB  . THR A 1 60  ? -6.210  -14.680 -5.320  1.00 14.53  ? 60  THR A CB  1 
ATOM   423  O  OG1 . THR A 1 60  ? -7.626  -14.540 -5.356  1.00 15.49  ? 60  THR A OG1 1 
ATOM   424  C  CG2 . THR A 1 60  ? -5.787  -16.034 -4.785  1.00 14.77  ? 60  THR A CG2 1 
ATOM   425  N  N   . GLY A 1 61  ? -5.013  -11.749 -5.957  1.00 12.23  ? 61  GLY A N   1 
ATOM   426  C  CA  . GLY A 1 61  ? -5.158  -10.509 -6.721  1.00 11.37  ? 61  GLY A CA  1 
ATOM   427  C  C   . GLY A 1 61  ? -3.978  -10.342 -7.649  1.00 11.33  ? 61  GLY A C   1 
ATOM   428  O  O   . GLY A 1 61  ? -3.213  -11.268 -7.797  1.00 11.57  ? 61  GLY A O   1 
ATOM   429  N  N   . VAL A 1 62  ? -3.899  -9.192  -8.265  1.00 11.30  ? 62  VAL A N   1 
ATOM   430  C  CA  . VAL A 1 62  ? -2.895  -8.824  -9.274  1.00 11.69  ? 62  VAL A CA  1 
ATOM   431  C  C   . VAL A 1 62  ? -2.265  -7.542  -8.751  1.00 11.17  ? 62  VAL A C   1 
ATOM   432  O  O   . VAL A 1 62  ? -2.964  -6.574  -8.465  1.00 11.78  ? 62  VAL A O   1 
ATOM   433  C  CB  . VAL A 1 62  ? -3.521  -8.693  -10.668 1.00 12.79  ? 62  VAL A CB  1 
ATOM   434  C  CG1 . VAL A 1 62  ? -2.515  -8.120  -11.658 1.00 12.59  ? 62  VAL A CG1 1 
ATOM   435  C  CG2 . VAL A 1 62  ? -4.114  -10.010 -11.168 1.00 14.14  ? 62  VAL A CG2 1 
ATOM   436  N  N   . TYR A 1 63  ? -0.943  -7.488  -8.783  1.00 11.46  ? 63  TYR A N   1 
ATOM   437  C  CA  . TYR A 1 63  ? -0.179  -6.250  -8.459  1.00 10.21  ? 63  TYR A CA  1 
ATOM   438  C  C   . TYR A 1 63  ? 0.704   -5.789  -9.588  1.00 11.41  ? 63  TYR A C   1 
ATOM   439  O  O   . TYR A 1 63  ? 1.123   -6.577  -10.379 1.00 12.04  ? 63  TYR A O   1 
ATOM   440  C  CB  . TYR A 1 63  ? 0.667   -6.377  -7.203  1.00 11.27  ? 63  TYR A CB  1 
ATOM   441  C  CG  . TYR A 1 63  ? 2.020   -7.034  -7.305  1.00 11.87  ? 63  TYR A CG  1 
ATOM   442  C  CD1 . TYR A 1 63  ? 2.120   -8.410  -7.372  1.00 13.36  ? 63  TYR A CD1 1 
ATOM   443  C  CD2 . TYR A 1 63  ? 3.191   -6.296  -7.292  1.00 11.87  ? 63  TYR A CD2 1 
ATOM   444  C  CE1 . TYR A 1 63  ? 3.348   -9.041  -7.420  1.00 13.96  ? 63  TYR A CE1 1 
ATOM   445  C  CE2 . TYR A 1 63  ? 4.432   -6.914  -7.333  1.00 12.36  ? 63  TYR A CE2 1 
ATOM   446  C  CZ  . TYR A 1 63  ? 4.510   -8.292  -7.430  1.00 13.75  ? 63  TYR A CZ  1 
ATOM   447  O  OH  . TYR A 1 63  ? 5.746   -8.885  -7.474  1.00 14.63  ? 63  TYR A OH  1 
ATOM   448  N  N   . TYR A 1 64  ? 0.898   -4.483  -9.629  1.00 11.58  ? 64  TYR A N   1 
ATOM   449  C  CA  . TYR A 1 64  ? 1.782   -3.869  -10.620 1.00 11.65  ? 64  TYR A CA  1 
ATOM   450  C  C   . TYR A 1 64  ? 3.182   -3.803  -10.043 1.00 11.82  ? 64  TYR A C   1 
ATOM   451  O  O   . TYR A 1 64  ? 3.391   -3.231  -8.991  1.00 11.88  ? 64  TYR A O   1 
ATOM   452  C  CB  . TYR A 1 64  ? 1.350   -2.467  -11.014 1.00 12.55  ? 64  TYR A CB  1 
ATOM   453  C  CG  . TYR A 1 64  ? 2.252   -1.902  -12.068 1.00 14.36  ? 64  TYR A CG  1 
ATOM   454  C  CD1 . TYR A 1 64  ? 2.368   -2.521  -13.306 1.00 15.31  ? 64  TYR A CD1 1 
ATOM   455  C  CD2 . TYR A 1 64  ? 3.027   -0.790  -11.811 1.00 16.01  ? 64  TYR A CD2 1 
ATOM   456  C  CE1 . TYR A 1 64  ? 3.254   -2.065  -14.280 1.00 17.23  ? 64  TYR A CE1 1 
ATOM   457  C  CE2 . TYR A 1 64  ? 3.900   -0.314  -12.771 1.00 16.94  ? 64  TYR A CE2 1 
ATOM   458  C  CZ  . TYR A 1 64  ? 4.038   -0.967  -13.984 1.00 17.47  ? 64  TYR A CZ  1 
ATOM   459  O  OH  . TYR A 1 64  ? 4.928   -0.463  -14.884 1.00 21.25  ? 64  TYR A OH  1 
ATOM   460  N  N   . CYS A 1 65  ? 4.141   -4.293  -10.806 1.00 12.93  ? 65  CYS A N   1 
ATOM   461  C  CA  . CYS A 1 65  ? 5.567   -4.310  -10.415 1.00 12.26  ? 65  CYS A CA  1 
ATOM   462  C  C   . CYS A 1 65  ? 6.370   -3.393  -11.361 1.00 13.14  ? 65  CYS A C   1 
ATOM   463  O  O   . CYS A 1 65  ? 6.610   -3.804  -12.527 1.00 14.00  ? 65  CYS A O   1 
ATOM   464  C  CB  . CYS A 1 65  ? 6.090   -5.735  -10.445 1.00 12.46  ? 65  CYS A CB  1 
ATOM   465  S  SG  . CYS A 1 65  ? 7.864   -5.860  -10.108 1.00 14.78  ? 65  CYS A SG  1 
ATOM   466  N  N   . SER A 1 66  ? 6.669   -2.177  -10.928 1.00 13.35  ? 66  SER A N   1 
ATOM   467  C  CA  . SER A 1 66  ? 7.304   -1.168  -11.808 1.00 15.90  ? 66  SER A CA  1 
ATOM   468  C  C   . SER A 1 66  ? 8.686   -1.661  -12.262 1.00 14.72  ? 66  SER A C   1 
ATOM   469  O  O   . SER A 1 66  ? 9.012   -1.410  -13.488 1.00 15.80  ? 66  SER A O   1 
ATOM   470  C  CB  . SER A 1 66  ? 7.356   0.178   -11.167 1.00 16.55  ? 66  SER A CB  1 
ATOM   471  O  OG  . SER A 1 66  ? 8.263   0.194   -10.089 1.00 23.81  ? 66  SER A OG  1 
ATOM   472  N  N   . SER A 1 67  ? 9.432   -2.411  -11.443 1.00 13.99  ? 67  SER A N   1 
ATOM   473  C  CA  . SER A 1 67  ? 10.813  -2.882  -11.771 1.00 15.03  ? 67  SER A CA  1 
ATOM   474  C  C   . SER A 1 67  ? 10.748  -3.997  -12.835 1.00 17.02  ? 67  SER A C   1 
ATOM   475  O  O   . SER A 1 67  ? 11.841  -4.490  -13.259 1.00 19.04  ? 67  SER A O   1 
ATOM   476  C  CB  . SER A 1 67  ? 11.570  -3.328  -10.562 1.00 16.29  ? 67  SER A CB  1 
ATOM   477  O  OG  . SER A 1 67  ? 10.916  -4.465  -9.945  1.00 14.85  ? 67  SER A OG  1 
ATOM   478  N  N   . ARG A 1 68  ? 9.555   -4.442  -13.210 1.00 15.61  ? 68  ARG A N   1 
ATOM   479  C  CA  . ARG A 1 68  ? 9.402   -5.437  -14.309 1.00 15.72  ? 68  ARG A CA  1 
ATOM   480  C  C   . ARG A 1 68  ? 8.462   -4.919  -15.392 1.00 17.19  ? 68  ARG A C   1 
ATOM   481  O  O   . ARG A 1 68  ? 8.306   -5.604  -16.415 1.00 19.56  ? 68  ARG A O   1 
ATOM   482  C  CB  . ARG A 1 68  ? 8.911   -6.777  -13.734 1.00 14.96  ? 68  ARG A CB  1 
ATOM   483  C  CG  . ARG A 1 68  ? 9.894   -7.375  -12.760 1.00 16.18  ? 68  ARG A CG  1 
ATOM   484  C  CD  . ARG A 1 68  ? 10.968  -8.133  -13.543 1.00 16.76  ? 68  ARG A CD  1 
ATOM   485  N  NE  . ARG A 1 68  ? 11.874  -8.783  -12.620 1.00 19.05  ? 68  ARG A NE  1 
ATOM   486  C  CZ  . ARG A 1 68  ? 12.987  -8.234  -12.138 1.00 20.28  ? 68  ARG A CZ  1 
ATOM   487  N  NH1 . ARG A 1 68  ? 13.289  -6.977  -12.438 1.00 20.20  ? 68  ARG A NH1 1 
ATOM   488  N  NH2 . ARG A 1 68  ? 13.754  -8.920  -11.304 1.00 21.19  ? 68  ARG A NH2 1 
ATOM   489  N  N   . ARG A 1 69  ? 7.856   -3.747  -15.198 1.00 16.61  ? 69  ARG A N   1 
ATOM   490  C  CA  . ARG A 1 69  ? 6.791   -3.239  -16.069 1.00 16.89  ? 69  ARG A CA  1 
ATOM   491  C  C   . ARG A 1 69  ? 5.781   -4.354  -16.329 1.00 19.86  ? 69  ARG A C   1 
ATOM   492  O  O   . ARG A 1 69  ? 5.310   -4.486  -17.486 1.00 21.23  ? 69  ARG A O   1 
ATOM   493  C  CB  . ARG A 1 69  ? 7.385   -2.704  -17.376 1.00 19.84  ? 69  ARG A CB  1 
ATOM   494  C  CG  . ARG A 1 69  ? 8.249   -1.470  -17.176 1.00 20.60  ? 69  ARG A CG  1 
ATOM   495  C  CD  . ARG A 1 69  ? 8.681   -0.836  -18.510 1.00 22.97  ? 69  ARG A CD  1 
ATOM   496  N  NE  . ARG A 1 69  ? 9.572   0.322   -18.384 1.00 24.60  ? 69  ARG A NE  1 
ATOM   497  C  CZ  . ARG A 1 69  ? 10.833  0.397   -18.847 1.00 24.63  ? 69  ARG A CZ  1 
ATOM   498  N  NH1 . ARG A 1 69  ? 11.394  -0.639  -19.446 1.00 26.06  ? 69  ARG A NH1 1 
ATOM   499  N  NH2 . ARG A 1 69  ? 11.568  1.488   -18.636 1.00 24.33  ? 69  ARG A NH2 1 
ATOM   500  N  N   . LYS A 1 70  ? 5.401   -5.076  -15.267 1.00 17.83  ? 70  LYS A N   1 
ATOM   501  C  CA  . LYS A 1 70  ? 4.478   -6.239  -15.428 1.00 19.09  ? 70  LYS A CA  1 
ATOM   502  C  C   . LYS A 1 70  ? 3.473   -6.230  -14.289 1.00 16.73  ? 70  LYS A C   1 
ATOM   503  O  O   . LYS A 1 70  ? 3.809   -5.751  -13.198 1.00 15.33  ? 70  LYS A O   1 
ATOM   504  C  CB  . LYS A 1 70  ? 5.218   -7.578  -15.413 1.00 23.18  ? 70  LYS A CB  1 
ATOM   505  C  CG  . LYS A 1 70  ? 5.870   -7.950  -16.740 1.00 27.92  ? 70  LYS A CG  1 
ATOM   506  C  CD  . LYS A 1 70  ? 6.305   -9.378  -16.743 1.00 34.43  ? 70  LYS A CD  1 
ATOM   507  C  CE  . LYS A 1 70  ? 7.379   -9.650  -17.775 1.00 41.78  ? 70  LYS A CE  1 
ATOM   508  N  NZ  . LYS A 1 70  ? 7.111   -8.971  -19.062 1.00 46.74  ? 70  LYS A NZ  1 
ATOM   509  N  N   . HIS A 1 71  ? 2.287   -6.768  -14.571 1.00 15.42  ? 71  HIS A N   1 
ATOM   510  C  CA  . HIS A 1 71  ? 1.358   -7.139  -13.487 1.00 13.77  ? 71  HIS A CA  1 
ATOM   511  C  C   . HIS A 1 71  ? 1.531   -8.618  -13.215 1.00 14.65  ? 71  HIS A C   1 
ATOM   512  O  O   . HIS A 1 71  ? 1.596   -9.409  -14.173 1.00 15.85  ? 71  HIS A O   1 
ATOM   513  C  CB  . HIS A 1 71  ? -0.060  -6.857  -13.906 1.00 13.98  ? 71  HIS A CB  1 
ATOM   514  C  CG  . HIS A 1 71  ? -0.347  -5.441  -14.210 1.00 14.75  ? 71  HIS A CG  1 
ATOM   515  N  ND1 . HIS A 1 71  ? -0.881  -4.532  -13.269 1.00 15.98  ? 71  HIS A ND1 1 
ATOM   516  C  CD2 . HIS A 1 71  ? -0.200  -4.743  -15.356 1.00 13.20  ? 71  HIS A CD2 1 
ATOM   517  C  CE1 . HIS A 1 71  ? -1.030  -3.368  -13.848 1.00 12.54  ? 71  HIS A CE1 1 
ATOM   518  N  NE2 . HIS A 1 71  ? -0.623  -3.475  -15.126 1.00 18.14  ? 71  HIS A NE2 1 
ATOM   519  N  N   . TYR A 1 72  ? 1.519   -9.019  -11.945 1.00 11.69  ? 72  TYR A N   1 
ATOM   520  C  CA  . TYR A 1 72  ? 1.629   -10.417 -11.557 1.00 12.35  ? 72  TYR A CA  1 
ATOM   521  C  C   . TYR A 1 72  ? 0.403   -10.790 -10.747 1.00 12.27  ? 72  TYR A C   1 
ATOM   522  O  O   . TYR A 1 72  ? 0.073   -10.133 -9.760  1.00 11.98  ? 72  TYR A O   1 
ATOM   523  C  CB  . TYR A 1 72  ? 2.873   -10.687 -10.709 1.00 13.30  ? 72  TYR A CB  1 
ATOM   524  C  CG  . TYR A 1 72  ? 4.213   -10.468 -11.375 1.00 15.27  ? 72  TYR A CG  1 
ATOM   525  C  CD1 . TYR A 1 72  ? 4.738   -11.443 -12.218 1.00 19.18  ? 72  TYR A CD1 1 
ATOM   526  C  CD2 . TYR A 1 72  ? 4.932   -9.304  -11.204 1.00 15.88  ? 72  TYR A CD2 1 
ATOM   527  C  CE1 . TYR A 1 72  ? 5.991   -11.291 -12.812 1.00 19.75  ? 72  TYR A CE1 1 
ATOM   528  C  CE2 . TYR A 1 72  ? 6.199   -9.151  -11.771 1.00 16.87  ? 72  TYR A CE2 1 
ATOM   529  C  CZ  . TYR A 1 72  ? 6.705   -10.127 -12.613 1.00 20.15  ? 72  TYR A CZ  1 
ATOM   530  O  OH  . TYR A 1 72  ? 7.925   -9.959  -13.203 1.00 21.03  ? 72  TYR A OH  1 
ATOM   531  N  N   . PRO A 1 73  ? -0.159  -11.971 -11.023 1.00 13.01  ? 73  PRO A N   1 
ATOM   532  C  CA  . PRO A 1 73  ? -1.152  -12.562 -10.134 1.00 12.40  ? 73  PRO A CA  1 
ATOM   533  C  C   . PRO A 1 73  ? -0.462  -13.232 -8.942  1.00 13.55  ? 73  PRO A C   1 
ATOM   534  O  O   . PRO A 1 73  ? 0.466   -14.050 -9.117  1.00 15.33  ? 73  PRO A O   1 
ATOM   535  C  CB  . PRO A 1 73  ? -1.813  -13.596 -11.057 1.00 13.34  ? 73  PRO A CB  1 
ATOM   536  C  CG  . PRO A 1 73  ? -0.678  -14.071 -11.904 1.00 13.78  ? 73  PRO A CG  1 
ATOM   537  C  CD  . PRO A 1 73  ? 0.176   -12.851 -12.156 1.00 13.36  ? 73  PRO A CD  1 
ATOM   538  N  N   . VAL A 1 74  ? -0.999  -13.000 -7.739  1.00 12.33  ? 74  VAL A N   1 
ATOM   539  C  CA  . VAL A 1 74  ? -0.393  -13.576 -6.523  1.00 12.99  ? 74  VAL A CA  1 
ATOM   540  C  C   . VAL A 1 74  ? -1.450  -14.042 -5.524  1.00 11.53  ? 74  VAL A C   1 
ATOM   541  O  O   . VAL A 1 74  ? -2.597  -13.544 -5.517  1.00 12.33  ? 74  VAL A O   1 
ATOM   542  C  CB  . VAL A 1 74  ? 0.526   -12.559 -5.839  1.00 14.71  ? 74  VAL A CB  1 
ATOM   543  C  CG1 . VAL A 1 74  ? 1.839   -12.316 -6.552  1.00 16.54  ? 74  VAL A CG1 1 
ATOM   544  C  CG2 . VAL A 1 74  ? -0.193  -11.255 -5.567  1.00 15.33  ? 74  VAL A CG2 1 
ATOM   545  N  N   . SER A 1 75  ? -1.065  -15.034 -4.725  1.00 12.65  ? 75  SER A N   1 
ATOM   546  C  CA  . SER A 1 75  ? -1.718  -15.389 -3.451  1.00 12.84  ? 75  SER A CA  1 
ATOM   547  C  C   . SER A 1 75  ? -1.038  -14.620 -2.336  1.00 11.41  ? 75  SER A C   1 
ATOM   548  O  O   . SER A 1 75  ? 0.204   -14.559 -2.363  1.00 12.94  ? 75  SER A O   1 
ATOM   549  C  CB  . SER A 1 75  ? -1.579  -16.863 -3.189  1.00 15.57  ? 75  SER A CB  1 
ATOM   550  O  OG  . SER A 1 75  ? -2.241  -17.571 -4.179  1.00 21.19  ? 75  SER A OG  1 
ATOM   551  N  N   . PHE A 1 76  ? -1.782  -14.038 -1.396  1.00 11.40  ? 76  PHE A N   1 
ATOM   552  C  CA  . PHE A 1 76  ? -1.162  -13.264 -0.307  1.00 11.37  ? 76  PHE A CA  1 
ATOM   553  C  C   . PHE A 1 76  ? -1.759  -13.651 1.026   1.00 12.19  ? 76  PHE A C   1 
ATOM   554  O  O   . PHE A 1 76  ? -2.917  -14.043 1.079   1.00 12.38  ? 76  PHE A O   1 
ATOM   555  C  CB  . PHE A 1 76  ? -1.204  -11.771 -0.639  1.00 10.79  ? 76  PHE A CB  1 
ATOM   556  C  CG  . PHE A 1 76  ? -2.573  -11.256 -0.992  1.00 10.08  ? 76  PHE A CG  1 
ATOM   557  C  CD1 . PHE A 1 76  ? -3.008  -11.186 -2.296  1.00 10.81  ? 76  PHE A CD1 1 
ATOM   558  C  CD2 . PHE A 1 76  ? -3.392  -10.751 -0.010  1.00 11.33  ? 76  PHE A CD2 1 
ATOM   559  C  CE1 . PHE A 1 76  ? -4.246  -10.659 -2.634  1.00 10.79  ? 76  PHE A CE1 1 
ATOM   560  C  CE2 . PHE A 1 76  ? -4.630  -10.225 -0.345  1.00 11.53  ? 76  PHE A CE2 1 
ATOM   561  C  CZ  . PHE A 1 76  ? -5.051  -10.173 -1.643  1.00 11.10  ? 76  PHE A CZ  1 
ATOM   562  N  N   . SER A 1 77  ? -0.967  -13.499 2.068   1.00 11.73  ? 77  SER A N   1 
ATOM   563  C  CA  . SER A 1 77  ? -1.445  -13.728 3.460   1.00 13.28  ? 77  SER A CA  1 
ATOM   564  C  C   . SER A 1 77  ? -2.413  -12.648 3.912   1.00 14.13  ? 77  SER A C   1 
ATOM   565  O  O   . SER A 1 77  ? -2.465  -11.552 3.377   1.00 13.78  ? 77  SER A O   1 
ATOM   566  C  CB  . SER A 1 77  ? -0.276  -13.850 4.370   1.00 14.74  ? 77  SER A CB  1 
ATOM   567  O  OG  . SER A 1 77  ? 0.508   -12.658 4.376   1.00 14.55  ? 77  SER A OG  1 
ATOM   568  N  N   . LYS A 1 78  ? -3.278  -12.981 4.863   1.00 14.79  ? 78  LYS A N   1 
ATOM   569  C  CA  . LYS A 1 78  ? -4.152  -11.967 5.504   1.00 16.22  ? 78  LYS A CA  1 
ATOM   570  C  C   . LYS A 1 78  ? -3.299  -10.959 6.274   1.00 15.54  ? 78  LYS A C   1 
ATOM   571  O  O   . LYS A 1 78  ? -2.206  -11.244 6.766   1.00 16.58  ? 78  LYS A O   1 
ATOM   572  C  CB  . LYS A 1 78  ? -5.220  -12.662 6.363   1.00 19.09  ? 78  LYS A CB  1 
ATOM   573  C  CG  . LYS A 1 78  ? -6.243  -13.469 5.576   1.00 19.46  ? 78  LYS A CG  1 
ATOM   574  C  CD  . LYS A 1 78  ? -7.386  -14.035 6.427   1.00 21.78  ? 78  LYS A CD  1 
ATOM   575  C  CE  . LYS A 1 78  ? -8.425  -14.746 5.591   1.00 24.52  ? 78  LYS A CE  1 
ATOM   576  N  NZ  . LYS A 1 78  ? -9.518  -15.301 6.428   1.00 27.62  ? 78  LYS A NZ  1 
ATOM   577  N  N   . PRO A 1 79  ? -3.805  -9.714  6.370   1.00 17.58  ? 79  PRO A N   1 
ATOM   578  C  CA  . PRO A 1 79  ? -3.050  -8.652  7.029   1.00 19.13  ? 79  PRO A CA  1 
ATOM   579  C  C   . PRO A 1 79  ? -2.648  -9.091  8.440   1.00 20.10  ? 79  PRO A C   1 
ATOM   580  O  O   . PRO A 1 79  ? -3.523  -9.542  9.150   1.00 20.10  ? 79  PRO A O   1 
ATOM   581  C  CB  . PRO A 1 79  ? -4.021  -7.474  7.087   1.00 20.32  ? 79  PRO A CB  1 
ATOM   582  C  CG  . PRO A 1 79  ? -4.997  -7.724  5.982   1.00 20.85  ? 79  PRO A CG  1 
ATOM   583  C  CD  . PRO A 1 79  ? -5.061  -9.241  5.808   1.00 17.69  ? 79  PRO A CD  1 
ATOM   584  N  N   . SER A 1 80  ? -1.396  -8.854  8.781   1.00 17.93  ? 80  SER A N   1 
ATOM   585  C  CA  . SER A 1 80  ? -0.766  -9.272  10.053  1.00 22.50  ? 80  SER A CA  1 
ATOM   586  C  C   . SER A 1 80  ? 0.381   -8.342  10.438  1.00 24.62  ? 80  SER A C   1 
ATOM   587  O  O   . SER A 1 80  ? 0.841   -7.510  9.595   1.00 20.03  ? 80  SER A O   1 
ATOM   588  C  CB  . SER A 1 80  ? -0.252  -10.683 9.923   1.00 23.92  ? 80  SER A CB  1 
ATOM   589  O  OG  . SER A 1 80  ? -1.347  -11.560 9.762   1.00 39.20  ? 80  SER A OG  1 
ATOM   590  N  N   . LEU A 1 81  ? 0.854   -8.532  11.671  1.00 22.59  ? 81  LEU A N   1 
ATOM   591  C  CA  . LEU A 1 81  ? 2.062   -7.905  12.245  1.00 25.34  ? 81  LEU A CA  1 
ATOM   592  C  C   . LEU A 1 81  ? 3.266   -8.765  11.894  1.00 26.75  ? 81  LEU A C   1 
ATOM   593  O  O   . LEU A 1 81  ? 3.358   -9.939  12.392  1.00 24.99  ? 81  LEU A O   1 
ATOM   594  C  CB  . LEU A 1 81  ? 1.862   -7.835  13.764  1.00 27.06  ? 81  LEU A CB  1 
ATOM   595  C  CG  . LEU A 1 81  ? 2.747   -6.837  14.500  1.00 30.73  ? 81  LEU A CG  1 
ATOM   596  C  CD1 . LEU A 1 81  ? 2.375   -5.402  14.148  1.00 27.16  ? 81  LEU A CD1 1 
ATOM   597  C  CD2 . LEU A 1 81  ? 2.655   -7.036  15.996  1.00 29.14  ? 81  LEU A CD2 1 
ATOM   598  N  N   . ILE A 1 82  ? 4.167   -8.235  11.084  1.00 23.29  ? 82  ILE A N   1 
ATOM   599  C  CA  . ILE A 1 82  ? 5.303   -8.957  10.481  1.00 28.42  ? 82  ILE A CA  1 
ATOM   600  C  C   . ILE A 1 82  ? 6.569   -8.168  10.770  1.00 27.80  ? 82  ILE A C   1 
ATOM   601  O  O   . ILE A 1 82  ? 6.556   -6.925  10.580  1.00 24.47  ? 82  ILE A O   1 
ATOM   602  C  CB  . ILE A 1 82  ? 5.068   -9.092  8.964   1.00 29.18  ? 82  ILE A CB  1 
ATOM   603  C  CG1 . ILE A 1 82  ? 3.785   -9.859  8.626   1.00 33.65  ? 82  ILE A CG1 1 
ATOM   604  C  CG2 . ILE A 1 82  ? 6.294   -9.659  8.281   1.00 31.35  ? 82  ILE A CG2 1 
ATOM   605  C  CD1 . ILE A 1 82  ? 3.778   -11.301 9.035   1.00 40.50  ? 82  ILE A CD1 1 
ATOM   606  N  N   . PHE A 1 83  ? 7.656   -8.849  11.116  1.00 28.33  ? 83  PHE A N   1 
ATOM   607  C  CA  . PHE A 1 83  ? 9.008   -8.231  11.137  1.00 30.13  ? 83  PHE A CA  1 
ATOM   608  C  C   . PHE A 1 83  ? 9.517   -8.033  9.698   1.00 33.33  ? 83  PHE A C   1 
ATOM   609  O  O   . PHE A 1 83  ? 9.414   -8.951  8.876   1.00 36.21  ? 83  PHE A O   1 
ATOM   610  C  CB  . PHE A 1 83  ? 9.992   -9.032  12.000  1.00 32.53  ? 83  PHE A CB  1 
ATOM   611  C  CG  . PHE A 1 83  ? 11.241  -8.252  12.315  1.00 30.65  ? 83  PHE A CG  1 
ATOM   612  C  CD1 . PHE A 1 83  ? 11.217  -7.239  13.263  1.00 34.22  ? 83  PHE A CD1 1 
ATOM   613  C  CD2 . PHE A 1 83  ? 12.405  -8.451  11.594  1.00 34.92  ? 83  PHE A CD2 1 
ATOM   614  C  CE1 . PHE A 1 83  ? 12.351  -6.485  13.528  1.00 32.23  ? 83  PHE A CE1 1 
ATOM   615  C  CE2 . PHE A 1 83  ? 13.546  -7.708  11.868  1.00 35.66  ? 83  PHE A CE2 1 
ATOM   616  C  CZ  . PHE A 1 83  ? 13.513  -6.721  12.826  1.00 34.37  ? 83  PHE A CZ  1 
ATOM   617  N  N   . VAL A 1 84  ? 9.970   -6.814  9.403   0.50 31.99  ? 84  VAL A N   1 
ATOM   618  C  CA  . VAL A 1 84  ? 10.531  -6.406  8.084   0.50 32.90  ? 84  VAL A CA  1 
ATOM   619  C  C   . VAL A 1 84  ? 11.979  -5.971  8.314   0.50 33.83  ? 84  VAL A C   1 
ATOM   620  O  O   . VAL A 1 84  ? 12.200  -5.124  9.201   0.50 34.92  ? 84  VAL A O   1 
ATOM   621  C  CB  . VAL A 1 84  ? 9.703   -5.275  7.447   0.50 33.05  ? 84  VAL A CB  1 
ATOM   622  C  CG1 . VAL A 1 84  ? 10.211  -4.927  6.058   0.50 33.28  ? 84  VAL A CG1 1 
ATOM   623  C  CG2 . VAL A 1 84  ? 8.222   -5.616  7.417   0.50 32.71  ? 84  VAL A CG2 1 
ATOM   624  N  N   . GLU A 1 85  ? 12.909  -6.546  7.549   0.50 36.21  ? 85  GLU A N   1 
ATOM   625  C  CA  . GLU A 1 85  ? 14.367  -6.285  7.663   0.50 37.69  ? 85  GLU A CA  1 
ATOM   626  C  C   . GLU A 1 85  ? 14.638  -4.816  7.324   0.50 39.00  ? 85  GLU A C   1 
ATOM   627  O  O   . GLU A 1 85  ? 13.663  -4.055  7.111   0.50 39.18  ? 85  GLU A O   1 
ATOM   628  C  CB  . GLU A 1 85  ? 15.159  -7.210  6.737   0.50 38.15  ? 85  GLU A CB  1 
ATOM   629  C  CG  . GLU A 1 85  ? 15.166  -8.662  7.181   0.50 38.76  ? 85  GLU A CG  1 
ATOM   630  C  CD  . GLU A 1 85  ? 15.615  -8.896  8.614   0.50 39.81  ? 85  GLU A CD  1 
ATOM   631  O  OE1 . GLU A 1 85  ? 16.409  -8.078  9.133   0.50 37.49  ? 85  GLU A OE1 1 
ATOM   632  O  OE2 . GLU A 1 85  ? 15.162  -9.897  9.210   0.50 38.30  ? 85  GLU A OE2 1 
ATOM   633  N  N   . ALA A 1 86  ? 15.922  -4.452  7.274   0.50 38.53  ? 86  ALA A N   1 
ATOM   634  C  CA  . ALA A 1 86  ? 16.421  -3.086  7.004   0.50 38.19  ? 86  ALA A CA  1 
ATOM   635  C  C   . ALA A 1 86  ? 15.860  -2.580  5.673   0.50 37.36  ? 86  ALA A C   1 
ATOM   636  O  O   . ALA A 1 86  ? 15.694  -3.403  4.746   0.50 37.37  ? 86  ALA A O   1 
ATOM   637  C  CB  . ALA A 1 86  ? 17.931  -3.093  6.988   0.50 38.99  ? 86  ALA A CB  1 
ATOM   638  N  N   . SER A 1 87  ? 15.582  -1.274  5.606   0.50 36.08  ? 87  SER A N   1 
ATOM   639  C  CA  . SER A 1 87  ? 15.265  -0.514  4.368   0.50 34.98  ? 87  SER A CA  1 
ATOM   640  C  C   . SER A 1 87  ? 16.041  0.803   4.411   0.50 33.20  ? 87  SER A C   1 
ATOM   641  O  O   . SER A 1 87  ? 16.536  1.144   5.490   0.50 32.98  ? 87  SER A O   1 
ATOM   642  C  CB  . SER A 1 87  ? 13.783  -0.273  4.222   0.50 35.43  ? 87  SER A CB  1 
ATOM   643  O  OG  . SER A 1 87  ? 13.389  0.875   4.958   0.50 34.56  ? 87  SER A OG  1 
ATOM   644  N  N   . GLU A 1 88  ? 16.147  1.505   3.281   0.50 35.37  ? 88  GLU A N   1 
ATOM   645  C  CA  . GLU A 1 88  ? 16.772  2.852   3.212   0.50 35.19  ? 88  GLU A CA  1 
ATOM   646  C  C   . GLU A 1 88  ? 15.733  3.905   3.622   0.50 34.56  ? 88  GLU A C   1 
ATOM   647  O  O   . GLU A 1 88  ? 16.064  5.107   3.557   0.50 32.77  ? 88  GLU A O   1 
ATOM   648  C  CB  . GLU A 1 88  ? 17.342  3.111   1.816   0.50 37.87  ? 88  GLU A CB  1 
ATOM   649  C  CG  . GLU A 1 88  ? 16.935  2.077   0.780   0.50 38.67  ? 88  GLU A CG  1 
ATOM   650  C  CD  . GLU A 1 88  ? 15.586  2.315   0.120   0.50 40.22  ? 88  GLU A CD  1 
ATOM   651  O  OE1 . GLU A 1 88  ? 15.573  2.722   -1.064  0.50 38.96  ? 88  GLU A OE1 1 
ATOM   652  O  OE2 . GLU A 1 88  ? 14.552  2.081   0.784   0.50 41.71  ? 88  GLU A OE2 1 
ATOM   653  N  N   A TYR A 1 89  ? 14.533  3.466   4.039   0.25 31.84  ? 89  TYR A N   1 
ATOM   654  N  N   B TYR A 1 89  ? 14.562  3.501   4.102   0.25 32.75  ? 89  TYR A N   1 
ATOM   655  C  CA  A TYR A 1 89  ? 13.391  4.354   4.394   0.25 29.82  ? 89  TYR A CA  1 
ATOM   656  C  CA  B TYR A 1 89  ? 13.474  4.433   4.507   0.25 30.98  ? 89  TYR A CA  1 
ATOM   657  C  C   A TYR A 1 89  ? 12.758  3.947   5.738   0.25 30.78  ? 89  TYR A C   1 
ATOM   658  C  C   B TYR A 1 89  ? 12.972  4.104   5.917   0.25 31.33  ? 89  TYR A C   1 
ATOM   659  O  O   A TYR A 1 89  ? 11.776  4.619   6.151   0.25 30.21  ? 89  TYR A O   1 
ATOM   660  O  O   B TYR A 1 89  ? 12.263  4.939   6.519   0.25 31.30  ? 89  TYR A O   1 
ATOM   661  C  CB  A TYR A 1 89  ? 12.364  4.401   3.256   0.25 27.30  ? 89  TYR A CB  1 
ATOM   662  C  CB  B TYR A 1 89  ? 12.311  4.367   3.519   0.25 28.91  ? 89  TYR A CB  1 
ATOM   663  C  CG  A TYR A 1 89  ? 11.823  3.074   2.778   0.25 25.68  ? 89  TYR A CG  1 
ATOM   664  C  CG  B TYR A 1 89  ? 12.569  5.018   2.186   0.25 27.46  ? 89  TYR A CG  1 
ATOM   665  C  CD1 A TYR A 1 89  ? 10.941  2.335   3.551   0.25 23.68  ? 89  TYR A CD1 1 
ATOM   666  C  CD1 B TYR A 1 89  ? 12.398  6.381   2.009   0.25 25.87  ? 89  TYR A CD1 1 
ATOM   667  C  CD2 A TYR A 1 89  ? 12.156  2.574   1.528   0.25 23.95  ? 89  TYR A CD2 1 
ATOM   668  C  CD2 B TYR A 1 89  ? 12.966  4.264   1.096   0.25 26.45  ? 89  TYR A CD2 1 
ATOM   669  C  CE1 A TYR A 1 89  ? 10.424  1.132   3.105   0.25 22.76  ? 89  TYR A CE1 1 
ATOM   670  C  CE1 B TYR A 1 89  ? 12.609  6.977   0.778   0.25 26.05  ? 89  TYR A CE1 1 
ATOM   671  C  CE2 A TYR A 1 89  ? 11.662  1.365   1.072   0.25 23.63  ? 89  TYR A CE2 1 
ATOM   672  C  CE2 B TYR A 1 89  ? 13.179  4.843   -0.142  0.25 26.78  ? 89  TYR A CE2 1 
ATOM   673  C  CZ  A TYR A 1 89  ? 10.783  0.645   1.860   0.25 22.51  ? 89  TYR A CZ  1 
ATOM   674  C  CZ  B TYR A 1 89  ? 13.005  6.206   -0.300  0.25 26.03  ? 89  TYR A CZ  1 
ATOM   675  O  OH  A TYR A 1 89  ? 10.284  -0.536  1.404   0.25 21.28  ? 89  TYR A OH  1 
ATOM   676  O  OH  B TYR A 1 89  ? 13.224  6.781   -1.515  0.25 25.63  ? 89  TYR A OH  1 
ATOM   677  N  N   . TYR A 1 90  ? 13.298  2.917   6.409   0.50 30.90  ? 90  TYR A N   1 
ATOM   678  C  CA  . TYR A 1 90  ? 12.844  2.433   7.745   0.50 30.09  ? 90  TYR A CA  1 
ATOM   679  C  C   . TYR A 1 90  ? 13.940  1.640   8.449   0.50 31.61  ? 90  TYR A C   1 
ATOM   680  O  O   . TYR A 1 90  ? 14.740  0.955   7.812   0.50 32.87  ? 90  TYR A O   1 
ATOM   681  C  CB  . TYR A 1 90  ? 11.616  1.521   7.636   0.50 28.88  ? 90  TYR A CB  1 
ATOM   682  C  CG  . TYR A 1 90  ? 10.318  2.249   7.398   0.50 27.88  ? 90  TYR A CG  1 
ATOM   683  C  CD1 . TYR A 1 90  ? 9.866   3.213   8.284   0.50 26.66  ? 90  TYR A CD1 1 
ATOM   684  C  CD2 . TYR A 1 90  ? 9.546   1.973   6.282   0.50 26.50  ? 90  TYR A CD2 1 
ATOM   685  C  CE1 . TYR A 1 90  ? 8.677   3.891   8.069   0.50 26.01  ? 90  TYR A CE1 1 
ATOM   686  C  CE2 . TYR A 1 90  ? 8.357   2.641   6.051   0.50 24.79  ? 90  TYR A CE2 1 
ATOM   687  C  CZ  . TYR A 1 90  ? 7.921   3.604   6.945   0.50 24.34  ? 90  TYR A CZ  1 
ATOM   688  O  OH  . TYR A 1 90  ? 6.761   4.277   6.710   0.50 20.09  ? 90  TYR A OH  1 
ATOM   689  N  N   . PRO A 1 91  ? 13.981  1.708   9.798   0.50 32.29  ? 91  PRO A N   1 
ATOM   690  C  CA  . PRO A 1 91  ? 14.735  0.753   10.605  0.50 32.75  ? 91  PRO A CA  1 
ATOM   691  C  C   . PRO A 1 91  ? 14.078  -0.631  10.550  0.50 34.49  ? 91  PRO A C   1 
ATOM   692  O  O   . PRO A 1 91  ? 12.872  -0.701  10.381  0.50 34.94  ? 91  PRO A O   1 
ATOM   693  C  CB  . PRO A 1 91  ? 14.630  1.307   12.032  0.50 32.87  ? 91  PRO A CB  1 
ATOM   694  C  CG  . PRO A 1 91  ? 13.341  2.102   12.014  0.50 32.40  ? 91  PRO A CG  1 
ATOM   695  C  CD  . PRO A 1 91  ? 13.278  2.701   10.624  0.50 32.16  ? 91  PRO A CD  1 
ATOM   696  N  N   . ALA A 1 92  ? 14.873  -1.692  10.694  0.50 34.75  ? 92  ALA A N   1 
ATOM   697  C  CA  . ALA A 1 92  ? 14.353  -3.066  10.846  0.50 34.18  ? 92  ALA A CA  1 
ATOM   698  C  C   . ALA A 1 92  ? 13.295  -3.001  11.947  0.50 35.11  ? 92  ALA A C   1 
ATOM   699  O  O   . ALA A 1 92  ? 13.653  -2.674  13.092  0.50 36.97  ? 92  ALA A O   1 
ATOM   700  C  CB  . ALA A 1 92  ? 15.466  -4.031  11.163  0.50 33.95  ? 92  ALA A CB  1 
ATOM   701  N  N   . ARG A 1 93  ? 12.027  -3.209  11.598  0.50 33.99  ? 93  ARG A N   1 
ATOM   702  C  CA  . ARG A 1 93  ? 10.915  -3.016  12.562  0.50 34.30  ? 93  ARG A CA  1 
ATOM   703  C  C   . ARG A 1 93  ? 9.740   -3.919  12.199  0.50 33.95  ? 93  ARG A C   1 
ATOM   704  O  O   . ARG A 1 93  ? 9.776   -4.566  11.130  0.50 34.08  ? 93  ARG A O   1 
ATOM   705  C  CB  . ARG A 1 93  ? 10.448  -1.558  12.551  0.50 35.51  ? 93  ARG A CB  1 
ATOM   706  C  CG  . ARG A 1 93  ? 9.753   -1.170  11.256  0.50 34.98  ? 93  ARG A CG  1 
ATOM   707  C  CD  . ARG A 1 93  ? 9.265   0.263   11.236  0.50 35.77  ? 93  ARG A CD  1 
ATOM   708  N  NE  . ARG A 1 93  ? 8.556   0.514   9.992   0.50 36.30  ? 93  ARG A NE  1 
ATOM   709  C  CZ  . ARG A 1 93  ? 7.291   0.182   9.770   0.50 36.18  ? 93  ARG A CZ  1 
ATOM   710  N  NH1 . ARG A 1 93  ? 6.585   -0.401  10.723  0.50 36.48  ? 93  ARG A NH1 1 
ATOM   711  N  NH2 . ARG A 1 93  ? 6.732   0.438   8.599   0.50 36.56  ? 93  ARG A NH2 1 
ATOM   712  N  N   . TYR A 1 94  ? 8.748   -3.923  13.086  1.00 35.44  ? 94  TYR A N   1 
ATOM   713  C  CA  . TYR A 1 94  ? 7.442   -4.588  12.906  1.00 34.33  ? 94  TYR A CA  1 
ATOM   714  C  C   . TYR A 1 94  ? 6.529   -3.668  12.122  1.00 32.95  ? 94  TYR A C   1 
ATOM   715  O  O   . TYR A 1 94  ? 6.241   -2.539  12.612  1.00 34.21  ? 94  TYR A O   1 
ATOM   716  C  CB  . TYR A 1 94  ? 6.778   -4.881  14.238  1.00 36.93  ? 94  TYR A CB  1 
ATOM   717  C  CG  . TYR A 1 94  ? 7.416   -6.087  14.849  1.00 40.00  ? 94  TYR A CG  1 
ATOM   718  C  CD1 . TYR A 1 94  ? 6.986   -7.346  14.478  1.00 40.53  ? 94  TYR A CD1 1 
ATOM   719  C  CD2 . TYR A 1 94  ? 8.543   -5.968  15.644  1.00 42.82  ? 94  TYR A CD2 1 
ATOM   720  C  CE1 . TYR A 1 94  ? 7.601   -8.478  14.977  1.00 41.57  ? 94  TYR A CE1 1 
ATOM   721  C  CE2 . TYR A 1 94  ? 9.164   -7.095  16.161  1.00 42.19  ? 94  TYR A CE2 1 
ATOM   722  C  CZ  . TYR A 1 94  ? 8.691   -8.351  15.818  1.00 45.34  ? 94  TYR A CZ  1 
ATOM   723  O  OH  . TYR A 1 94  ? 9.279   -9.484  16.296  1.00 51.80  ? 94  TYR A OH  1 
ATOM   724  N  N   . GLN A 1 95  ? 6.068   -4.151  10.978  1.00 24.98  ? 95  GLN A N   1 
ATOM   725  C  CA  . GLN A 1 95  ? 4.995   -3.462  10.225  1.00 21.63  ? 95  GLN A CA  1 
ATOM   726  C  C   . GLN A 1 95  ? 3.670   -4.173  10.489  1.00 19.43  ? 95  GLN A C   1 
ATOM   727  O  O   . GLN A 1 95  ? 3.583   -5.464  10.357  1.00 20.35  ? 95  GLN A O   1 
ATOM   728  C  CB  . GLN A 1 95  ? 5.352   -3.421  8.746   1.00 23.27  ? 95  GLN A CB  1 
ATOM   729  C  CG  . GLN A 1 95  ? 4.394   -2.562  7.934   1.00 24.30  ? 95  GLN A CG  1 
ATOM   730  C  CD  . GLN A 1 95  ? 5.011   -2.105  6.633   1.00 21.59  ? 95  GLN A CD  1 
ATOM   731  O  OE1 . GLN A 1 95  ? 6.174   -1.720  6.562   1.00 22.83  ? 95  GLN A OE1 1 
ATOM   732  N  NE2 . GLN A 1 95  ? 4.195   -2.090  5.601   1.00 20.98  ? 95  GLN A NE2 1 
ATOM   733  N  N   . SER A 1 96  ? 2.627   -3.431  10.743  1.00 18.14  ? 96  SER A N   1 
ATOM   734  C  CA  . SER A 1 96  ? 1.270   -3.983  10.907  1.00 17.92  ? 96  SER A CA  1 
ATOM   735  C  C   . SER A 1 96  ? 0.433   -3.939  9.616   1.00 18.96  ? 96  SER A C   1 
ATOM   736  O  O   . SER A 1 96  ? 0.749   -3.149  8.690   1.00 16.21  ? 96  SER A O   1 
ATOM   737  C  CB  . SER A 1 96  ? 0.525   -3.309  12.048  1.00 19.12  ? 96  SER A CB  1 
ATOM   738  O  OG  . SER A 1 96  ? 0.286   -1.944  11.761  1.00 21.14  ? 96  SER A OG  1 
ATOM   739  N  N   . HIS A 1 97  ? -0.660  -4.697  9.571   1.00 17.21  ? 97  HIS A N   1 
ATOM   740  C  CA  . HIS A 1 97  ? -1.631  -4.714  8.455   1.00 17.38  ? 97  HIS A CA  1 
ATOM   741  C  C   . HIS A 1 97  ? -0.901  -5.057  7.140   1.00 16.46  ? 97  HIS A C   1 
ATOM   742  O  O   . HIS A 1 97  ? -1.281  -4.488  6.099   1.00 15.53  ? 97  HIS A O   1 
ATOM   743  C  CB  . HIS A 1 97  ? -2.375  -3.380  8.416   1.00 17.23  ? 97  HIS A CB  1 
ATOM   744  C  CG  . HIS A 1 97  ? -3.248  -3.146  9.621   1.00 18.86  ? 97  HIS A CG  1 
ATOM   745  N  ND1 . HIS A 1 97  ? -4.591  -3.456  9.615   1.00 19.86  ? 97  HIS A ND1 1 
ATOM   746  C  CD2 . HIS A 1 97  ? -2.963  -2.666  10.867  1.00 21.38  ? 97  HIS A CD2 1 
ATOM   747  C  CE1 . HIS A 1 97  ? -5.130  -3.112  10.794  1.00 20.33  ? 97  HIS A CE1 1 
ATOM   748  N  NE2 . HIS A 1 97  ? -4.142  -2.673  11.577  1.00 21.26  ? 97  HIS A NE2 1 
ATOM   749  N  N   . LEU A 1 98  ? 0.158   -5.836  7.237   1.00 16.26  ? 98  LEU A N   1 
ATOM   750  C  CA  . LEU A 1 98  ? 0.988   -6.238  6.087   1.00 15.66  ? 98  LEU A CA  1 
ATOM   751  C  C   . LEU A 1 98  ? 0.553   -7.608  5.556   1.00 15.19  ? 98  LEU A C   1 
ATOM   752  O  O   . LEU A 1 98  ? 0.437   -8.572  6.345   1.00 15.43  ? 98  LEU A O   1 
ATOM   753  C  CB  . LEU A 1 98  ? 2.452   -6.272  6.501   1.00 16.40  ? 98  LEU A CB  1 
ATOM   754  C  CG  . LEU A 1 98  ? 3.478   -6.492  5.385   1.00 16.65  ? 98  LEU A CG  1 
ATOM   755  C  CD1 . LEU A 1 98  ? 3.369   -5.409  4.342   1.00 16.83  ? 98  LEU A CD1 1 
ATOM   756  C  CD2 . LEU A 1 98  ? 4.886   -6.527  5.952   1.00 20.68  ? 98  LEU A CD2 1 
ATOM   757  N  N   . MET A 1 99  ? 0.553   -7.740  4.226   1.00 13.49  ? 99  MET A N   1 
ATOM   758  C  CA  . MET A 1 99  ? 0.212   -9.008  3.533   1.00 12.50  ? 99  MET A CA  1 
ATOM   759  C  C   . MET A 1 99  ? 1.414   -9.445  2.707   1.00 13.75  ? 99  MET A C   1 
ATOM   760  O  O   . MET A 1 99  ? 1.982   -8.590  1.994   1.00 14.04  ? 99  MET A O   1 
ATOM   761  C  CB  . MET A 1 99  ? -0.998  -8.787  2.631   1.00 11.96  ? 99  MET A CB  1 
ATOM   762  C  CG  . MET A 1 99  ? -2.269  -8.358  3.375   1.00 13.64  ? 99  MET A CG  1 
ATOM   763  S  SD  . MET A 1 99  ? -3.587  -7.861  2.360   1.00 16.79  ? 99  MET A SD  1 
ATOM   764  C  CE  . MET A 1 99  ? -2.894  -6.398  1.568   1.00 15.35  ? 99  MET A CE  1 
ATOM   765  N  N   . LEU A 1 100 ? 1.845   -10.696 2.776   1.00 12.95  ? 100 LEU A N   1 
ATOM   766  C  CA  . LEU A 1 100 ? 3.024   -11.139 1.977   1.00 12.93  ? 100 LEU A CA  1 
ATOM   767  C  C   . LEU A 1 100 ? 2.565   -12.066 0.857   1.00 13.01  ? 100 LEU A C   1 
ATOM   768  O  O   . LEU A 1 100 ? 1.603   -12.869 1.024   1.00 12.69  ? 100 LEU A O   1 
ATOM   769  C  CB  . LEU A 1 100 ? 4.062   -11.921 2.804   1.00 15.24  ? 100 LEU A CB  1 
ATOM   770  C  CG  . LEU A 1 100 ? 4.721   -11.167 3.951   1.00 17.65  ? 100 LEU A CG  1 
ATOM   771  C  CD1 . LEU A 1 100 ? 5.732   -12.050 4.651   1.00 21.98  ? 100 LEU A CD1 1 
ATOM   772  C  CD2 . LEU A 1 100 ? 5.385   -9.918  3.471   1.00 19.92  ? 100 LEU A CD2 1 
ATOM   773  N  N   . ALA A 1 101 ? 3.275   -11.992 -0.255  1.00 12.30  ? 101 ALA A N   1 
ATOM   774  C  CA  . ALA A 1 101 ? 3.167   -12.904 -1.404  1.00 12.39  ? 101 ALA A CA  1 
ATOM   775  C  C   . ALA A 1 101 ? 4.573   -13.250 -1.874  1.00 12.31  ? 101 ALA A C   1 
ATOM   776  O  O   . ALA A 1 101 ? 5.529   -12.492 -1.579  1.00 12.92  ? 101 ALA A O   1 
ATOM   777  C  CB  . ALA A 1 101 ? 2.409   -12.272 -2.549  1.00 12.70  ? 101 ALA A CB  1 
ATOM   778  N  N   . VAL A 1 102 ? 4.687   -14.349 -2.611  1.00 12.73  ? 102 VAL A N   1 
ATOM   779  C  CA  . VAL A 1 102 ? 5.935   -14.702 -3.314  1.00 13.10  ? 102 VAL A CA  1 
ATOM   780  C  C   . VAL A 1 102 ? 5.960   -13.916 -4.619  1.00 13.59  ? 102 VAL A C   1 
ATOM   781  O  O   . VAL A 1 102 ? 5.064   -14.066 -5.472  1.00 14.32  ? 102 VAL A O   1 
ATOM   782  C  CB  . VAL A 1 102 ? 6.015   -16.227 -3.511  1.00 13.65  ? 102 VAL A CB  1 
ATOM   783  C  CG1 . VAL A 1 102 ? 7.244   -16.592 -4.308  1.00 14.34  ? 102 VAL A CG1 1 
ATOM   784  C  CG2 . VAL A 1 102 ? 5.964   -16.969 -2.184  1.00 14.97  ? 102 VAL A CG2 1 
ATOM   785  N  N   . GLY A 1 103 ? 6.956   -13.053 -4.735  1.00 14.04  ? 103 GLY A N   1 
ATOM   786  C  CA  . GLY A 1 103 ? 7.035   -12.256 -5.965  1.00 14.60  ? 103 GLY A CA  1 
ATOM   787  C  C   . GLY A 1 103 ? 8.177   -11.300 -5.857  1.00 16.47  ? 103 GLY A C   1 
ATOM   788  O  O   . GLY A 1 103 ? 8.782   -11.205 -4.808  1.00 18.23  ? 103 GLY A O   1 
ATOM   789  N  N   . HIS A 1 104 ? 8.349   -10.524 -6.931  1.00 16.88  ? 104 HIS A N   1 
ATOM   790  C  CA  . HIS A 1 104 ? 9.441   -9.537  -7.028  1.00 16.79  ? 104 HIS A CA  1 
ATOM   791  C  C   . HIS A 1 104 ? 9.019   -8.147  -6.551  1.00 14.83  ? 104 HIS A C   1 
ATOM   792  O  O   . HIS A 1 104 ? 7.959   -7.624  -6.978  1.00 14.42  ? 104 HIS A O   1 
ATOM   793  C  CB  . HIS A 1 104 ? 9.898   -9.450  -8.471  1.00 16.42  ? 104 HIS A CB  1 
ATOM   794  C  CG  . HIS A 1 104 ? 11.114  -8.608  -8.567  1.00 17.52  ? 104 HIS A CG  1 
ATOM   795  N  ND1 . HIS A 1 104 ? 12.278  -8.971  -7.929  1.00 17.19  ? 104 HIS A ND1 1 
ATOM   796  C  CD2 . HIS A 1 104 ? 11.319  -7.376  -9.087  1.00 18.37  ? 104 HIS A CD2 1 
ATOM   797  C  CE1 . HIS A 1 104 ? 13.181  -8.011  -8.124  1.00 18.81  ? 104 HIS A CE1 1 
ATOM   798  N  NE2 . HIS A 1 104 ? 12.609  -7.037  -8.809  1.00 17.71  ? 104 HIS A NE2 1 
ATOM   799  N  N   . SER A 1 105 ? 9.830   -7.538  -5.709  1.00 16.28  ? 105 SER A N   1 
ATOM   800  C  CA  . SER A 1 105 ? 9.628   -6.178  -5.158  1.00 17.46  ? 105 SER A CA  1 
ATOM   801  C  C   . SER A 1 105 ? 11.014  -5.586  -4.892  1.00 22.50  ? 105 SER A C   1 
ATOM   802  O  O   . SER A 1 105 ? 11.726  -6.176  -4.084  1.00 24.81  ? 105 SER A O   1 
ATOM   803  C  CB  . SER A 1 105 ? 8.780   -6.248  -3.906  1.00 17.88  ? 105 SER A CB  1 
ATOM   804  O  OG  . SER A 1 105 ? 8.530   -4.972  -3.301  1.00 21.71  ? 105 SER A OG  1 
ATOM   805  N  N   . GLU A 1 106 ? 11.287  -4.431  -5.478  1.00 18.58  ? 106 GLU A N   1 
ATOM   806  C  CA  . GLU A 1 106 ? 12.417  -3.535  -5.154  1.00 20.87  ? 106 GLU A CA  1 
ATOM   807  C  C   . GLU A 1 106 ? 11.891  -2.251  -4.525  1.00 21.40  ? 106 GLU A C   1 
ATOM   808  O  O   . GLU A 1 106 ? 10.694  -1.947  -4.597  1.00 21.01  ? 106 GLU A O   1 
ATOM   809  C  CB  . GLU A 1 106 ? 13.158  -3.198  -6.450  1.00 23.62  ? 106 GLU A CB  1 
ATOM   810  C  CG  . GLU A 1 106 ? 13.854  -4.396  -7.020  1.00 24.83  ? 106 GLU A CG  1 
ATOM   811  C  CD  . GLU A 1 106 ? 14.440  -4.151  -8.398  1.00 24.18  ? 106 GLU A CD  1 
ATOM   812  O  OE1 . GLU A 1 106 ? 15.014  -3.092  -8.617  1.00 25.72  ? 106 GLU A OE1 1 
ATOM   813  O  OE2 . GLU A 1 106 ? 14.262  -5.006  -9.255  1.00 24.06  ? 106 GLU A OE2 1 
ATOM   814  N  N   . PRO A 1 107 ? 12.746  -1.443  -3.854  1.00 21.71  ? 107 PRO A N   1 
ATOM   815  C  CA  . PRO A 1 107 ? 12.263  -0.236  -3.176  1.00 21.87  ? 107 PRO A CA  1 
ATOM   816  C  C   . PRO A 1 107 ? 11.355  0.689   -4.011  1.00 19.60  ? 107 PRO A C   1 
ATOM   817  O  O   . PRO A 1 107 ? 10.297  1.169   -3.509  1.00 21.67  ? 107 PRO A O   1 
ATOM   818  C  CB  . PRO A 1 107 ? 13.600  0.439   -2.788  1.00 24.27  ? 107 PRO A CB  1 
ATOM   819  C  CG  . PRO A 1 107 ? 14.466  -0.748  -2.481  1.00 25.08  ? 107 PRO A CG  1 
ATOM   820  C  CD  . PRO A 1 107 ? 14.188  -1.685  -3.640  1.00 22.69  ? 107 PRO A CD  1 
ATOM   821  N  N   . GLY A 1 108 ? 11.716  0.952   -5.254  1.00 18.04  ? 108 GLY A N   1 
ATOM   822  C  CA  . GLY A 1 108 ? 10.944  1.799   -6.175  1.00 18.54  ? 108 GLY A CA  1 
ATOM   823  C  C   . GLY A 1 108 ? 9.639   1.164   -6.614  1.00 16.83  ? 108 GLY A C   1 
ATOM   824  O  O   . GLY A 1 108 ? 8.881   1.844   -7.248  1.00 16.48  ? 108 GLY A O   1 
ATOM   825  N  N   . ASP A 1 109 ? 9.422   -0.119  -6.303  1.00 14.47  ? 109 ASP A N   1 
ATOM   826  C  CA  . ASP A 1 109 ? 8.105   -0.740  -6.580  1.00 15.51  ? 109 ASP A CA  1 
ATOM   827  C  C   . ASP A 1 109 ? 7.068   -0.309  -5.551  1.00 13.82  ? 109 ASP A C   1 
ATOM   828  O  O   . ASP A 1 109 ? 5.886   -0.540  -5.831  1.00 12.24  ? 109 ASP A O   1 
ATOM   829  C  CB  . ASP A 1 109 ? 8.235   -2.250  -6.549  1.00 14.51  ? 109 ASP A CB  1 
ATOM   830  C  CG  . ASP A 1 109 ? 8.972   -2.747  -7.776  1.00 15.38  ? 109 ASP A CG  1 
ATOM   831  O  OD1 . ASP A 1 109 ? 8.812   -2.115  -8.818  1.00 15.09  ? 109 ASP A OD1 1 
ATOM   832  O  OD2 . ASP A 1 109 ? 9.709   -3.753  -7.663  1.00 15.36  ? 109 ASP A OD2 1 
ATOM   833  N  N   . CYS A 1 110 ? 7.461   0.319   -4.456  1.00 14.50  ? 110 CYS A N   1 
ATOM   834  C  CA  . CYS A 1 110 ? 6.471   0.781   -3.460  1.00 14.14  ? 110 CYS A CA  1 
ATOM   835  C  C   . CYS A 1 110 ? 5.447   1.674   -4.133  1.00 14.86  ? 110 CYS A C   1 
ATOM   836  O  O   . CYS A 1 110 ? 5.854   2.515   -4.961  1.00 14.70  ? 110 CYS A O   1 
ATOM   837  C  CB  . CYS A 1 110 ? 7.122   1.527   -2.310  1.00 15.25  ? 110 CYS A CB  1 
ATOM   838  S  SG  . CYS A 1 110 ? 7.915   0.382   -1.164  1.00 17.73  ? 110 CYS A SG  1 
ATOM   839  N  N   . GLY A 1 111 ? 4.164   1.510   -3.807  1.00 12.43  ? 111 GLY A N   1 
ATOM   840  C  CA  . GLY A 1 111 ? 3.075   2.315   -4.351  1.00 13.26  ? 111 GLY A CA  1 
ATOM   841  C  C   . GLY A 1 111 ? 2.357   1.557   -5.460  1.00 13.04  ? 111 GLY A C   1 
ATOM   842  O  O   . GLY A 1 111 ? 1.271   1.978   -5.888  1.00 13.06  ? 111 GLY A O   1 
ATOM   843  N  N   . GLY A 1 112 ? 2.962   0.491   -5.966  1.00 13.14  ? 112 GLY A N   1 
ATOM   844  C  CA  . GLY A 1 112 ? 2.271   -0.396  -6.905  1.00 11.65  ? 112 GLY A CA  1 
ATOM   845  C  C   . GLY A 1 112 ? 0.980   -0.921  -6.288  1.00 10.81  ? 112 GLY A C   1 
ATOM   846  O  O   . GLY A 1 112 ? 1.018   -1.380  -5.166  1.00 11.81  ? 112 GLY A O   1 
ATOM   847  N  N   . ILE A 1 113 ? -0.105  -0.876  -7.038  1.00 11.34  ? 113 ILE A N   1 
ATOM   848  C  CA  . ILE A 1 113 ? -1.415  -1.322  -6.496  1.00 11.06  ? 113 ILE A CA  1 
ATOM   849  C  C   . ILE A 1 113 ? -1.588  -2.815  -6.624  1.00 10.48  ? 113 ILE A C   1 
ATOM   850  O  O   . ILE A 1 113 ? -1.347  -3.392  -7.729  1.00 11.84  ? 113 ILE A O   1 
ATOM   851  C  CB  . ILE A 1 113 ? -2.554  -0.528  -7.120  1.00 12.60  ? 113 ILE A CB  1 
ATOM   852  C  CG1 . ILE A 1 113 ? -2.545  0.891   -6.592  1.00 15.38  ? 113 ILE A CG1 1 
ATOM   853  C  CG2 . ILE A 1 113 ? -3.886  -1.201  -6.857  1.00 13.75  ? 113 ILE A CG2 1 
ATOM   854  C  CD1 . ILE A 1 113 ? -3.420  1.841   -7.405  1.00 18.70  ? 113 ILE A CD1 1 
ATOM   855  N  N   . LEU A 1 114 ? -2.131  -3.433  -5.563  1.00 10.72  ? 114 LEU A N   1 
ATOM   856  C  CA  . LEU A 1 114 ? -2.663  -4.816  -5.550  1.00 10.62  ? 114 LEU A CA  1 
ATOM   857  C  C   . LEU A 1 114 ? -4.164  -4.678  -5.654  1.00 12.01  ? 114 LEU A C   1 
ATOM   858  O  O   . LEU A 1 114 ? -4.767  -3.922  -4.823  1.00 10.54  ? 114 LEU A O   1 
ATOM   859  C  CB  . LEU A 1 114 ? -2.235  -5.489  -4.239  1.00 10.79  ? 114 LEU A CB  1 
ATOM   860  C  CG  . LEU A 1 114 ? -2.821  -6.866  -3.972  1.00 11.46  ? 114 LEU A CG  1 
ATOM   861  C  CD1 . LEU A 1 114 ? -2.316  -7.875  -5.000  1.00 11.65  ? 114 LEU A CD1 1 
ATOM   862  C  CD2 . LEU A 1 114 ? -2.510  -7.286  -2.548  1.00 12.11  ? 114 LEU A CD2 1 
ATOM   863  N  N   . ARG A 1 115 ? -4.749  -5.381  -6.626  0.82 12.28  ? 115 ARG A N   1 
ATOM   864  C  CA  . ARG A 1 115 ? -6.207  -5.329  -6.887  0.82 13.89  ? 115 ARG A CA  1 
ATOM   865  C  C   . ARG A 1 115 ? -6.805  -6.721  -7.005  0.82 13.46  ? 115 ARG A C   1 
ATOM   866  O  O   . ARG A 1 115 ? -6.154  -7.648  -7.488  0.82 12.70  ? 115 ARG A O   1 
ATOM   867  C  CB  . ARG A 1 115 ? -6.586  -4.567  -8.160  0.82 17.65  ? 115 ARG A CB  1 
ATOM   868  C  CG  . ARG A 1 115 ? -5.458  -4.086  -9.044  0.82 24.50  ? 115 ARG A CG  1 
ATOM   869  C  CD  . ARG A 1 115 ? -6.036  -3.199  -10.146 0.82 25.98  ? 115 ARG A CD  1 
ATOM   870  N  NE  . ARG A 1 115 ? -6.114  -1.791  -9.803  0.82 29.41  ? 115 ARG A NE  1 
ATOM   871  C  CZ  . ARG A 1 115 ? -7.201  -1.100  -9.448  0.82 30.78  ? 115 ARG A CZ  1 
ATOM   872  N  NH1 . ARG A 1 115 ? -8.402  -1.657  -9.352  0.82 34.50  ? 115 ARG A NH1 1 
ATOM   873  N  NH2 . ARG A 1 115 ? -7.061  0.178   -9.164  0.82 29.61  ? 115 ARG A NH2 1 
ATOM   874  N  N   . CYS A 1 116 ? -8.062  -6.814  -6.581  1.00 13.24  ? 116 CYS A N   1 
ATOM   875  C  CA  . CYS A 1 116 ? -8.925  -7.976  -6.829  1.00 13.80  ? 116 CYS A CA  1 
ATOM   876  C  C   . CYS A 1 116 ? -10.157 -7.518  -7.624  1.00 15.14  ? 116 CYS A C   1 
ATOM   877  O  O   . CYS A 1 116 ? -10.235 -6.335  -8.007  1.00 16.41  ? 116 CYS A O   1 
ATOM   878  C  CB  . CYS A 1 116 ? -9.277  -8.641  -5.513  1.00 14.13  ? 116 CYS A CB  1 
ATOM   879  S  SG  . CYS A 1 116 ? -10.300 -7.593  -4.439  1.00 15.21  ? 116 CYS A SG  1 
ATOM   880  N  N   . GLN A 1 117 ? -11.151 -8.408  -7.762  1.00 18.89  ? 117 GLN A N   1 
ATOM   881  C  CA  . GLN A 1 117 ? -12.399 -8.039  -8.494  1.00 19.50  ? 117 GLN A CA  1 
ATOM   882  C  C   . GLN A 1 117 ? -13.183 -6.932  -7.750  1.00 18.88  ? 117 GLN A C   1 
ATOM   883  O  O   . GLN A 1 117 ? -13.950 -6.186  -8.412  1.00 21.82  ? 117 GLN A O   1 
ATOM   884  C  CB  . GLN A 1 117 ? -13.271 -9.278  -8.723  1.00 21.87  ? 117 GLN A CB  1 
ATOM   885  C  CG  . GLN A 1 117 ? -13.723 -9.933  -7.430  1.00 25.25  ? 117 GLN A CG  1 
ATOM   886  C  CD  . GLN A 1 117 ? -12.781 -11.029 -6.979  1.00 30.96  ? 117 GLN A CD  1 
ATOM   887  O  OE1 . GLN A 1 117 ? -11.553 -10.943 -7.168  1.00 38.39  ? 117 GLN A OE1 1 
ATOM   888  N  NE2 . GLN A 1 117 ? -13.355 -12.072 -6.388  1.00 34.25  ? 117 GLN A NE2 1 
ATOM   889  N  N   . HIS A 1 118 ? -12.970 -6.801  -6.437  0.82 18.16  ? 118 HIS A N   1 
ATOM   890  C  CA  . HIS A 1 118 ? -13.707 -5.865  -5.544  0.82 17.40  ? 118 HIS A CA  1 
ATOM   891  C  C   . HIS A 1 118 ? -13.061 -4.479  -5.514  0.82 17.79  ? 118 HIS A C   1 
ATOM   892  O  O   . HIS A 1 118 ? -13.700 -3.555  -4.940  0.82 17.37  ? 118 HIS A O   1 
ATOM   893  C  CB  . HIS A 1 118 ? -13.812 -6.451  -4.143  0.82 18.09  ? 118 HIS A CB  1 
ATOM   894  C  CG  . HIS A 1 118 ? -14.363 -7.832  -4.155  0.82 18.82  ? 118 HIS A CG  1 
ATOM   895  N  ND1 . HIS A 1 118 ? -13.565 -8.948  -3.981  0.82 18.61  ? 118 HIS A ND1 1 
ATOM   896  C  CD2 . HIS A 1 118 ? -15.620 -8.286  -4.358  0.82 20.05  ? 118 HIS A CD2 1 
ATOM   897  C  CE1 . HIS A 1 118 ? -14.316 -10.031 -4.045  0.82 21.39  ? 118 HIS A CE1 1 
ATOM   898  N  NE2 . HIS A 1 118 ? -15.579 -9.648  -4.263  0.82 21.72  ? 118 HIS A NE2 1 
ATOM   899  N  N   . GLY A 1 119 ? -11.849 -4.339  -6.079  1.00 17.09  ? 119 GLY A N   1 
ATOM   900  C  CA  . GLY A 1 119 ? -11.139 -3.053  -6.171  1.00 16.22  ? 119 GLY A CA  1 
ATOM   901  C  C   . GLY A 1 119 ? -9.742  -3.128  -5.554  1.00 15.11  ? 119 GLY A C   1 
ATOM   902  O  O   . GLY A 1 119 ? -9.097  -4.180  -5.554  1.00 15.53  ? 119 GLY A O   1 
ATOM   903  N  N   . VAL A 1 120 ? -9.300  -1.996  -5.029  1.00 14.11  ? 120 VAL A N   1 
ATOM   904  C  CA  . VAL A 1 120 ? -7.914  -1.851  -4.529  1.00 13.80  ? 120 VAL A CA  1 
ATOM   905  C  C   . VAL A 1 120 ? -7.812  -2.544  -3.196  1.00 13.92  ? 120 VAL A C   1 
ATOM   906  O  O   . VAL A 1 120 ? -8.594  -2.224  -2.285  1.00 13.47  ? 120 VAL A O   1 
ATOM   907  C  CB  . VAL A 1 120 ? -7.507  -0.386  -4.448  1.00 14.78  ? 120 VAL A CB  1 
ATOM   908  C  CG1 . VAL A 1 120 ? -6.168  -0.269  -3.756  1.00 13.81  ? 120 VAL A CG1 1 
ATOM   909  C  CG2 . VAL A 1 120 ? -7.536  0.295   -5.808  1.00 15.82  ? 120 VAL A CG2 1 
ATOM   910  N  N   . VAL A 1 121 ? -6.835  -3.443  -3.054  1.00 14.00  ? 121 VAL A N   1 
ATOM   911  C  CA  . VAL A 1 121 ? -6.586  -4.183  -1.811  1.00 12.76  ? 121 VAL A CA  1 
ATOM   912  C  C   . VAL A 1 121 ? -5.518  -3.453  -0.996  1.00 13.70  ? 121 VAL A C   1 
ATOM   913  O  O   . VAL A 1 121 ? -5.603  -3.385  0.224   1.00 12.26  ? 121 VAL A O   1 
ATOM   914  C  CB  . VAL A 1 121 ? -6.145  -5.615  -2.157  1.00 11.36  ? 121 VAL A CB  1 
ATOM   915  C  CG1 . VAL A 1 121 ? -5.700  -6.389  -0.955  1.00 12.57  ? 121 VAL A CG1 1 
ATOM   916  C  CG2 . VAL A 1 121 ? -7.275  -6.306  -2.923  1.00 12.49  ? 121 VAL A CG2 1 
ATOM   917  N  N   . GLY A 1 122 ? -4.473  -2.960  -1.640  1.00 12.24  ? 122 GLY A N   1 
ATOM   918  C  CA  . GLY A 1 122 ? -3.312  -2.439  -0.893  1.00 12.96  ? 122 GLY A CA  1 
ATOM   919  C  C   . GLY A 1 122 ? -2.250  -1.927  -1.853  1.00 11.21  ? 122 GLY A C   1 
ATOM   920  O  O   . GLY A 1 122 ? -2.464  -1.921  -3.063  1.00 12.35  ? 122 GLY A O   1 
ATOM   921  N  N   . ILE A 1 123 ? -1.136  -1.509  -1.289  1.00 10.81  ? 123 ILE A N   1 
ATOM   922  C  CA  . ILE A 1 123 ? -0.032  -0.975  -2.111  1.00 11.52  ? 123 ILE A CA  1 
ATOM   923  C  C   . ILE A 1 123 ? 1.241   -1.673  -1.684  1.00 11.35  ? 123 ILE A C   1 
ATOM   924  O  O   . ILE A 1 123 ? 1.430   -1.966  -0.475  1.00 11.79  ? 123 ILE A O   1 
ATOM   925  C  CB  . ILE A 1 123 ? 0.096   0.540   -2.028  1.00 12.30  ? 123 ILE A CB  1 
ATOM   926  C  CG1 . ILE A 1 123 ? 0.162   1.057   -0.590  1.00 14.90  ? 123 ILE A CG1 1 
ATOM   927  C  CG2 . ILE A 1 123 ? -0.965  1.196   -2.885  1.00 14.19  ? 123 ILE A CG2 1 
ATOM   928  C  CD1 . ILE A 1 123 ? 0.591   2.525   -0.533  1.00 17.18  ? 123 ILE A CD1 1 
ATOM   929  N  N   . VAL A 1 124 ? 2.127   -1.896  -2.649  1.00 10.33  ? 124 VAL A N   1 
ATOM   930  C  CA  . VAL A 1 124 ? 3.455   -2.457  -2.321  1.00 12.32  ? 124 VAL A CA  1 
ATOM   931  C  C   . VAL A 1 124 ? 4.131   -1.589  -1.261  1.00 12.48  ? 124 VAL A C   1 
ATOM   932  O  O   . VAL A 1 124 ? 4.184   -0.346  -1.422  1.00 11.56  ? 124 VAL A O   1 
ATOM   933  C  CB  . VAL A 1 124 ? 4.313   -2.569  -3.577  1.00 11.97  ? 124 VAL A CB  1 
ATOM   934  C  CG1 . VAL A 1 124 ? 5.742   -2.966  -3.227  1.00 12.60  ? 124 VAL A CG1 1 
ATOM   935  C  CG2 . VAL A 1 124 ? 3.735   -3.517  -4.597  1.00 11.95  ? 124 VAL A CG2 1 
ATOM   936  N  N   . SER A 1 125 ? 4.663   -2.221  -0.228  1.00 14.14  ? 125 SER A N   1 
ATOM   937  C  CA  . SER A 1 125 ? 5.321   -1.523  0.898   1.00 14.87  ? 125 SER A CA  1 
ATOM   938  C  C   . SER A 1 125 ? 6.690   -2.129  1.230   1.00 17.56  ? 125 SER A C   1 
ATOM   939  O  O   . SER A 1 125 ? 7.589   -1.367  1.708   1.00 17.84  ? 125 SER A O   1 
ATOM   940  C  CB  . SER A 1 125 ? 4.406   -1.529  2.071   1.00 15.47  ? 125 SER A CB  1 
ATOM   941  O  OG  . SER A 1 125 ? 4.964   -0.873  3.191   1.00 16.75  ? 125 SER A OG  1 
ATOM   942  N  N   . THR A 1 126 ? 6.867   -3.427  1.057   1.00 17.27  ? 126 THR A N   1 
ATOM   943  C  CA  . THR A 1 126 ? 8.106   -4.161  1.441   1.00 17.92  ? 126 THR A CA  1 
ATOM   944  C  C   . THR A 1 126 ? 8.519   -5.121  0.348   1.00 17.66  ? 126 THR A C   1 
ATOM   945  O  O   . THR A 1 126 ? 7.702   -5.466  -0.519  1.00 16.81  ? 126 THR A O   1 
ATOM   946  C  CB  . THR A 1 126 ? 7.980   -4.911  2.776   1.00 18.89  ? 126 THR A CB  1 
ATOM   947  O  OG1 . THR A 1 126 ? 7.154   -6.073  2.630   1.00 19.07  ? 126 THR A OG1 1 
ATOM   948  C  CG2 . THR A 1 126 ? 7.438   -4.036  3.874   1.00 18.91  ? 126 THR A CG2 1 
ATOM   949  N  N   . GLY A 1 127 ? 9.791   -5.557  0.358   1.00 18.70  ? 127 GLY A N   1 
ATOM   950  C  CA  . GLY A 1 127 ? 10.276  -6.512  -0.654  1.00 20.66  ? 127 GLY A CA  1 
ATOM   951  C  C   . GLY A 1 127 ? 11.518  -7.268  -0.188  1.00 25.43  ? 127 GLY A C   1 
ATOM   952  O  O   . GLY A 1 127 ? 11.789  -7.227  0.996   1.00 29.52  ? 127 GLY A O   1 
ATOM   953  N  N   . GLY A 1 128 ? 12.209  -7.919  -1.116  1.00 29.40  ? 128 GLY A N   1 
ATOM   954  C  CA  . GLY A 1 128 ? 13.439  -8.706  -0.882  1.00 33.50  ? 128 GLY A CA  1 
ATOM   955  C  C   . GLY A 1 128 ? 13.177  -10.145 -0.455  1.00 33.50  ? 128 GLY A C   1 
ATOM   956  O  O   . GLY A 1 128 ? 12.057  -10.469 0.023   1.00 35.54  ? 128 GLY A O   1 
ATOM   957  N  N   . ASN A 1 129 ? 14.203  -10.991 -0.563  1.00 34.79  ? 129 ASN A N   1 
ATOM   958  C  CA  . ASN A 1 129 ? 14.146  -12.437 -0.214  1.00 35.24  ? 129 ASN A CA  1 
ATOM   959  C  C   . ASN A 1 129 ? 12.980  -13.080 -0.970  1.00 29.70  ? 129 ASN A C   1 
ATOM   960  O  O   . ASN A 1 129 ? 12.354  -13.998 -0.387  1.00 29.97  ? 129 ASN A O   1 
ATOM   961  C  CB  . ASN A 1 129 ? 13.980  -12.684 1.291   1.00 37.79  ? 129 ASN A CB  1 
ATOM   962  C  CG  . ASN A 1 129 ? 15.246  -12.451 2.088   1.00 41.22  ? 129 ASN A CG  1 
ATOM   963  O  OD1 . ASN A 1 129 ? 16.327  -12.304 1.515   1.00 41.58  ? 129 ASN A OD1 1 
ATOM   964  N  ND2 . ASN A 1 129 ? 15.124  -12.460 3.410   1.00 42.09  ? 129 ASN A ND2 1 
ATOM   965  N  N   . GLY A 1 130 ? 12.693  -12.596 -2.188  1.00 26.07  ? 130 GLY A N   1 
ATOM   966  C  CA  . GLY A 1 130 ? 11.699  -13.184 -3.095  1.00 21.49  ? 130 GLY A CA  1 
ATOM   967  C  C   . GLY A 1 130 ? 10.255  -13.005 -2.592  1.00 18.95  ? 130 GLY A C   1 
ATOM   968  O  O   . GLY A 1 130 ? 9.384   -13.698 -3.112  1.00 18.58  ? 130 GLY A O   1 
ATOM   969  N  N   . LEU A 1 131 ? 10.017  -12.112 -1.634  1.00 18.31  ? 131 LEU A N   1 
ATOM   970  C  CA  . LEU A 1 131 ? 8.671   -11.799 -1.126  1.00 17.30  ? 131 LEU A CA  1 
ATOM   971  C  C   . LEU A 1 131 ? 8.329   -10.364 -1.525  1.00 16.79  ? 131 LEU A C   1 
ATOM   972  O  O   . LEU A 1 131 ? 9.225   -9.517  -1.728  1.00 17.79  ? 131 LEU A O   1 
ATOM   973  C  CB  . LEU A 1 131 ? 8.622   -11.978 0.381   1.00 20.33  ? 131 LEU A CB  1 
ATOM   974  C  CG  . LEU A 1 131 ? 8.933   -13.405 0.856   1.00 21.84  ? 131 LEU A CG  1 
ATOM   975  C  CD1 . LEU A 1 131 ? 9.037   -13.459 2.367   1.00 27.16  ? 131 LEU A CD1 1 
ATOM   976  C  CD2 . LEU A 1 131 ? 7.886   -14.369 0.359   1.00 21.92  ? 131 LEU A CD2 1 
ATOM   977  N  N   . VAL A 1 132 ? 7.041   -10.122 -1.654  1.00 14.73  ? 132 VAL A N   1 
ATOM   978  C  CA  . VAL A 1 132 ? 6.521   -8.748  -1.822  1.00 14.02  ? 132 VAL A CA  1 
ATOM   979  C  C   . VAL A 1 132 ? 5.539   -8.538  -0.684  1.00 13.72  ? 132 VAL A C   1 
ATOM   980  O  O   . VAL A 1 132 ? 4.712   -9.412  -0.474  1.00 13.74  ? 132 VAL A O   1 
ATOM   981  C  CB  . VAL A 1 132 ? 5.915   -8.488  -3.209  1.00 15.79  ? 132 VAL A CB  1 
ATOM   982  C  CG1 . VAL A 1 132 ? 4.948   -9.575  -3.672  1.00 17.33  ? 132 VAL A CG1 1 
ATOM   983  C  CG2 . VAL A 1 132 ? 5.280   -7.099  -3.329  1.00 14.28  ? 132 VAL A CG2 1 
ATOM   984  N  N   . GLY A 1 133 ? 5.661   -7.430  0.037   1.00 13.26  ? 133 GLY A N   1 
ATOM   985  C  CA  . GLY A 1 133 ? 4.706   -7.075  1.070   1.00 12.67  ? 133 GLY A CA  1 
ATOM   986  C  C   . GLY A 1 133 ? 3.806   -5.930  0.673   1.00 11.96  ? 133 GLY A C   1 
ATOM   987  O  O   . GLY A 1 133 ? 4.300   -4.932  0.096   1.00 13.51  ? 133 GLY A O   1 
ATOM   988  N  N   . PHE A 1 134 ? 2.521   -6.028  0.977   1.00 10.77  ? 134 PHE A N   1 
ATOM   989  C  CA  . PHE A 1 134 ? 1.502   -5.021  0.622   1.00 10.88  ? 134 PHE A CA  1 
ATOM   990  C  C   . PHE A 1 134 ? 0.871   -4.488  1.907   1.00 11.88  ? 134 PHE A C   1 
ATOM   991  O  O   . PHE A 1 134 ? 0.459   -5.285  2.772   1.00 12.61  ? 134 PHE A O   1 
ATOM   992  C  CB  . PHE A 1 134 ? 0.400   -5.626  -0.254  1.00 10.50  ? 134 PHE A CB  1 
ATOM   993  C  CG  . PHE A 1 134 ? 0.901   -6.363  -1.464  1.00 10.62  ? 134 PHE A CG  1 
ATOM   994  C  CD1 . PHE A 1 134 ? 1.180   -5.692  -2.634  1.00 11.17  ? 134 PHE A CD1 1 
ATOM   995  C  CD2 . PHE A 1 134 ? 1.082   -7.753  -1.430  1.00 11.58  ? 134 PHE A CD2 1 
ATOM   996  C  CE1 . PHE A 1 134 ? 1.603   -6.387  -3.760  1.00 10.81  ? 134 PHE A CE1 1 
ATOM   997  C  CE2 . PHE A 1 134 ? 1.497   -8.439  -2.561  1.00 11.86  ? 134 PHE A CE2 1 
ATOM   998  C  CZ  . PHE A 1 134 ? 1.718   -7.752  -3.730  1.00 11.63  ? 134 PHE A CZ  1 
ATOM   999  N  N   . ALA A 1 135 ? 0.780   -3.175  2.021   1.00 11.64  ? 135 ALA A N   1 
ATOM   1000 C  CA  . ALA A 1 135 ? 0.057   -2.493  3.107   1.00 11.39  ? 135 ALA A CA  1 
ATOM   1001 C  C   . ALA A 1 135 ? -1.403  -2.578  2.718   1.00 11.15  ? 135 ALA A C   1 
ATOM   1002 O  O   . ALA A 1 135 ? -1.833  -2.021  1.705   1.00 11.15  ? 135 ALA A O   1 
ATOM   1003 C  CB  . ALA A 1 135 ? 0.521   -1.052  3.242   1.00 11.64  ? 135 ALA A CB  1 
ATOM   1004 N  N   . ASP A 1 136 ? -2.210  -3.268  3.547   1.00 12.23  ? 136 ASP A N   1 
ATOM   1005 C  CA  . ASP A 1 136 ? -3.649  -3.388  3.303   1.00 12.38  ? 136 ASP A CA  1 
ATOM   1006 C  C   . ASP A 1 136 ? -4.331  -2.030  3.520   1.00 11.26  ? 136 ASP A C   1 
ATOM   1007 O  O   . ASP A 1 136 ? -3.901  -1.319  4.462   1.00 13.66  ? 136 ASP A O   1 
ATOM   1008 C  CB  . ASP A 1 136 ? -4.235  -4.429  4.260   1.00 13.35  ? 136 ASP A CB  1 
ATOM   1009 C  CG  . ASP A 1 136 ? -5.712  -4.657  4.048   1.00 16.16  ? 136 ASP A CG  1 
ATOM   1010 O  OD1 . ASP A 1 136 ? -6.104  -4.947  2.956   1.00 15.99  ? 136 ASP A OD1 1 
ATOM   1011 O  OD2 . ASP A 1 136 ? -6.498  -4.410  5.018   1.00 19.00  ? 136 ASP A OD2 1 
ATOM   1012 N  N   . VAL A 1 137 ? -5.362  -1.730  2.745   1.00 12.11  ? 137 VAL A N   1 
ATOM   1013 C  CA  . VAL A 1 137 ? -6.206  -0.523  2.974   1.00 12.36  ? 137 VAL A CA  1 
ATOM   1014 C  C   . VAL A 1 137 ? -7.685  -0.913  3.175   1.00 13.59  ? 137 VAL A C   1 
ATOM   1015 O  O   . VAL A 1 137 ? -8.528  -0.044  3.318   1.00 14.33  ? 137 VAL A O   1 
ATOM   1016 C  CB  . VAL A 1 137 ? -6.014  0.484   1.834   1.00 12.72  ? 137 VAL A CB  1 
ATOM   1017 C  CG1 . VAL A 1 137 ? -4.575  0.970   1.727   1.00 13.64  ? 137 VAL A CG1 1 
ATOM   1018 C  CG2 . VAL A 1 137 ? -6.472  -0.078  0.488   1.00 12.31  ? 137 VAL A CG2 1 
ATOM   1019 N  N   . ARG A 1 138 ? -8.023  -2.197  3.064   1.00 14.31  ? 138 ARG A N   1 
ATOM   1020 C  CA  . ARG A 1 138 ? -9.443  -2.620  3.000   1.00 13.16  ? 138 ARG A CA  1 
ATOM   1021 C  C   . ARG A 1 138 ? -10.159 -2.331  4.316   1.00 14.40  ? 138 ARG A C   1 
ATOM   1022 O  O   . ARG A 1 138 ? -11.413 -2.297  4.249   1.00 17.76  ? 138 ARG A O   1 
ATOM   1023 C  CB  . ARG A 1 138 ? -9.537  -4.093  2.610   1.00 13.58  ? 138 ARG A CB  1 
ATOM   1024 C  CG  . ARG A 1 138 ? -9.004  -4.368  1.211   1.00 12.98  ? 138 ARG A CG  1 
ATOM   1025 C  CD  . ARG A 1 138 ? -9.162  -5.871  1.010   1.00 13.23  ? 138 ARG A CD  1 
ATOM   1026 N  NE  . ARG A 1 138 ? -8.176  -6.554  1.782   1.00 12.94  ? 138 ARG A NE  1 
ATOM   1027 C  CZ  . ARG A 1 138 ? -7.911  -7.859  1.693   1.00 13.55  ? 138 ARG A CZ  1 
ATOM   1028 N  NH1 . ARG A 1 138 ? -8.720  -8.649  0.996   1.00 14.86  ? 138 ARG A NH1 1 
ATOM   1029 N  NH2 . ARG A 1 138 ? -6.883  -8.343  2.352   1.00 13.17  ? 138 ARG A NH2 1 
ATOM   1030 N  N   . ASP A 1 139 ? -9.440  -2.276  5.422   1.00 14.27  ? 139 ASP A N   1 
ATOM   1031 C  CA  . ASP A 1 139 ? -10.059 -2.000  6.749   1.00 15.85  ? 139 ASP A CA  1 
ATOM   1032 C  C   . ASP A 1 139 ? -10.359 -0.501  6.901   1.00 19.63  ? 139 ASP A C   1 
ATOM   1033 O  O   . ASP A 1 139 ? -11.113 -0.152  7.840   1.00 22.28  ? 139 ASP A O   1 
ATOM   1034 C  CB  . ASP A 1 139 ? -9.164  -2.494  7.867   1.00 17.25  ? 139 ASP A CB  1 
ATOM   1035 C  CG  . ASP A 1 139 ? -7.853  -1.744  7.984   1.00 21.51  ? 139 ASP A CG  1 
ATOM   1036 O  OD1 . ASP A 1 139 ? -7.263  -1.446  6.903   1.00 20.61  ? 139 ASP A OD1 1 
ATOM   1037 O  OD2 . ASP A 1 139 ? -7.391  -1.490  9.128   1.00 23.18  ? 139 ASP A OD2 1 
ATOM   1038 N  N   . LEU A 1 140 ? -9.855  0.379   6.027   1.00 17.83  ? 140 LEU A N   1 
ATOM   1039 C  CA  . LEU A 1 140 ? -10.029 1.847   6.235   1.00 17.66  ? 140 LEU A CA  1 
ATOM   1040 C  C   . LEU A 1 140 ? -11.340 2.245   5.597   1.00 17.45  ? 140 LEU A C   1 
ATOM   1041 O  O   . LEU A 1 140 ? -11.403 2.770   4.483   1.00 18.53  ? 140 LEU A O   1 
ATOM   1042 C  CB  . LEU A 1 140 ? -8.830  2.569   5.631   1.00 17.46  ? 140 LEU A CB  1 
ATOM   1043 C  CG  . LEU A 1 140 ? -7.469  2.146   6.140   1.00 17.52  ? 140 LEU A CG  1 
ATOM   1044 C  CD1 . LEU A 1 140 ? -6.366  2.812   5.305   1.00 18.11  ? 140 LEU A CD1 1 
ATOM   1045 C  CD2 . LEU A 1 140 ? -7.271  2.438   7.612   1.00 20.64  ? 140 LEU A CD2 1 
ATOM   1046 N  N   . LEU A 1 141 ? -12.424 1.920   6.307   1.00 18.04  ? 141 LEU A N   1 
ATOM   1047 C  CA  . LEU A 1 141 ? -13.758 2.044   5.724   1.00 17.65  ? 141 LEU A CA  1 
ATOM   1048 C  C   . LEU A 1 141 ? -14.072 3.529   5.469   1.00 19.58  ? 141 LEU A C   1 
ATOM   1049 O  O   . LEU A 1 141 ? -14.839 3.836   4.558   1.00 20.32  ? 141 LEU A O   1 
ATOM   1050 C  CB  . LEU A 1 141 ? -14.811 1.437   6.666   1.00 19.83  ? 141 LEU A CB  1 
ATOM   1051 C  CG  . LEU A 1 141 ? -14.670 0.004   7.122   1.00 22.04  ? 141 LEU A CG  1 
ATOM   1052 C  CD1 . LEU A 1 141 ? -16.052 -0.438  7.590   1.00 22.81  ? 141 LEU A CD1 1 
ATOM   1053 C  CD2 . LEU A 1 141 ? -14.134 -0.944  6.075   1.00 20.76  ? 141 LEU A CD2 1 
ATOM   1054 N  N   . TRP A 1 142 ? -13.452 4.409   6.258   1.00 20.19  ? 142 TRP A N   1 
ATOM   1055 C  CA  . TRP A 1 142 ? -13.673 5.873   6.181   1.00 20.36  ? 142 TRP A CA  1 
ATOM   1056 C  C   . TRP A 1 142 ? -13.190 6.440   4.838   1.00 19.33  ? 142 TRP A C   1 
ATOM   1057 O  O   . TRP A 1 142 ? -13.622 7.555   4.471   1.00 22.50  ? 142 TRP A O   1 
ATOM   1058 C  CB  . TRP A 1 142 ? -13.021 6.559   7.373   1.00 20.59  ? 142 TRP A CB  1 
ATOM   1059 C  CG  . TRP A 1 142 ? -11.556 6.315   7.545   1.00 19.85  ? 142 TRP A CG  1 
ATOM   1060 C  CD1 . TRP A 1 142 ? -10.958 5.432   8.381   1.00 19.32  ? 142 TRP A CD1 1 
ATOM   1061 C  CD2 . TRP A 1 142 ? -10.491 7.020   6.878   1.00 18.31  ? 142 TRP A CD2 1 
ATOM   1062 N  NE1 . TRP A 1 142 ? -9.604  5.521   8.287   1.00 22.12  ? 142 TRP A NE1 1 
ATOM   1063 C  CE2 . TRP A 1 142 ? -9.292  6.522   7.410   1.00 19.33  ? 142 TRP A CE2 1 
ATOM   1064 C  CE3 . TRP A 1 142 ? -10.461 8.060   5.947   1.00 19.84  ? 142 TRP A CE3 1 
ATOM   1065 C  CZ2 . TRP A 1 142 ? -8.055  6.980   6.972   1.00 21.33  ? 142 TRP A CZ2 1 
ATOM   1066 C  CZ3 . TRP A 1 142 ? -9.237  8.562   5.561   1.00 20.49  ? 142 TRP A CZ3 1 
ATOM   1067 C  CH2 . TRP A 1 142 ? -8.060  7.984   6.035   1.00 18.70  ? 142 TRP A CH2 1 
ATOM   1068 N  N   . LEU A 1 143 ? -12.328 5.738   4.090   1.00 20.80  ? 143 LEU A N   1 
ATOM   1069 C  CA  . LEU A 1 143 ? -11.894 6.199   2.743   1.00 23.27  ? 143 LEU A CA  1 
ATOM   1070 C  C   . LEU A 1 143 ? -13.087 6.327   1.775   1.00 27.80  ? 143 LEU A C   1 
ATOM   1071 O  O   . LEU A 1 143 ? -12.984 7.121   0.837   1.00 29.37  ? 143 LEU A O   1 
ATOM   1072 C  CB  . LEU A 1 143 ? -10.849 5.229   2.167   1.00 21.47  ? 143 LEU A CB  1 
ATOM   1073 C  CG  . LEU A 1 143 ? -9.456  5.282   2.770   1.00 19.89  ? 143 LEU A CG  1 
ATOM   1074 C  CD1 . LEU A 1 143 ? -8.585  4.177   2.219   1.00 20.90  ? 143 LEU A CD1 1 
ATOM   1075 C  CD2 . LEU A 1 143 ? -8.754  6.619   2.507   1.00 20.73  ? 143 LEU A CD2 1 
ATOM   1076 N  N   . ASP A 1 144 ? -14.169 5.567   1.996   0.74 31.02  ? 144 ASP A N   1 
ATOM   1077 C  CA  . ASP A 1 144 ? -15.359 5.514   1.100   0.74 35.43  ? 144 ASP A CA  1 
ATOM   1078 C  C   . ASP A 1 144 ? -16.445 6.517   1.504   0.74 37.41  ? 144 ASP A C   1 
ATOM   1079 O  O   . ASP A 1 144 ? -17.568 6.346   1.005   0.74 39.52  ? 144 ASP A O   1 
ATOM   1080 C  CB  . ASP A 1 144 ? -16.035 4.144   1.123   0.74 36.88  ? 144 ASP A CB  1 
ATOM   1081 C  CG  . ASP A 1 144 ? -15.183 3.022   0.570   0.74 37.97  ? 144 ASP A CG  1 
ATOM   1082 O  OD1 . ASP A 1 144 ? -14.266 3.314   -0.238  0.74 40.68  ? 144 ASP A OD1 1 
ATOM   1083 O  OD2 . ASP A 1 144 ? -15.441 1.866   0.954   0.74 46.10  ? 144 ASP A OD2 1 
ATOM   1084 N  N   . GLU A 1 145 ? -16.167 7.456   2.417   1.00 39.34  ? 145 GLU A N   1 
ATOM   1085 C  CA  . GLU A 1 145 ? -17.093 8.610   2.682   1.00 49.73  ? 145 GLU A CA  1 
ATOM   1086 C  C   . GLU A 1 145 ? -16.333 9.912   2.984   1.00 57.59  ? 145 GLU A C   1 
ATOM   1087 O  O   . GLU A 1 145 ? -15.120 9.848   3.290   1.00 57.99  ? 145 GLU A O   1 
ATOM   1088 C  CB  . GLU A 1 145 ? -18.105 8.326   3.797   1.00 56.52  ? 145 GLU A CB  1 
ATOM   1089 C  CG  . GLU A 1 145 ? -17.485 7.884   5.107   1.00 60.12  ? 145 GLU A CG  1 
ATOM   1090 C  CD  . GLU A 1 145 ? -17.719 6.416   5.406   1.00 63.97  ? 145 GLU A CD  1 
ATOM   1091 O  OE1 . GLU A 1 145 ? -18.009 6.090   6.580   1.00 67.14  ? 145 GLU A OE1 1 
ATOM   1092 O  OE2 . GLU A 1 145 ? -17.629 5.609   4.456   1.00 65.84  ? 145 GLU A OE2 1 
ATOM   1093 N  N   . GLU A 1 146 ? -17.065 11.032  2.891   1.00 67.36  ? 146 GLU A N   1 
ATOM   1094 C  CA  . GLU A 1 146 ? -16.604 12.448  3.005   1.00 76.11  ? 146 GLU A CA  1 
ATOM   1095 C  C   . GLU A 1 146 ? -15.078 12.519  3.185   1.00 80.47  ? 146 GLU A C   1 
ATOM   1096 O  O   . GLU A 1 146 ? -14.333 13.113  2.387   1.00 80.28  ? 146 GLU A O   1 
ATOM   1097 C  CB  . GLU A 1 146 ? -17.355 13.129  4.151   1.00 80.22  ? 146 GLU A CB  1 
ATOM   1098 C  CG  . GLU A 1 146 ? -17.077 12.518  5.519   1.00 80.25  ? 146 GLU A CG  1 
ATOM   1099 C  CD  . GLU A 1 146 ? -16.033 13.245  6.350   1.00 80.66  ? 146 GLU A CD  1 
ATOM   1100 O  OE1 . GLU A 1 146 ? -15.103 13.832  5.758   1.00 79.09  ? 146 GLU A OE1 1 
ATOM   1101 O  OE2 . GLU A 1 146 ? -16.157 13.231  7.590   1.00 77.23  ? 146 GLU A OE2 1 
HETATM 1102 N  N1  . TJL B 2 .   ? -6.222  -14.012 -10.805 0.82 16.96  ? 201 TJL A N1  1 
HETATM 1103 C  C4  . TJL B 2 .   ? -4.433  -16.332 -10.306 0.82 15.65  ? 201 TJL A C4  1 
HETATM 1104 C  C5  . TJL B 2 .   ? -3.550  -17.354 -10.021 0.82 15.77  ? 201 TJL A C5  1 
HETATM 1105 C  C6  . TJL B 2 .   ? -5.523  -14.190 -9.732  0.82 15.10  ? 201 TJL A C6  1 
HETATM 1106 C  C7  . TJL B 2 .   ? -6.850  -12.830 -10.585 0.82 16.71  ? 201 TJL A C7  1 
HETATM 1107 N  N   . TJL B 2 .   ? -1.918  -18.365 -8.562  0.82 17.63  ? 201 TJL A N   1 
HETATM 1108 C  C   . TJL B 2 .   ? -2.806  -17.351 -8.837  0.82 16.23  ? 201 TJL A C   1 
HETATM 1109 O  O   . TJL B 2 .   ? -5.686  -13.215 -8.826  0.82 15.15  ? 201 TJL A O   1 
HETATM 1110 C  C1  . TJL B 2 .   ? -2.975  -16.278 -7.954  0.82 14.93  ? 201 TJL A C1  1 
HETATM 1111 C  C2  . TJL B 2 .   ? -3.839  -15.245 -8.256  0.82 15.28  ? 201 TJL A C2  1 
HETATM 1112 C  C3  . TJL B 2 .   ? -4.599  -15.269 -9.424  0.82 14.94  ? 201 TJL A C3  1 
HETATM 1113 N  N2  . TJL B 2 .   ? -6.574  -12.289 -9.413  0.82 17.47  ? 201 TJL A N2  1 
HETATM 1114 ZN ZN  . ZN  C 3 .   ? -11.641 -8.935  -3.189  1.00 16.87  ? 202 ZN  A ZN  1 
HETATM 1115 S  S   . DMS D 4 .   ? 1.329   4.071   14.943  1.00 68.74  ? 203 DMS A S   1 
HETATM 1116 O  O   . DMS D 4 .   ? 2.615   3.726   14.243  1.00 51.20  ? 203 DMS A O   1 
HETATM 1117 C  C1  . DMS D 4 .   ? 0.994   2.722   16.059  1.00 63.06  ? 203 DMS A C1  1 
HETATM 1118 C  C2  . DMS D 4 .   ? 1.753   5.304   16.151  1.00 67.19  ? 203 DMS A C2  1 
HETATM 1119 S  S   . DMS E 4 .   ? 0.817   1.621   -14.699 1.00 101.45 ? 204 DMS A S   1 
HETATM 1120 O  O   . DMS E 4 .   ? 1.217   1.403   -16.132 1.00 97.84  ? 204 DMS A O   1 
HETATM 1121 C  C1  . DMS E 4 .   ? -0.645  2.628   -14.746 1.00 101.71 ? 204 DMS A C1  1 
HETATM 1122 C  C2  . DMS E 4 .   ? 0.045   0.113   -14.195 1.00 98.02  ? 204 DMS A C2  1 
HETATM 1123 S  S   . DMS F 4 .   ? 7.433   -16.274 -8.458  1.00 72.77  ? 205 DMS A S   1 
HETATM 1124 O  O   . DMS F 4 .   ? 8.139   -15.187 -7.704  1.00 59.51  ? 205 DMS A O   1 
HETATM 1125 C  C1  . DMS F 4 .   ? 6.946   -15.572 -10.013 1.00 69.88  ? 205 DMS A C1  1 
HETATM 1126 C  C2  . DMS F 4 .   ? 8.720   -17.332 -9.074  1.00 72.75  ? 205 DMS A C2  1 
HETATM 1127 S  S   . DMS G 4 .   ? -7.088  -7.429  -11.993 0.82 27.58  ? 206 DMS A S   1 
HETATM 1128 O  O   . DMS G 4 .   ? -7.639  -8.046  -10.701 0.82 28.74  ? 206 DMS A O   1 
HETATM 1129 C  C1  . DMS G 4 .   ? -6.843  -5.732  -11.667 0.82 27.35  ? 206 DMS A C1  1 
HETATM 1130 C  C2  . DMS G 4 .   ? -8.489  -7.240  -13.050 0.82 29.78  ? 206 DMS A C2  1 
HETATM 1131 S  S   . DMS H 4 .   ? -13.635 -1.894  -9.597  0.82 49.17  ? 207 DMS A S   1 
HETATM 1132 O  O   . DMS H 4 .   ? -14.303 -1.878  -8.238  0.82 46.76  ? 207 DMS A O   1 
HETATM 1133 C  C1  . DMS H 4 .   ? -11.950 -1.432  -9.328  0.82 45.80  ? 207 DMS A C1  1 
HETATM 1134 C  C2  . DMS H 4 .   ? -14.158 -0.425  -10.441 0.82 48.09  ? 207 DMS A C2  1 
HETATM 1135 S  S   . DMS I 4 .   ? -9.805  9.049   10.163  1.00 58.72  ? 208 DMS A S   1 
HETATM 1136 O  O   . DMS I 4 .   ? -9.196  9.919   9.097   1.00 50.95  ? 208 DMS A O   1 
HETATM 1137 C  C1  . DMS I 4 .   ? -11.441 9.672   10.431  1.00 55.06  ? 208 DMS A C1  1 
HETATM 1138 C  C2  . DMS I 4 .   ? -9.071  9.564   11.699  1.00 55.48  ? 208 DMS A C2  1 
HETATM 1139 O  O   . HOH J 5 .   ? -14.835 4.530   -1.759  0.74 36.07  ? 301 HOH A O   1 
HETATM 1140 O  O   . HOH J 5 .   ? 11.610  -2.495  -20.237 1.00 35.69  ? 302 HOH A O   1 
HETATM 1141 O  O   . HOH J 5 .   ? -14.216 2.878   -2.384  0.74 21.89  ? 303 HOH A O   1 
HETATM 1142 O  O   . HOH J 5 .   ? -13.560 2.862   -9.360  0.82 36.05  ? 304 HOH A O   1 
HETATM 1143 O  O   . HOH J 5 .   ? -14.562 -11.780 0.777   0.82 24.97  ? 305 HOH A O   1 
HETATM 1144 O  O   . HOH J 5 .   ? -16.150 -5.039  -1.845  0.82 27.60  ? 306 HOH A O   1 
HETATM 1145 O  O   . HOH J 5 .   ? 10.550  2.897   -1.564  1.00 23.96  ? 307 HOH A O   1 
HETATM 1146 O  O   . HOH J 5 .   ? -8.206  13.551  9.778   1.00 35.21  ? 308 HOH A O   1 
HETATM 1147 O  O   . HOH J 5 .   ? 6.137   1.752   -14.186 1.00 25.22  ? 309 HOH A O   1 
HETATM 1148 O  O   . HOH J 5 .   ? 0.508   -11.308 6.621   1.00 21.93  ? 310 HOH A O   1 
HETATM 1149 O  O   . HOH J 5 .   ? -13.445 7.030   -5.805  0.74 29.98  ? 311 HOH A O   1 
HETATM 1150 O  O   . HOH J 5 .   ? 3.492   5.596   -2.514  1.00 14.86  ? 312 HOH A O   1 
HETATM 1151 O  O   . HOH J 5 .   ? -6.051  -10.253 9.404   1.00 33.14  ? 313 HOH A O   1 
HETATM 1152 O  O   . HOH J 5 .   ? -0.227  12.297  12.992  0.82 24.14  ? 314 HOH A O   1 
HETATM 1153 O  O   . HOH J 5 .   ? -5.888  -4.608  7.608   1.00 22.23  ? 315 HOH A O   1 
HETATM 1154 O  O   . HOH J 5 .   ? -8.589  11.381  -4.621  1.00 23.44  ? 316 HOH A O   1 
HETATM 1155 O  O   . HOH J 5 .   ? 10.203  -14.936 -5.319  1.00 25.76  ? 317 HOH A O   1 
HETATM 1156 O  O   . HOH J 5 .   ? -2.855  15.559  -1.133  1.00 33.65  ? 318 HOH A O   1 
HETATM 1157 O  O   . HOH J 5 .   ? 14.182  0.669   -6.238  1.00 27.12  ? 319 HOH A O   1 
HETATM 1158 O  O   . HOH J 5 .   ? -8.669  0.086   10.866  1.00 38.90  ? 320 HOH A O   1 
HETATM 1159 O  O   . HOH J 5 .   ? 11.027  -9.474  -3.707  1.00 26.04  ? 321 HOH A O   1 
HETATM 1160 O  O   . HOH J 5 .   ? 4.843   10.174  -3.210  1.00 42.05  ? 322 HOH A O   1 
HETATM 1161 O  O   . HOH J 5 .   ? -6.755  -11.092 2.758   1.00 21.30  ? 323 HOH A O   1 
HETATM 1162 O  O   . HOH J 5 .   ? 2.350   -16.065 -2.944  1.00 12.14  ? 324 HOH A O   1 
HETATM 1163 O  O   . HOH J 5 .   ? 13.182  -11.570 8.500   1.00 39.39  ? 325 HOH A O   1 
HETATM 1164 O  O   . HOH J 5 .   ? -0.487  18.847  8.399   1.00 27.38  ? 326 HOH A O   1 
HETATM 1165 O  O   . HOH J 5 .   ? -15.035 15.048  -4.963  0.74 33.56  ? 327 HOH A O   1 
HETATM 1166 O  O   . HOH J 5 .   ? 7.383   6.887   7.024   1.00 19.48  ? 328 HOH A O   1 
HETATM 1167 O  O   . HOH J 5 .   ? 1.154   -2.176  6.187   1.00 15.07  ? 329 HOH A O   1 
HETATM 1168 O  O   . HOH J 5 .   ? 3.247   21.639  -0.538  1.00 42.63  ? 330 HOH A O   1 
HETATM 1169 O  O   . HOH J 5 .   ? -8.806  8.498   -9.941  0.74 28.76  ? 331 HOH A O   1 
HETATM 1170 O  O   . HOH J 5 .   ? 10.034  -7.433  -17.466 0.82 26.85  ? 332 HOH A O   1 
HETATM 1171 O  O   . HOH J 5 .   ? 2.979   20.072  -2.893  1.00 29.75  ? 333 HOH A O   1 
HETATM 1172 O  O   . HOH J 5 .   ? 8.847   -7.991  3.601   1.00 38.56  ? 334 HOH A O   1 
HETATM 1173 O  O   . HOH J 5 .   ? -2.410  -13.684 8.397   1.00 33.48  ? 335 HOH A O   1 
HETATM 1174 O  O   . HOH J 5 .   ? 0.714   22.288  0.880   0.50 58.47  ? 336 HOH A O   1 
HETATM 1175 O  O   . HOH J 5 .   ? 12.592  -11.455 -6.810  1.00 28.44  ? 337 HOH A O   1 
HETATM 1176 O  O   . HOH J 5 .   ? 3.092   -14.204 -9.907  1.00 24.64  ? 338 HOH A O   1 
HETATM 1177 O  O   . HOH J 5 .   ? -8.563  -6.141  5.570   1.00 17.36  ? 339 HOH A O   1 
HETATM 1178 O  O   . HOH J 5 .   ? -9.544  -12.354 -5.920  1.00 19.36  ? 340 HOH A O   1 
HETATM 1179 O  O   . HOH J 5 .   ? -6.403  -18.343 5.088   1.00 42.48  ? 341 HOH A O   1 
HETATM 1180 O  O   . HOH J 5 .   ? 15.765  -7.195  -10.550 1.00 22.88  ? 342 HOH A O   1 
HETATM 1181 O  O   . HOH J 5 .   ? -1.669  -1.112  6.064   1.00 14.27  ? 343 HOH A O   1 
HETATM 1182 O  O   . HOH J 5 .   ? 5.304   -1.266  -8.433  1.00 14.02  ? 344 HOH A O   1 
HETATM 1183 O  O   . HOH J 5 .   ? 14.504  -3.707  -13.266 1.00 20.57  ? 345 HOH A O   1 
HETATM 1184 O  O   . HOH J 5 .   ? 3.892   -16.273 -6.680  0.82 25.27  ? 346 HOH A O   1 
HETATM 1185 O  O   . HOH J 5 .   ? 2.021   7.036   13.140  1.00 21.52  ? 347 HOH A O   1 
HETATM 1186 O  O   . HOH J 5 .   ? 8.377   -11.551 -15.438 0.82 34.12  ? 348 HOH A O   1 
HETATM 1187 O  O   . HOH J 5 .   ? -4.258  5.019   -8.670  1.00 25.77  ? 349 HOH A O   1 
HETATM 1188 O  O   . HOH J 5 .   ? -13.833 11.850  -0.049  0.74 25.28  ? 350 HOH A O   1 
HETATM 1189 O  O   . HOH J 5 .   ? 9.352   5.209   -5.800  1.00 28.17  ? 351 HOH A O   1 
HETATM 1190 O  O   . HOH J 5 .   ? -9.729  -8.352  4.519   1.00 19.20  ? 352 HOH A O   1 
HETATM 1191 O  O   . HOH J 5 .   ? 7.473   11.156  3.856   1.00 22.38  ? 353 HOH A O   1 
HETATM 1192 O  O   . HOH J 5 .   ? 8.362   14.495  2.418   1.00 25.85  ? 354 HOH A O   1 
HETATM 1193 O  O   . HOH J 5 .   ? -0.325  -10.227 13.568  1.00 35.80  ? 355 HOH A O   1 
HETATM 1194 O  O   . HOH J 5 .   ? -3.670  -15.580 5.849   1.00 26.28  ? 356 HOH A O   1 
HETATM 1195 O  O   . HOH J 5 .   ? -6.515  17.021  -6.399  1.00 48.30  ? 357 HOH A O   1 
HETATM 1196 O  O   . HOH J 5 .   ? 4.396   1.412   -9.285  1.00 17.65  ? 358 HOH A O   1 
HETATM 1197 O  O   . HOH J 5 .   ? -7.767  12.943  -6.739  1.00 26.89  ? 359 HOH A O   1 
HETATM 1198 O  O   . HOH J 5 .   ? 7.750   -0.447  4.602   1.00 28.99  ? 360 HOH A O   1 
HETATM 1199 O  O   . HOH J 5 .   ? -3.326  18.455  8.102   1.00 32.25  ? 361 HOH A O   1 
HETATM 1200 O  O   . HOH J 5 .   ? -6.698  17.328  6.656   1.00 44.30  ? 362 HOH A O   1 
HETATM 1201 O  O   . HOH J 5 .   ? 2.668   15.512  -3.908  1.00 31.87  ? 363 HOH A O   1 
HETATM 1202 O  O   . HOH J 5 .   ? 3.085   -11.632 -15.231 0.82 28.40  ? 364 HOH A O   1 
HETATM 1203 O  O   . HOH J 5 .   ? 5.337   -1.359  15.078  1.00 39.98  ? 365 HOH A O   1 
HETATM 1204 O  O   . HOH J 5 .   ? 9.388   1.215   -14.618 1.00 29.82  ? 366 HOH A O   1 
HETATM 1205 O  O   . HOH J 5 .   ? -7.238  6.729   -10.146 0.74 29.38  ? 367 HOH A O   1 
HETATM 1206 O  O   . HOH J 5 .   ? -0.236  0.477   -9.605  1.00 19.09  ? 368 HOH A O   1 
HETATM 1207 O  O   . HOH J 5 .   ? 4.915   -13.093 -8.212  0.82 21.30  ? 369 HOH A O   1 
HETATM 1208 O  O   . HOH J 5 .   ? 8.276   7.034   12.334  1.00 35.90  ? 370 HOH A O   1 
HETATM 1209 O  O   . HOH J 5 .   ? -1.731  -6.355  11.725  1.00 23.05  ? 371 HOH A O   1 
HETATM 1210 O  O   . HOH J 5 .   ? -9.070  -15.057 -2.869  1.00 23.68  ? 372 HOH A O   1 
HETATM 1211 O  O   . HOH J 5 .   ? 16.325  -4.016  -11.079 1.00 26.24  ? 373 HOH A O   1 
HETATM 1212 O  O   . HOH J 5 .   ? 6.740   -11.431 -9.204  1.00 19.81  ? 374 HOH A O   1 
HETATM 1213 O  O   . HOH J 5 .   ? 7.948   10.111  11.429  1.00 19.53  ? 375 HOH A O   1 
HETATM 1214 O  O   . HOH J 5 .   ? -8.361  4.302   10.678  1.00 34.05  ? 376 HOH A O   1 
HETATM 1215 O  O   . HOH J 5 .   ? -0.165  6.407   -8.857  1.00 26.42  ? 377 HOH A O   1 
HETATM 1216 O  O   . HOH J 5 .   ? -10.401 15.070  2.098   1.00 32.80  ? 378 HOH A O   1 
HETATM 1217 O  O   . HOH J 5 .   ? -2.657  -4.149  -10.285 1.00 19.79  ? 379 HOH A O   1 
HETATM 1218 O  O   . HOH J 5 .   ? -1.892  6.100   13.683  1.00 33.36  ? 380 HOH A O   1 
HETATM 1219 O  O   . HOH J 5 .   ? 16.243  -9.739  3.957   1.00 57.05  ? 381 HOH A O   1 
HETATM 1220 O  O   . HOH J 5 .   ? 8.322   16.799  -0.957  1.00 33.04  ? 382 HOH A O   1 
HETATM 1221 O  O   . HOH J 5 .   ? 1.550   -16.261 -5.551  1.00 20.41  ? 383 HOH A O   1 
HETATM 1222 O  O   . HOH J 5 .   ? -2.185  -20.893 -10.178 0.82 32.26  ? 384 HOH A O   1 
HETATM 1223 O  O   . HOH J 5 .   ? 10.175  -2.877  -1.755  1.00 36.64  ? 385 HOH A O   1 
HETATM 1224 O  O   . HOH J 5 .   ? -4.445  1.136   12.060  1.00 30.83  ? 386 HOH A O   1 
HETATM 1225 O  O   . HOH J 5 .   ? -3.103  10.211  12.023  1.00 24.80  ? 387 HOH A O   1 
HETATM 1226 O  O   . HOH J 5 .   ? 5.531   18.471  -2.006  1.00 24.87  ? 388 HOH A O   1 
HETATM 1227 O  O   . HOH J 5 .   ? 2.705   9.032   -5.671  1.00 28.47  ? 389 HOH A O   1 
HETATM 1228 O  O   . HOH J 5 .   ? 4.558   7.468   -4.277  1.00 21.64  ? 390 HOH A O   1 
HETATM 1229 O  O   . HOH J 5 .   ? -12.531 1.944   9.652   1.00 27.49  ? 391 HOH A O   1 
HETATM 1230 O  O   . HOH J 5 .   ? 11.213  -3.741  2.493   1.00 32.21  ? 392 HOH A O   1 
HETATM 1231 O  O   . HOH J 5 .   ? 10.714  -13.343 -7.605  1.00 30.22  ? 393 HOH A O   1 
HETATM 1232 O  O   . HOH J 5 .   ? 11.597  -1.676  6.683   1.00 43.07  ? 394 HOH A O   1 
HETATM 1233 O  O   . HOH J 5 .   ? -4.686  -17.637 -1.682  0.72 28.62  ? 395 HOH A O   1 
HETATM 1234 O  O   . HOH J 5 .   ? -3.727  -6.728  10.867  1.00 38.34  ? 396 HOH A O   1 
HETATM 1235 O  O   . HOH J 5 .   ? -16.793 3.877   8.733   1.00 37.25  ? 397 HOH A O   1 
HETATM 1236 O  O   . HOH J 5 .   ? -11.341 1.350   -9.575  0.82 37.43  ? 398 HOH A O   1 
HETATM 1237 O  O   . HOH J 5 .   ? 9.023   -9.538  5.573   1.00 47.25  ? 399 HOH A O   1 
HETATM 1238 O  O   . HOH J 5 .   ? -17.402 -9.788  -7.112  1.00 49.72  ? 400 HOH A O   1 
HETATM 1239 O  O   . HOH J 5 .   ? 10.525  10.443  -0.151  0.82 36.21  ? 401 HOH A O   1 
HETATM 1240 O  O   . HOH J 5 .   ? 11.535  4.808   -3.744  1.00 39.57  ? 402 HOH A O   1 
HETATM 1241 O  O   . HOH J 5 .   ? 0.454   -18.905 -5.856  0.82 52.43  ? 403 HOH A O   1 
HETATM 1242 O  O   . HOH J 5 .   ? 12.540  -3.927  -0.939  1.00 40.36  ? 404 HOH A O   1 
HETATM 1243 O  O   . HOH J 5 .   ? -10.335 -11.110 -10.425 0.82 29.97  ? 405 HOH A O   1 
HETATM 1244 O  O   . HOH J 5 .   ? -2.596  -1.207  -13.370 1.00 33.16  ? 406 HOH A O   1 
HETATM 1245 O  O   . HOH J 5 .   ? -17.088 -7.601  -7.517  1.00 43.30  ? 407 HOH A O   1 
HETATM 1246 O  O   . HOH J 5 .   ? -10.162 2.391   10.179  1.00 36.10  ? 408 HOH A O   1 
HETATM 1247 O  O   . HOH J 5 .   ? -13.362 -12.945 -1.421  0.82 22.58  ? 409 HOH A O   1 
HETATM 1248 O  O   . HOH J 5 .   ? 10.405  -1.625  4.858   1.00 40.04  ? 410 HOH A O   1 
HETATM 1249 O  O   . HOH J 5 .   ? -10.899 -9.145  -11.948 0.82 28.18  ? 411 HOH A O   1 
HETATM 1250 O  O   . HOH J 5 .   ? -2.222  -1.359  -10.718 0.82 26.40  ? 412 HOH A O   1 
HETATM 1251 O  O   . HOH J 5 .   ? 10.351  -9.917  -17.214 0.82 33.40  ? 413 HOH A O   1 
HETATM 1252 O  O   . HOH J 5 .   ? 0.776   21.416  8.177   0.82 39.46  ? 414 HOH A O   1 
HETATM 1253 O  O   . HOH J 5 .   ? 3.829   17.906  -4.344  1.00 36.22  ? 415 HOH A O   1 
HETATM 1254 O  O   . HOH J 5 .   ? -8.567  -10.753 5.056   1.00 26.16  ? 416 HOH A O   1 
HETATM 1255 O  O   . HOH J 5 .   ? 6.890   8.484   -5.146  1.00 33.66  ? 417 HOH A O   1 
HETATM 1256 O  O   . HOH J 5 .   ? -8.036  -17.482 -1.967  0.72 27.50  ? 418 HOH A O   1 
HETATM 1257 O  O   . HOH J 5 .   ? 6.095   -12.417 -16.382 0.82 32.03  ? 419 HOH A O   1 
HETATM 1258 O  O   . HOH J 5 .   ? -0.410  18.375  10.805  0.82 31.72  ? 420 HOH A O   1 
HETATM 1259 O  O   . HOH J 5 .   ? 13.881  -8.794  16.135  0.50 118.71 ? 421 HOH A O   1 
HETATM 1260 O  O   . HOH J 5 .   ? 4.020   -15.109 -12.030 0.82 27.05  ? 422 HOH A O   1 
HETATM 1261 O  O   . HOH J 5 .   ? -6.429  -19.787 -8.127  0.82 47.41  ? 423 HOH A O   1 
HETATM 1262 O  O   . HOH J 5 .   ? 5.279   -4.079  17.426  1.00 47.09  ? 424 HOH A O   1 
# 
